data_8T6X
#
_entry.id   8T6X
#
_cell.length_a   1.00
_cell.length_b   1.00
_cell.length_c   1.00
_cell.angle_alpha   90.00
_cell.angle_beta   90.00
_cell.angle_gamma   90.00
#
_symmetry.space_group_name_H-M   'P 1'
#
loop_
_entity.id
_entity.type
_entity.pdbx_description
1 polymer 'CRISPR-associated endonuclease Cas9/Csn1'
2 polymer gRNA
3 polymer TS
4 polymer NTS
5 non-polymer 'MAGNESIUM ION'
#
loop_
_entity_poly.entity_id
_entity_poly.type
_entity_poly.pdbx_seq_one_letter_code
_entity_poly.pdbx_strand_id
1 'polypeptide(L)'
;EDKKYSIGLDIGTNSVGWAVITDEYKVPSKKFKVLGNTDRHSIKKNLIGALLFDSGETAERTRLKRTARRRYTRRKNRIC
YLQEIFSNEMAKVDDSFFHRLEESFLVEEDKKHERHPIFGNIVDEVAYHEKYPTIYHLRKKLVDSTDKADLRLIYLALAH
MIKFRGHFLIEGDLNPDNSDVDKLFIQLVQTYNQLFEENPINASGVDAKAILSARLSKSRRLENLIAQLPGEKKNGLFGN
LIALSLGLTPNFKSNFDLAEDAKLQLSKDTYDDDLDNLLAQIGDQYADLFLAAKNLSDAILLSDILRVNTEITKAPLSAS
MIKRYDEHHQDLTLLKALVRQQLPEKYKEIFFDQSKNGYAGYIDGGASQEEFYKFIKPILEKMDGTEELLVKLNREDLLR
KQRTFDNGSIPHQIHLGELHAILRRQEDFYPFLKDNREKIEKILTFRIPYYVGPLARGNSRFAWMTRKSEETITPWNFEE
VVDKGASAQSFIERMTNFDKNLPNEKVLPKHSLLYEYFTVYNELTKVKYVTEGMRKPAFLSGEQKKAIVDLLFKTNRKVT
VKQLKEDYFKKIECFDSVEISGVEDRFNASLGTYHDLLKIIKDKDFLDNEENEDILEDIVLTLTLFEDREMIEERLKTYA
HLFDDKVMKQLKRRRYTGWGRLSRKLINGIRDKQSGKTILDFLKSDGFANRNFMQLIHDDSLTFKEDIQKAQVSGQGDSL
HEHIANLAGSPAIKKGILQTVKVVDELVKVMGRHKPENIVIEMARENQTTQKGQKNSRERMKRIEEGIKELGSQILKEHP
VENTQLQNEKLYLYYLQNGRDMYVDQELDINRLSDYDVDHIVPQSFLKDDSIDNKVLTRSDKNRGKSDNVPSEEVVKKMK
NYWRQLLNAKLITQRKFDNLTKAERGGLSELDKAGFIKRQLVETRQITKHVAQILDSRMNTKYDENDKLIREVKVITLKS
KLVSDFRKDFQFYKVREINNYHHAHDAYLNAVVGTALIKKYPKLESEFVYGDYKVYDVRKMIAKSEQEIGKATAKYFFYS
NIMNFFKTEITLANGEIRKRPLIETNGETGEIVWDKGRDFATVRKVLSMPQVNIVKKTEVQTGGFSKESIRPKRNSDKLI
ARKKDWDPKKYGGFLWPTVAYSVLVVAKVEKGKSKKLKSVKELLGITIMERSSFEKNPIDFLEAKGYKEVKKDLIIKLPK
YSLFELENGRKRMLASAKQLQKGNELALPSKYVNFLYLASHYEKLKGSPEDNEQKQLFVEQHKHYLDEIIEQISEFSKRV
ILADANLDKVLSAYNKHRDKPIREQAENIIHLFTLTRLGAPRAFKYFDTTIDPKQYRSTKEVLDATLIHQSITGLYETRI
DLSQLGGDG
;
A
2 'polyribonucleotide'
;CGCAUAAAGAUGAGACGCGUUUUAGAGCUAGAAAUAGCAAGUUAAAAUAAGGCUAGUCCGUUAUCAACUUGAAAAAGUGG
CACCGAGUCGGUGCUU
;
B
3 'polydeoxyribonucleotide'
;(DA)(DG)(DC)(DT)(DG)(DA)(DC)(DG)(DT)(DT)(DT)(DG)(DT)(DA)(DC)(DT)(DG)(DT)(DA)(DG)
(DC)(DG)(DT)(DC)(DT)(DC)(DA)(DT)(DC)(DT)(DT)(DT)(DA)(DT)(DG)(DC)(DG)(DT)(DC)(DA)
(DG)(DC)(DA)(DG)(DA)(DG)(DA)(DT)(DT)(DT)(DC)(DT)(DG)(DC)(DT)
;
C
4 'polydeoxyribonucleotide'
;(DA)(DG)(DC)(DA)(DG)(DA)(DA)(DA)(DT)(DC)(DT)(DC)(DT)(DG)(DC)(DT)(DG)(DA)(DC)(DG)
(DC)(DA)(DT)(DA)(DA)(DA)(DG)(DA)(DT)(DG)(DA)(DG)(DA)(DC)(DG)(DC)(DT)(DA)(DC)(DA)
(DG)(DT)(DA)(DC)(DA)(DA)(DA)(DC)(DG)(DT)(DC)(DA)(DG)(DC)(DT)
;
D
#
loop_
_chem_comp.id
_chem_comp.type
_chem_comp.name
_chem_comp.formula
A RNA linking ADENOSINE-5'-MONOPHOSPHATE 'C10 H14 N5 O7 P'
C RNA linking CYTIDINE-5'-MONOPHOSPHATE 'C9 H14 N3 O8 P'
DA DNA linking 2'-DEOXYADENOSINE-5'-MONOPHOSPHATE 'C10 H14 N5 O6 P'
DC DNA linking 2'-DEOXYCYTIDINE-5'-MONOPHOSPHATE 'C9 H14 N3 O7 P'
DG DNA linking 2'-DEOXYGUANOSINE-5'-MONOPHOSPHATE 'C10 H14 N5 O7 P'
DT DNA linking THYMIDINE-5'-MONOPHOSPHATE 'C10 H15 N2 O8 P'
G RNA linking GUANOSINE-5'-MONOPHOSPHATE 'C10 H14 N5 O8 P'
MG non-polymer 'MAGNESIUM ION' 'Mg 2'
U RNA linking URIDINE-5'-MONOPHOSPHATE 'C9 H13 N2 O9 P'
#
# COMPACT_ATOMS: atom_id res chain seq x y z
N LYS A 3 -36.79 -23.59 -17.96
CA LYS A 3 -35.75 -24.56 -18.26
C LYS A 3 -34.39 -23.89 -18.38
N LYS A 4 -34.16 -23.24 -19.53
CA LYS A 4 -32.90 -22.56 -19.77
C LYS A 4 -32.88 -21.22 -19.05
N TYR A 5 -31.70 -20.83 -18.57
CA TYR A 5 -31.58 -19.60 -17.80
C TYR A 5 -30.17 -19.07 -17.93
N SER A 6 -29.99 -17.82 -17.48
CA SER A 6 -28.70 -17.15 -17.53
C SER A 6 -28.43 -16.47 -16.20
N ILE A 7 -27.15 -16.32 -15.87
CA ILE A 7 -26.71 -15.69 -14.62
C ILE A 7 -25.85 -14.49 -14.97
N GLY A 8 -26.17 -13.33 -14.40
CA GLY A 8 -25.37 -12.13 -14.56
C GLY A 8 -24.76 -11.74 -13.23
N LEU A 9 -23.53 -11.23 -13.27
CA LEU A 9 -22.79 -10.92 -12.06
C LEU A 9 -22.18 -9.52 -12.15
N ASP A 10 -22.19 -8.82 -11.03
CA ASP A 10 -21.45 -7.59 -10.85
C ASP A 10 -20.54 -7.77 -9.64
N ILE A 11 -19.24 -7.57 -9.83
CA ILE A 11 -18.26 -7.81 -8.79
C ILE A 11 -17.58 -6.51 -8.42
N GLY A 12 -17.62 -6.17 -7.13
CA GLY A 12 -16.83 -5.10 -6.58
C GLY A 12 -15.83 -5.60 -5.56
N THR A 13 -15.25 -4.65 -4.84
CA THR A 13 -14.36 -5.00 -3.73
C THR A 13 -15.12 -5.26 -2.45
N ASN A 14 -16.37 -4.82 -2.35
CA ASN A 14 -17.19 -5.09 -1.18
C ASN A 14 -18.51 -5.74 -1.51
N SER A 15 -18.87 -5.86 -2.79
CA SER A 15 -20.18 -6.35 -3.18
C SER A 15 -20.05 -7.35 -4.32
N VAL A 16 -20.90 -8.36 -4.31
CA VAL A 16 -21.05 -9.31 -5.41
C VAL A 16 -22.53 -9.36 -5.74
N GLY A 17 -22.94 -8.65 -6.78
CA GLY A 17 -24.32 -8.68 -7.22
C GLY A 17 -24.58 -9.83 -8.16
N TRP A 18 -25.70 -10.52 -7.96
CA TRP A 18 -26.06 -11.68 -8.75
C TRP A 18 -27.51 -11.62 -9.16
N ALA A 19 -27.81 -12.16 -10.33
CA ALA A 19 -29.18 -12.21 -10.83
C ALA A 19 -29.33 -13.39 -11.77
N VAL A 20 -30.52 -13.98 -11.76
CA VAL A 20 -30.87 -15.12 -12.60
C VAL A 20 -32.01 -14.70 -13.50
N ILE A 21 -31.83 -14.85 -14.81
CA ILE A 21 -32.87 -14.52 -15.78
C ILE A 21 -33.10 -15.72 -16.69
N THR A 22 -34.29 -15.75 -17.26
CA THR A 22 -34.65 -16.75 -18.26
C THR A 22 -34.42 -16.16 -19.66
N ASP A 23 -34.87 -16.88 -20.68
CA ASP A 23 -34.78 -16.37 -22.05
C ASP A 23 -35.73 -15.21 -22.32
N GLU A 24 -36.71 -14.99 -21.45
CA GLU A 24 -37.69 -13.92 -21.61
C GLU A 24 -37.31 -12.66 -20.83
N TYR A 25 -36.05 -12.59 -20.36
CA TYR A 25 -35.54 -11.48 -19.53
C TYR A 25 -36.35 -11.30 -18.26
N LYS A 26 -36.83 -12.39 -17.68
CA LYS A 26 -37.62 -12.36 -16.46
C LYS A 26 -36.86 -13.04 -15.34
N VAL A 27 -36.98 -12.49 -14.14
CA VAL A 27 -36.35 -13.07 -12.94
C VAL A 27 -37.34 -14.04 -12.32
N PRO A 28 -37.01 -15.31 -12.19
CA PRO A 28 -37.94 -16.27 -11.56
C PRO A 28 -38.06 -16.01 -10.07
N SER A 29 -39.16 -16.53 -9.51
CA SER A 29 -39.41 -16.47 -8.09
C SER A 29 -39.84 -17.85 -7.62
N LYS A 30 -39.32 -18.28 -6.47
CA LYS A 30 -39.56 -19.62 -5.97
C LYS A 30 -39.92 -19.56 -4.49
N LYS A 31 -40.65 -20.59 -4.04
CA LYS A 31 -41.01 -20.73 -2.64
C LYS A 31 -39.97 -21.63 -1.98
N PHE A 32 -39.12 -21.03 -1.15
CA PHE A 32 -38.00 -21.74 -0.55
C PHE A 32 -38.36 -22.28 0.82
N LYS A 33 -37.84 -23.46 1.14
CA LYS A 33 -38.08 -24.06 2.44
C LYS A 33 -37.33 -23.31 3.52
N VAL A 34 -37.93 -23.23 4.71
CA VAL A 34 -37.37 -22.52 5.85
C VAL A 34 -37.23 -23.52 6.99
N LEU A 35 -36.03 -23.64 7.52
CA LEU A 35 -35.78 -24.53 8.64
C LEU A 35 -35.93 -23.75 9.95
N GLY A 36 -35.62 -24.39 11.08
CA GLY A 36 -35.76 -23.75 12.36
C GLY A 36 -37.08 -24.05 13.04
N ASN A 37 -37.23 -23.49 14.23
CA ASN A 37 -38.39 -23.75 15.07
C ASN A 37 -39.50 -22.72 14.90
N THR A 38 -39.36 -21.79 13.97
CA THR A 38 -40.37 -20.75 13.79
C THR A 38 -41.61 -21.31 13.11
N ASP A 39 -42.67 -20.49 13.08
CA ASP A 39 -43.92 -20.90 12.47
C ASP A 39 -43.81 -20.94 10.94
N ARG A 40 -43.01 -20.05 10.36
CA ARG A 40 -42.86 -20.00 8.91
C ARG A 40 -42.21 -21.27 8.37
N HIS A 41 -42.76 -21.80 7.28
CA HIS A 41 -42.22 -22.99 6.64
C HIS A 41 -41.88 -22.78 5.18
N SER A 42 -42.33 -21.70 4.56
CA SER A 42 -42.00 -21.41 3.18
C SER A 42 -42.03 -19.90 2.98
N ILE A 43 -41.10 -19.40 2.17
CA ILE A 43 -40.99 -17.97 1.89
C ILE A 43 -40.80 -17.79 0.40
N LYS A 44 -41.46 -16.78 -0.16
CA LYS A 44 -41.31 -16.45 -1.57
C LYS A 44 -40.15 -15.47 -1.72
N LYS A 45 -39.17 -15.81 -2.54
CA LYS A 45 -38.01 -14.95 -2.77
C LYS A 45 -37.71 -14.88 -4.25
N ASN A 46 -37.32 -13.69 -4.70
CA ASN A 46 -36.92 -13.50 -6.08
C ASN A 46 -35.47 -13.91 -6.27
N LEU A 47 -35.16 -14.39 -7.48
CA LEU A 47 -33.82 -14.84 -7.80
C LEU A 47 -32.95 -13.67 -8.28
N ILE A 48 -32.76 -12.72 -7.37
CA ILE A 48 -31.94 -11.54 -7.62
C ILE A 48 -31.49 -11.02 -6.26
N GLY A 49 -30.25 -10.59 -6.18
CA GLY A 49 -29.75 -10.08 -4.91
C GLY A 49 -28.30 -9.64 -5.02
N ALA A 50 -27.73 -9.35 -3.85
CA ALA A 50 -26.35 -8.93 -3.77
C ALA A 50 -25.79 -9.38 -2.43
N LEU A 51 -24.51 -9.72 -2.43
CA LEU A 51 -23.79 -10.12 -1.22
C LEU A 51 -22.82 -9.02 -0.85
N LEU A 52 -22.96 -8.48 0.36
CA LEU A 52 -22.13 -7.39 0.84
C LEU A 52 -21.16 -7.91 1.91
N PHE A 53 -19.93 -7.42 1.85
CA PHE A 53 -18.90 -7.88 2.78
C PHE A 53 -17.85 -6.79 2.92
N ASP A 54 -17.11 -6.85 4.02
CA ASP A 54 -15.99 -5.94 4.22
C ASP A 54 -14.87 -6.30 3.25
N SER A 55 -14.24 -5.27 2.67
CA SER A 55 -13.17 -5.49 1.70
C SER A 55 -11.99 -6.20 2.34
N GLY A 56 -11.35 -7.08 1.57
CA GLY A 56 -10.21 -7.81 2.08
C GLY A 56 -9.01 -6.91 2.29
N GLU A 57 -8.24 -7.21 3.32
CA GLU A 57 -7.10 -6.40 3.71
C GLU A 57 -5.81 -6.98 3.15
N THR A 58 -4.92 -6.11 2.71
CA THR A 58 -3.61 -6.54 2.28
C THR A 58 -2.74 -6.84 3.50
N ALA A 59 -1.72 -7.68 3.30
CA ALA A 59 -0.85 -8.11 4.37
C ALA A 59 0.24 -7.11 4.72
N GLU A 60 0.10 -5.85 4.29
CA GLU A 60 1.10 -4.84 4.59
C GLU A 60 1.22 -4.57 6.08
N ARG A 61 0.08 -4.35 6.74
CA ARG A 61 0.10 -4.02 8.17
C ARG A 61 0.61 -5.19 9.00
N THR A 62 0.21 -6.41 8.64
CA THR A 62 0.71 -7.59 9.34
C THR A 62 2.22 -7.74 9.15
N ARG A 63 2.73 -7.43 7.95
CA ARG A 63 4.16 -7.50 7.71
C ARG A 63 4.91 -6.46 8.54
N LEU A 64 4.36 -5.24 8.64
CA LEU A 64 5.00 -4.22 9.46
C LEU A 64 5.03 -4.61 10.93
N LYS A 65 3.93 -5.17 11.44
CA LYS A 65 3.89 -5.63 12.82
C LYS A 65 4.87 -6.77 13.05
N ARG A 66 4.98 -7.68 12.08
CA ARG A 66 5.90 -8.81 12.21
C ARG A 66 7.35 -8.34 12.24
N THR A 67 7.70 -7.40 11.35
CA THR A 67 9.05 -6.86 11.34
C THR A 67 9.37 -6.11 12.63
N ALA A 68 8.39 -5.36 13.16
CA ALA A 68 8.60 -4.67 14.42
C ALA A 68 8.80 -5.65 15.57
N ARG A 69 8.04 -6.74 15.57
CA ARG A 69 8.22 -7.78 16.59
C ARG A 69 9.60 -8.38 16.52
N ARG A 70 10.08 -8.66 15.31
CA ARG A 70 11.43 -9.21 15.16
C ARG A 70 12.50 -8.22 15.60
N ARG A 71 12.31 -6.94 15.28
CA ARG A 71 13.26 -5.91 15.72
C ARG A 71 13.35 -5.82 17.24
N TYR A 72 12.19 -5.85 17.92
CA TYR A 72 12.19 -5.79 19.37
C TYR A 72 12.85 -7.03 19.97
N THR A 73 12.58 -8.20 19.39
CA THR A 73 13.20 -9.43 19.88
C THR A 73 14.72 -9.39 19.73
N ARG A 74 15.20 -8.93 18.58
CA ARG A 74 16.65 -8.87 18.37
C ARG A 74 17.31 -7.81 19.23
N ARG A 75 16.64 -6.68 19.48
CA ARG A 75 17.21 -5.67 20.37
C ARG A 75 17.32 -6.19 21.80
N LYS A 76 16.28 -6.88 22.27
CA LYS A 76 16.34 -7.51 23.59
C LYS A 76 17.46 -8.55 23.63
N ASN A 77 17.68 -9.26 22.52
CA ASN A 77 18.77 -10.23 22.47
C ASN A 77 20.14 -9.54 22.53
N ARG A 78 20.28 -8.37 21.89
CA ARG A 78 21.53 -7.62 21.99
C ARG A 78 21.81 -7.21 23.43
N ILE A 79 20.78 -6.72 24.12
CA ILE A 79 20.93 -6.36 25.53
C ILE A 79 21.28 -7.58 26.36
N CYS A 80 20.69 -8.73 26.03
CA CYS A 80 20.99 -9.97 26.76
C CYS A 80 22.43 -10.42 26.52
N TYR A 81 22.93 -10.26 25.30
CA TYR A 81 24.34 -10.59 25.03
C TYR A 81 25.28 -9.70 25.83
N LEU A 82 24.98 -8.40 25.89
CA LEU A 82 25.82 -7.48 26.66
C LEU A 82 25.78 -7.82 28.15
N GLN A 83 24.60 -8.16 28.66
CA GLN A 83 24.49 -8.55 30.07
C GLN A 83 25.22 -9.86 30.34
N GLU A 84 25.18 -10.78 29.38
CA GLU A 84 25.90 -12.04 29.53
C GLU A 84 27.40 -11.81 29.60
N ILE A 85 27.90 -10.87 28.79
CA ILE A 85 29.31 -10.50 28.86
C ILE A 85 29.63 -9.87 30.22
N PHE A 86 28.79 -8.95 30.67
CA PHE A 86 29.10 -8.16 31.86
C PHE A 86 28.83 -8.88 33.18
N SER A 87 28.11 -10.01 33.17
CA SER A 87 27.54 -10.57 34.39
C SER A 87 28.63 -11.02 35.38
N ASN A 88 29.70 -11.63 34.88
CA ASN A 88 30.72 -12.18 35.78
C ASN A 88 31.41 -11.09 36.59
N GLU A 89 31.74 -9.97 35.96
CA GLU A 89 32.34 -8.86 36.69
C GLU A 89 31.29 -8.04 37.44
N MET A 90 30.03 -8.05 36.98
CA MET A 90 28.99 -7.30 37.65
C MET A 90 28.61 -7.95 38.98
N ALA A 91 28.72 -9.28 39.06
CA ALA A 91 28.43 -9.99 40.30
C ALA A 91 29.39 -9.60 41.43
N LYS A 92 30.56 -9.08 41.10
CA LYS A 92 31.53 -8.70 42.13
C LYS A 92 31.14 -7.39 42.81
N VAL A 93 30.56 -6.44 42.07
CA VAL A 93 30.31 -5.12 42.63
C VAL A 93 28.84 -4.90 42.96
N ASP A 94 27.93 -5.52 42.20
CA ASP A 94 26.50 -5.42 42.50
C ASP A 94 25.80 -6.63 41.88
N ASP A 95 25.49 -7.62 42.72
CA ASP A 95 24.94 -8.87 42.21
C ASP A 95 23.50 -8.72 41.74
N SER A 96 22.76 -7.76 42.29
CA SER A 96 21.35 -7.59 41.98
C SER A 96 21.12 -6.48 40.97
N PHE A 97 22.17 -5.96 40.34
CA PHE A 97 22.06 -4.77 39.51
C PHE A 97 21.21 -5.01 38.27
N PHE A 98 21.50 -6.09 37.54
CA PHE A 98 20.67 -6.46 36.40
C PHE A 98 19.28 -6.85 36.84
N HIS A 99 19.15 -7.40 38.04
CA HIS A 99 17.84 -7.75 38.57
C HIS A 99 17.04 -6.48 38.88
N ARG A 100 17.69 -5.46 39.42
CA ARG A 100 17.00 -4.19 39.66
C ARG A 100 16.62 -3.49 38.36
N LEU A 101 17.48 -3.59 37.34
CA LEU A 101 17.13 -3.00 36.05
C LEU A 101 15.96 -3.71 35.39
N GLU A 102 15.79 -5.00 35.65
CA GLU A 102 14.65 -5.72 35.09
C GLU A 102 13.35 -5.32 35.77
N GLU A 103 13.38 -5.11 37.09
CA GLU A 103 12.20 -4.73 37.84
C GLU A 103 11.96 -3.23 37.88
N SER A 104 12.60 -2.46 37.00
CA SER A 104 12.43 -1.00 37.02
C SER A 104 11.01 -0.59 36.69
N PHE A 105 10.30 -1.41 35.91
CA PHE A 105 8.92 -1.09 35.56
C PHE A 105 7.97 -1.27 36.75
N LEU A 106 8.31 -2.15 37.69
CA LEU A 106 7.38 -2.51 38.74
C LEU A 106 7.23 -1.39 39.76
N VAL A 107 6.08 -1.40 40.45
CA VAL A 107 5.78 -0.48 41.54
C VAL A 107 6.58 -0.85 42.77
N GLU A 108 6.53 0.02 43.79
CA GLU A 108 7.33 -0.14 44.99
C GLU A 108 7.08 -1.48 45.70
N GLU A 109 5.82 -1.88 45.78
CA GLU A 109 5.50 -3.15 46.44
C GLU A 109 5.86 -4.36 45.60
N ASP A 110 5.91 -4.22 44.28
CA ASP A 110 6.23 -5.35 43.42
C ASP A 110 7.72 -5.56 43.24
N LYS A 111 8.53 -4.53 43.48
CA LYS A 111 9.98 -4.66 43.38
C LYS A 111 10.50 -5.57 44.48
N LYS A 112 11.45 -6.44 44.12
CA LYS A 112 12.07 -7.34 45.07
C LYS A 112 13.37 -6.80 45.65
N HIS A 113 13.76 -5.59 45.27
CA HIS A 113 14.96 -4.95 45.79
C HIS A 113 14.61 -3.49 46.09
N GLU A 114 15.64 -2.69 46.35
CA GLU A 114 15.42 -1.27 46.61
C GLU A 114 14.89 -0.57 45.35
N ARG A 115 14.03 0.43 45.56
CA ARG A 115 13.34 1.11 44.48
C ARG A 115 14.26 1.93 43.58
N HIS A 116 15.49 2.20 43.99
CA HIS A 116 16.43 2.91 43.15
C HIS A 116 17.24 1.92 42.31
N PRO A 117 17.14 1.96 40.98
CA PRO A 117 17.70 0.88 40.16
C PRO A 117 19.23 0.83 40.13
N ILE A 118 19.86 1.99 39.93
CA ILE A 118 21.26 1.99 39.55
C ILE A 118 22.17 1.67 40.74
N PHE A 119 21.99 2.36 41.86
CA PHE A 119 22.86 2.17 43.02
C PHE A 119 22.17 1.54 44.22
N GLY A 120 20.84 1.47 44.23
CA GLY A 120 20.17 0.82 45.34
C GLY A 120 20.11 1.62 46.62
N ASN A 121 20.30 2.95 46.54
CA ASN A 121 20.11 3.81 47.70
C ASN A 121 19.84 5.22 47.19
N ILE A 122 19.23 6.03 48.06
CA ILE A 122 18.71 7.33 47.64
C ILE A 122 19.83 8.32 47.34
N VAL A 123 20.84 8.40 48.23
CA VAL A 123 21.80 9.48 48.13
C VAL A 123 22.75 9.29 46.94
N ASP A 124 23.11 8.03 46.65
CA ASP A 124 23.96 7.77 45.50
C ASP A 124 23.24 8.05 44.18
N GLU A 125 21.95 7.69 44.11
CA GLU A 125 21.16 7.97 42.92
C GLU A 125 20.97 9.46 42.71
N VAL A 126 20.72 10.21 43.79
CA VAL A 126 20.59 11.66 43.69
C VAL A 126 21.91 12.28 43.25
N ALA A 127 23.03 11.80 43.80
CA ALA A 127 24.34 12.31 43.41
C ALA A 127 24.64 12.00 41.94
N TYR A 128 24.24 10.81 41.48
CA TYR A 128 24.43 10.45 40.08
C TYR A 128 23.62 11.35 39.16
N HIS A 129 22.36 11.60 39.50
CA HIS A 129 21.54 12.44 38.64
C HIS A 129 21.98 13.90 38.69
N GLU A 130 22.49 14.37 39.83
CA GLU A 130 23.04 15.71 39.88
C GLU A 130 24.32 15.82 39.07
N LYS A 131 25.15 14.78 39.09
CA LYS A 131 26.39 14.80 38.34
C LYS A 131 26.14 14.73 36.84
N TYR A 132 25.27 13.81 36.41
CA TYR A 132 24.93 13.64 35.00
C TYR A 132 23.44 13.87 34.81
N PRO A 133 23.02 15.04 34.34
CA PRO A 133 21.58 15.27 34.10
C PRO A 133 20.99 14.35 33.05
N THR A 134 21.75 14.01 32.01
CA THR A 134 21.31 13.09 30.97
C THR A 134 22.31 11.96 30.84
N ILE A 135 21.98 10.98 30.00
CA ILE A 135 22.92 9.90 29.74
C ILE A 135 24.09 10.39 28.89
N TYR A 136 23.86 11.47 28.11
CA TYR A 136 24.91 11.99 27.24
C TYR A 136 26.05 12.61 28.04
N HIS A 137 25.75 13.15 29.22
CA HIS A 137 26.80 13.62 30.11
C HIS A 137 27.69 12.46 30.55
N LEU A 138 27.08 11.32 30.89
CA LEU A 138 27.86 10.15 31.27
C LEU A 138 28.66 9.62 30.09
N ARG A 139 28.08 9.65 28.89
CA ARG A 139 28.79 9.19 27.70
C ARG A 139 30.02 10.05 27.42
N LYS A 140 29.85 11.38 27.49
CA LYS A 140 30.97 12.28 27.26
C LYS A 140 32.02 12.15 28.35
N LYS A 141 31.59 11.96 29.60
CA LYS A 141 32.55 11.79 30.69
C LYS A 141 33.36 10.51 30.50
N LEU A 142 32.72 9.43 30.08
CA LEU A 142 33.44 8.18 29.87
C LEU A 142 34.36 8.25 28.65
N VAL A 143 33.95 8.98 27.61
CA VAL A 143 34.80 9.14 26.43
C VAL A 143 36.03 9.98 26.77
N ASP A 144 35.83 11.13 27.41
CA ASP A 144 36.91 12.10 27.53
C ASP A 144 37.82 11.82 28.72
N SER A 145 37.24 11.57 29.89
CA SER A 145 38.04 11.45 31.10
C SER A 145 38.79 10.12 31.12
N THR A 146 39.91 10.10 31.84
CA THR A 146 40.77 8.92 31.92
C THR A 146 40.69 8.22 33.27
N ASP A 147 39.88 8.73 34.20
CA ASP A 147 39.78 8.12 35.52
C ASP A 147 39.01 6.79 35.45
N LYS A 148 39.33 5.91 36.39
CA LYS A 148 38.61 4.65 36.49
C LYS A 148 37.21 4.91 37.04
N ALA A 149 36.20 4.57 36.26
CA ALA A 149 34.82 4.83 36.63
C ALA A 149 34.14 3.55 37.12
N ASP A 150 32.93 3.72 37.64
CA ASP A 150 32.14 2.59 38.10
C ASP A 150 31.71 1.74 36.90
N LEU A 151 31.73 0.42 37.09
CA LEU A 151 31.38 -0.49 36.01
C LEU A 151 29.91 -0.38 35.61
N ARG A 152 29.05 -0.01 36.58
CA ARG A 152 27.63 0.16 36.28
C ARG A 152 27.41 1.30 35.30
N LEU A 153 28.15 2.40 35.45
CA LEU A 153 28.02 3.52 34.51
C LEU A 153 28.51 3.12 33.13
N ILE A 154 29.57 2.31 33.07
CA ILE A 154 30.07 1.80 31.79
C ILE A 154 29.00 0.95 31.12
N TYR A 155 28.36 0.07 31.88
CA TYR A 155 27.29 -0.75 31.32
C TYR A 155 26.12 0.11 30.85
N LEU A 156 25.78 1.15 31.61
CA LEU A 156 24.69 2.05 31.21
C LEU A 156 24.99 2.71 29.88
N ALA A 157 26.20 3.24 29.71
CA ALA A 157 26.56 3.90 28.47
C ALA A 157 26.58 2.91 27.30
N LEU A 158 27.22 1.75 27.49
CA LEU A 158 27.32 0.77 26.42
C LEU A 158 25.96 0.22 26.03
N ALA A 159 25.10 -0.03 27.01
CA ALA A 159 23.75 -0.50 26.71
C ALA A 159 22.93 0.58 26.05
N HIS A 160 23.19 1.85 26.37
CA HIS A 160 22.47 2.93 25.71
C HIS A 160 22.82 3.00 24.24
N MET A 161 24.12 2.92 23.90
CA MET A 161 24.42 2.98 22.46
C MET A 161 24.11 1.68 21.74
N ILE A 162 24.14 0.53 22.43
CA ILE A 162 23.77 -0.72 21.78
C ILE A 162 22.27 -0.77 21.52
N LYS A 163 21.46 -0.37 22.50
CA LYS A 163 20.01 -0.40 22.36
C LYS A 163 19.54 0.57 21.28
N PHE A 164 20.02 1.79 21.30
CA PHE A 164 19.70 2.80 20.30
C PHE A 164 20.98 3.07 19.52
N ARG A 165 21.11 2.45 18.35
CA ARG A 165 22.39 2.38 17.68
C ARG A 165 22.46 3.14 16.36
N GLY A 166 21.39 3.76 15.91
CA GLY A 166 21.44 4.60 14.73
C GLY A 166 21.42 3.82 13.43
N HIS A 167 21.22 4.56 12.33
CA HIS A 167 21.02 3.94 11.03
C HIS A 167 22.31 3.39 10.44
N PHE A 168 22.15 2.43 9.53
CA PHE A 168 23.26 1.75 8.86
C PHE A 168 23.37 2.14 7.39
N LEU A 169 22.86 3.31 7.00
CA LEU A 169 22.84 3.69 5.59
C LEU A 169 24.22 4.06 5.05
N ILE A 170 25.20 4.30 5.92
CA ILE A 170 26.56 4.60 5.50
C ILE A 170 27.38 3.33 5.59
N GLU A 171 28.03 2.97 4.48
CA GLU A 171 28.79 1.73 4.40
C GLU A 171 30.26 1.91 4.69
N GLY A 172 30.77 3.14 4.66
CA GLY A 172 32.17 3.39 4.91
C GLY A 172 32.50 3.39 6.39
N ASP A 173 33.68 3.92 6.71
CA ASP A 173 34.12 4.00 8.09
C ASP A 173 33.67 5.30 8.76
N LEU A 174 34.00 6.44 8.15
CA LEU A 174 33.61 7.77 8.61
C LEU A 174 34.04 8.00 10.07
N ASN A 175 35.36 8.04 10.27
CA ASN A 175 35.89 8.10 11.63
C ASN A 175 35.62 9.47 12.25
N PRO A 176 35.02 9.53 13.43
CA PRO A 176 34.77 10.81 14.09
C PRO A 176 35.85 11.25 15.08
N ASP A 177 36.91 10.46 15.26
CA ASP A 177 37.94 10.80 16.25
C ASP A 177 38.86 11.91 15.76
N ASN A 178 39.18 11.93 14.47
CA ASN A 178 40.06 12.94 13.91
C ASN A 178 39.55 13.63 12.66
N SER A 179 38.65 13.03 11.89
CA SER A 179 38.11 13.67 10.71
C SER A 179 36.92 14.58 11.00
N ASP A 180 36.54 14.71 12.27
CA ASP A 180 35.32 15.46 12.61
C ASP A 180 35.50 16.96 12.38
N VAL A 181 36.65 17.52 12.80
CA VAL A 181 36.82 18.97 12.82
C VAL A 181 37.08 19.47 11.40
N ASP A 182 36.48 20.63 11.07
CA ASP A 182 36.60 21.24 9.75
C ASP A 182 37.99 21.84 9.49
N LYS A 183 38.95 21.72 10.41
CA LYS A 183 40.30 22.23 10.24
C LYS A 183 41.16 21.40 9.30
N LEU A 184 40.57 20.46 8.56
CA LEU A 184 41.30 19.63 7.61
C LEU A 184 41.85 20.43 6.43
N PHE A 185 41.39 21.67 6.23
CA PHE A 185 41.74 22.45 5.05
C PHE A 185 43.23 22.80 5.04
N ILE A 186 43.82 23.06 6.21
CA ILE A 186 45.21 23.52 6.24
C ILE A 186 46.17 22.41 5.86
N GLN A 187 45.83 21.15 6.18
CA GLN A 187 46.62 20.02 5.67
C GLN A 187 46.12 19.54 4.32
N LEU A 188 44.92 19.95 3.91
CA LEU A 188 44.48 19.70 2.53
C LEU A 188 45.35 20.45 1.53
N VAL A 189 45.65 21.72 1.83
CA VAL A 189 46.46 22.54 0.94
C VAL A 189 47.93 22.36 1.24
N ASP A 207 39.64 26.77 6.55
CA ASP A 207 38.65 25.81 6.97
C ASP A 207 37.53 25.68 5.94
N ALA A 208 36.77 24.59 6.05
CA ALA A 208 35.55 24.42 5.27
C ALA A 208 34.35 25.09 5.93
N LYS A 209 34.58 25.83 7.02
CA LYS A 209 33.51 26.39 7.87
C LYS A 209 32.50 27.25 7.10
N ALA A 210 32.94 27.91 6.02
CA ALA A 210 32.09 28.88 5.33
C ALA A 210 30.86 28.22 4.70
N ILE A 211 31.07 27.22 3.84
CA ILE A 211 29.94 26.53 3.22
C ILE A 211 29.20 25.68 4.25
N LEU A 212 29.92 25.16 5.25
CA LEU A 212 29.27 24.41 6.33
C LEU A 212 28.32 25.27 7.16
N SER A 213 28.52 26.59 7.18
CA SER A 213 27.53 27.51 7.71
C SER A 213 26.47 27.86 6.69
N ALA A 214 26.87 28.03 5.43
CA ALA A 214 25.95 28.38 4.35
C ALA A 214 25.21 27.12 3.88
N ARG A 215 24.54 27.23 2.74
CA ARG A 215 23.88 26.08 2.13
C ARG A 215 24.89 25.30 1.31
N LEU A 216 25.01 24.01 1.60
CA LEU A 216 25.93 23.14 0.86
C LEU A 216 25.33 22.82 -0.50
N SER A 217 25.91 23.38 -1.56
CA SER A 217 25.49 23.10 -2.92
C SER A 217 26.67 23.35 -3.85
N LYS A 218 26.58 22.81 -5.06
CA LYS A 218 27.68 22.92 -6.02
C LYS A 218 27.92 24.38 -6.43
N SER A 219 26.83 25.12 -6.70
CA SER A 219 26.96 26.51 -7.10
C SER A 219 27.50 27.38 -5.98
N ARG A 220 26.99 27.18 -4.75
CA ARG A 220 27.48 27.94 -3.61
C ARG A 220 28.93 27.59 -3.28
N ARG A 221 29.29 26.31 -3.37
CA ARG A 221 30.68 25.91 -3.17
C ARG A 221 31.60 26.53 -4.21
N LEU A 222 31.17 26.55 -5.47
CA LEU A 222 31.99 27.15 -6.52
C LEU A 222 32.17 28.65 -6.32
N GLU A 223 31.07 29.36 -6.05
CA GLU A 223 31.16 30.82 -5.93
C GLU A 223 31.87 31.24 -4.65
N ASN A 224 31.66 30.53 -3.54
CA ASN A 224 32.39 30.85 -2.32
C ASN A 224 33.84 30.40 -2.40
N LEU A 225 34.15 29.38 -3.20
CA LEU A 225 35.54 29.00 -3.40
C LEU A 225 36.27 30.05 -4.23
N ILE A 226 35.58 30.63 -5.22
CA ILE A 226 36.14 31.76 -5.95
C ILE A 226 36.31 32.97 -5.03
N ALA A 227 35.34 33.18 -4.12
CA ALA A 227 35.42 34.29 -3.18
C ALA A 227 36.59 34.14 -2.22
N GLN A 228 36.81 32.93 -1.68
CA GLN A 228 37.96 32.69 -0.83
C GLN A 228 39.26 32.73 -1.62
N LEU A 229 39.24 32.21 -2.85
CA LEU A 229 40.46 32.13 -3.66
C LEU A 229 40.07 32.20 -5.13
N PRO A 230 40.38 33.31 -5.82
CA PRO A 230 40.17 33.37 -7.27
C PRO A 230 41.06 32.34 -7.97
N GLY A 231 40.41 31.39 -8.64
CA GLY A 231 41.06 30.14 -8.97
C GLY A 231 42.09 30.26 -10.07
N GLU A 232 43.22 29.57 -9.86
CA GLU A 232 44.19 29.36 -10.93
C GLU A 232 43.75 28.26 -11.88
N LYS A 233 42.78 27.45 -11.47
CA LYS A 233 42.23 26.39 -12.32
C LYS A 233 40.81 26.12 -11.84
N LYS A 234 39.83 26.40 -12.70
CA LYS A 234 38.43 26.30 -12.29
C LYS A 234 38.02 24.86 -12.02
N ASN A 235 38.43 23.93 -12.88
CA ASN A 235 38.12 22.52 -12.71
C ASN A 235 39.29 21.73 -12.13
N GLY A 236 40.40 22.39 -11.82
CA GLY A 236 41.60 21.70 -11.38
C GLY A 236 42.28 22.34 -10.18
N LEU A 237 41.50 22.92 -9.27
CA LEU A 237 42.06 23.59 -8.10
C LEU A 237 42.76 22.62 -7.14
N PHE A 238 42.41 21.33 -7.20
CA PHE A 238 43.07 20.27 -6.43
C PHE A 238 42.93 20.51 -4.93
N GLY A 239 41.68 20.59 -4.48
CA GLY A 239 41.38 20.88 -3.09
C GLY A 239 40.15 21.76 -2.95
N ASN A 240 39.26 21.38 -2.04
CA ASN A 240 37.99 22.04 -1.74
C ASN A 240 37.04 22.07 -2.95
N LEU A 241 37.26 21.21 -3.93
CA LEU A 241 36.39 21.11 -5.09
C LEU A 241 35.16 20.27 -4.77
N ILE A 242 34.12 20.44 -5.59
CA ILE A 242 32.88 19.68 -5.41
C ILE A 242 33.06 18.21 -5.78
N ALA A 243 34.11 17.87 -6.54
CA ALA A 243 34.36 16.47 -6.88
C ALA A 243 34.76 15.67 -5.64
N LEU A 244 35.46 16.29 -4.70
CA LEU A 244 35.90 15.61 -3.49
C LEU A 244 34.88 15.65 -2.36
N SER A 245 33.78 16.38 -2.53
CA SER A 245 32.73 16.47 -1.51
C SER A 245 31.43 15.84 -1.98
N LEU A 246 30.89 16.30 -3.10
CA LEU A 246 29.64 15.76 -3.63
C LEU A 246 29.80 15.35 -5.09
N ASP A 272 35.88 3.76 -4.81
CA ASP A 272 37.01 2.90 -4.45
C ASP A 272 37.69 2.39 -5.72
N ASP A 273 36.87 2.05 -6.72
CA ASP A 273 37.38 1.57 -8.00
C ASP A 273 37.90 2.69 -8.89
N ASP A 274 37.66 3.95 -8.52
CA ASP A 274 38.11 5.10 -9.31
C ASP A 274 39.55 5.47 -9.01
N LEU A 275 40.22 4.76 -8.10
CA LEU A 275 41.61 5.00 -7.74
C LEU A 275 42.59 4.32 -8.69
N ASP A 276 42.15 3.95 -9.89
CA ASP A 276 43.00 3.27 -10.87
C ASP A 276 44.09 4.17 -11.45
N ASN A 277 44.02 5.49 -11.23
CA ASN A 277 45.06 6.38 -11.73
C ASN A 277 46.39 6.14 -11.03
N LEU A 278 46.35 5.85 -9.73
CA LEU A 278 47.57 5.56 -8.98
C LEU A 278 47.58 4.10 -8.53
N LEU A 289 45.38 13.48 -3.41
CA LEU A 289 44.22 14.23 -2.93
C LEU A 289 43.15 13.28 -2.41
N PHE A 290 43.42 11.98 -2.52
CA PHE A 290 42.43 10.97 -2.14
C PHE A 290 42.20 10.93 -0.62
N LEU A 291 43.29 10.97 0.15
CA LEU A 291 43.18 10.88 1.61
C LEU A 291 42.49 12.11 2.19
N ALA A 292 42.95 13.30 1.79
CA ALA A 292 42.30 14.54 2.24
C ALA A 292 40.89 14.65 1.67
N ALA A 293 40.66 14.09 0.49
CA ALA A 293 39.32 14.12 -0.11
C ALA A 293 38.33 13.34 0.73
N LYS A 294 38.68 12.10 1.10
CA LYS A 294 37.75 11.32 1.91
C LYS A 294 37.65 11.87 3.33
N ASN A 295 38.75 12.43 3.87
CA ASN A 295 38.67 13.06 5.18
C ASN A 295 37.75 14.27 5.16
N LEU A 296 37.81 15.09 4.11
CA LEU A 296 36.94 16.25 4.02
C LEU A 296 35.50 15.85 3.75
N SER A 297 35.29 14.75 3.01
CA SER A 297 33.93 14.26 2.81
C SER A 297 33.31 13.80 4.12
N ASP A 298 34.07 13.06 4.93
CA ASP A 298 33.60 12.67 6.25
C ASP A 298 33.38 13.89 7.14
N ALA A 299 34.26 14.89 7.03
CA ALA A 299 34.12 16.11 7.82
C ALA A 299 32.84 16.86 7.47
N ILE A 300 32.56 17.04 6.18
CA ILE A 300 31.37 17.79 5.78
C ILE A 300 30.10 17.01 6.13
N LEU A 301 30.13 15.68 6.01
CA LEU A 301 28.95 14.90 6.38
C LEU A 301 28.68 14.97 7.88
N LEU A 302 29.71 14.72 8.70
CA LEU A 302 29.55 14.73 10.15
C LEU A 302 29.17 16.12 10.65
N SER A 303 29.78 17.17 10.09
CA SER A 303 29.43 18.52 10.49
C SER A 303 28.10 18.99 9.93
N ASP A 304 27.56 18.33 8.91
CA ASP A 304 26.17 18.57 8.56
C ASP A 304 25.24 17.89 9.55
N ILE A 305 25.61 16.70 10.04
CA ILE A 305 24.78 16.00 11.01
C ILE A 305 24.81 16.71 12.36
N LEU A 306 26.00 17.10 12.82
CA LEU A 306 26.19 17.57 14.18
C LEU A 306 26.70 19.00 14.21
N ARG A 307 26.30 19.72 15.25
CA ARG A 307 26.83 21.05 15.51
C ARG A 307 28.33 20.97 15.79
N VAL A 308 29.04 22.03 15.45
CA VAL A 308 30.49 22.04 15.57
C VAL A 308 30.92 21.96 17.04
N ASN A 309 32.10 21.37 17.25
CA ASN A 309 32.65 21.16 18.59
C ASN A 309 34.10 21.62 18.56
N THR A 310 34.32 22.89 18.88
CA THR A 310 35.68 23.41 18.91
C THR A 310 36.45 22.90 20.12
N GLU A 311 35.75 22.57 21.20
CA GLU A 311 36.36 21.86 22.31
C GLU A 311 36.66 20.44 21.85
N ILE A 312 37.93 20.06 21.86
CA ILE A 312 38.36 18.81 21.25
C ILE A 312 37.87 17.64 22.10
N THR A 313 37.18 16.71 21.46
CA THR A 313 36.66 15.53 22.12
C THR A 313 36.43 14.45 21.08
N LYS A 314 36.44 13.20 21.54
CA LYS A 314 36.09 12.08 20.68
C LYS A 314 34.61 11.77 20.66
N ALA A 315 33.79 12.54 21.37
CA ALA A 315 32.36 12.30 21.43
C ALA A 315 31.57 13.51 20.95
N PRO A 316 31.59 13.82 19.66
CA PRO A 316 30.87 15.01 19.17
C PRO A 316 29.37 14.95 19.39
N LEU A 317 28.77 13.77 19.34
CA LEU A 317 27.32 13.65 19.51
C LEU A 317 26.90 13.96 20.95
N SER A 318 27.61 13.42 21.92
CA SER A 318 27.32 13.71 23.32
C SER A 318 27.54 15.18 23.62
N ALA A 319 28.57 15.78 23.02
CA ALA A 319 28.82 17.21 23.17
C ALA A 319 27.67 18.04 22.61
N SER A 320 27.16 17.66 21.43
CA SER A 320 26.03 18.38 20.85
C SER A 320 24.77 18.23 21.71
N MET A 321 24.55 17.04 22.28
CA MET A 321 23.39 16.84 23.14
C MET A 321 23.50 17.65 24.43
N ILE A 322 24.70 17.70 25.02
CA ILE A 322 24.92 18.52 26.21
C ILE A 322 24.74 19.99 25.88
N LYS A 323 25.15 20.39 24.68
CA LYS A 323 24.90 21.76 24.25
C LYS A 323 23.42 22.07 24.15
N ARG A 324 22.64 21.14 23.59
CA ARG A 324 21.19 21.30 23.56
C ARG A 324 20.61 21.43 24.96
N TYR A 325 21.10 20.60 25.89
CA TYR A 325 20.62 20.67 27.26
C TYR A 325 20.95 22.01 27.91
N ASP A 326 22.15 22.54 27.64
CA ASP A 326 22.56 23.80 28.24
C ASP A 326 21.76 24.98 27.70
N GLU A 327 21.58 25.05 26.38
CA GLU A 327 20.75 26.12 25.82
C GLU A 327 19.29 25.97 26.23
N HIS A 328 18.80 24.73 26.40
CA HIS A 328 17.45 24.53 26.90
C HIS A 328 17.31 25.08 28.31
N HIS A 329 18.30 24.82 29.18
CA HIS A 329 18.25 25.32 30.54
C HIS A 329 18.30 26.85 30.56
N GLN A 330 19.20 27.44 29.77
CA GLN A 330 19.33 28.90 29.75
C GLN A 330 18.07 29.56 29.21
N ASP A 331 17.52 29.05 28.11
CA ASP A 331 16.31 29.64 27.56
C ASP A 331 15.10 29.41 28.45
N LEU A 332 15.04 28.28 29.16
CA LEU A 332 13.96 28.07 30.10
C LEU A 332 14.00 29.06 31.24
N THR A 333 15.20 29.29 31.81
CA THR A 333 15.33 30.27 32.88
C THR A 333 14.99 31.68 32.40
N LEU A 334 15.50 32.04 31.22
CA LEU A 334 15.23 33.37 30.67
C LEU A 334 13.75 33.56 30.35
N LEU A 335 13.11 32.53 29.80
CA LEU A 335 11.69 32.63 29.47
C LEU A 335 10.84 32.71 30.73
N LYS A 336 11.20 31.95 31.77
CA LYS A 336 10.47 32.06 33.03
C LYS A 336 10.60 33.46 33.62
N ALA A 337 11.81 34.03 33.58
CA ALA A 337 12.01 35.38 34.10
C ALA A 337 11.20 36.41 33.30
N LEU A 338 11.22 36.30 31.98
CA LEU A 338 10.51 37.27 31.14
C LEU A 338 9.00 37.14 31.30
N VAL A 339 8.48 35.91 31.40
CA VAL A 339 7.05 35.70 31.62
C VAL A 339 6.63 36.25 32.98
N ARG A 340 7.43 35.99 34.02
CA ARG A 340 7.10 36.50 35.34
C ARG A 340 7.13 38.02 35.38
N GLN A 341 8.06 38.64 34.64
CA GLN A 341 8.22 40.08 34.74
C GLN A 341 7.23 40.83 33.84
N GLN A 342 6.79 40.22 32.73
CA GLN A 342 5.86 40.91 31.83
C GLN A 342 4.42 40.43 31.97
N LEU A 343 4.18 39.11 31.94
CA LEU A 343 2.83 38.56 31.90
C LEU A 343 2.64 37.56 33.03
N PRO A 344 2.39 38.04 34.25
CA PRO A 344 2.23 37.12 35.39
C PRO A 344 1.01 36.22 35.28
N GLU A 345 -0.03 36.64 34.55
CA GLU A 345 -1.24 35.84 34.44
C GLU A 345 -1.03 34.61 33.56
N LYS A 346 -0.07 34.66 32.65
CA LYS A 346 0.18 33.56 31.72
C LYS A 346 1.15 32.52 32.28
N TYR A 347 1.75 32.79 33.45
CA TYR A 347 2.69 31.84 34.04
C TYR A 347 2.00 30.54 34.43
N LYS A 348 0.82 30.64 35.02
CA LYS A 348 0.07 29.46 35.44
C LYS A 348 -0.34 28.61 34.24
N GLU A 349 -0.75 29.25 33.15
CA GLU A 349 -1.16 28.52 31.96
C GLU A 349 0.03 27.83 31.29
N ILE A 350 1.14 28.55 31.16
CA ILE A 350 2.27 28.02 30.40
C ILE A 350 3.01 26.95 31.19
N PHE A 351 3.35 27.24 32.44
CA PHE A 351 4.26 26.39 33.20
C PHE A 351 3.56 25.48 34.19
N PHE A 352 2.25 25.51 34.28
CA PHE A 352 1.56 24.55 35.14
C PHE A 352 0.44 23.80 34.44
N ASP A 353 -0.31 24.46 33.55
CA ASP A 353 -1.40 23.81 32.86
C ASP A 353 -0.81 22.97 31.72
N GLN A 354 -0.86 21.65 31.88
CA GLN A 354 -0.22 20.74 30.94
C GLN A 354 -1.13 20.29 29.81
N SER A 355 -2.33 20.86 29.70
CA SER A 355 -3.24 20.52 28.62
C SER A 355 -3.42 21.67 27.63
N LYS A 356 -2.57 22.69 27.70
CA LYS A 356 -2.72 23.88 26.85
C LYS A 356 -1.54 24.07 25.91
N ASN A 357 -0.80 23.01 25.62
CA ASN A 357 0.37 23.02 24.73
C ASN A 357 1.46 23.97 25.22
N GLY A 358 1.51 24.24 26.52
CA GLY A 358 2.55 25.05 27.11
C GLY A 358 3.80 24.23 27.37
N TYR A 359 4.70 24.81 28.16
CA TYR A 359 5.91 24.09 28.54
C TYR A 359 5.58 22.87 29.39
N ALA A 360 4.59 22.99 30.27
CA ALA A 360 4.10 21.81 30.98
C ALA A 360 3.48 20.81 30.01
N GLY A 361 2.77 21.31 28.99
CA GLY A 361 2.27 20.42 27.96
C GLY A 361 3.35 19.91 27.03
N TYR A 362 4.44 20.68 26.87
CA TYR A 362 5.54 20.22 26.05
C TYR A 362 6.35 19.13 26.74
N ILE A 363 6.40 19.16 28.07
CA ILE A 363 7.18 18.19 28.82
C ILE A 363 6.28 17.08 29.35
N ASP A 364 5.33 17.43 30.21
CA ASP A 364 4.49 16.43 30.85
C ASP A 364 3.33 16.00 29.97
N GLY A 365 2.80 16.92 29.16
CA GLY A 365 1.71 16.60 28.27
C GLY A 365 2.19 15.95 26.99
N GLY A 366 1.25 15.73 26.10
CA GLY A 366 1.53 15.10 24.82
C GLY A 366 1.88 16.05 23.69
N ALA A 367 2.06 17.33 23.98
CA ALA A 367 2.32 18.31 22.92
C ALA A 367 3.70 18.10 22.31
N SER A 368 3.76 18.18 20.99
CA SER A 368 5.00 17.99 20.26
C SER A 368 5.79 19.30 20.23
N GLN A 369 6.94 19.27 19.56
CA GLN A 369 7.75 20.47 19.42
C GLN A 369 7.06 21.51 18.54
N GLU A 370 6.46 21.07 17.44
CA GLU A 370 5.78 21.99 16.54
C GLU A 370 4.56 22.64 17.21
N GLU A 371 3.79 21.84 17.96
CA GLU A 371 2.62 22.38 18.66
C GLU A 371 3.03 23.39 19.72
N PHE A 372 4.09 23.08 20.46
CA PHE A 372 4.59 24.00 21.48
C PHE A 372 5.11 25.29 20.85
N TYR A 373 5.81 25.18 19.71
CA TYR A 373 6.32 26.36 19.03
C TYR A 373 5.18 27.24 18.54
N LYS A 374 4.16 26.64 17.92
CA LYS A 374 3.07 27.45 17.39
C LYS A 374 2.17 27.99 18.50
N PHE A 375 2.16 27.35 19.67
CA PHE A 375 1.44 27.95 20.80
C PHE A 375 2.22 29.11 21.39
N ILE A 376 3.55 28.97 21.51
CA ILE A 376 4.33 29.95 22.24
C ILE A 376 4.82 31.10 21.37
N LYS A 377 4.69 31.01 20.05
CA LYS A 377 5.09 32.11 19.17
C LYS A 377 4.31 33.41 19.39
N PRO A 378 2.97 33.43 19.51
CA PRO A 378 2.32 34.72 19.82
C PRO A 378 2.73 35.32 21.15
N ILE A 379 2.94 34.47 22.16
CA ILE A 379 3.38 34.95 23.47
C ILE A 379 4.77 35.56 23.37
N LEU A 380 5.66 34.93 22.60
CA LEU A 380 7.01 35.44 22.45
C LEU A 380 7.04 36.73 21.64
N GLU A 381 6.20 36.84 20.61
CA GLU A 381 6.23 38.05 19.80
C GLU A 381 5.53 39.22 20.48
N LYS A 382 4.53 38.97 21.32
CA LYS A 382 3.87 40.09 21.99
C LYS A 382 4.68 40.68 23.13
N MET A 383 5.74 40.01 23.56
CA MET A 383 6.60 40.50 24.63
C MET A 383 7.83 41.20 24.05
N ASP A 384 8.65 41.74 24.94
CA ASP A 384 9.84 42.48 24.57
C ASP A 384 11.09 41.77 25.09
N GLY A 385 12.19 41.96 24.36
CA GLY A 385 13.43 41.30 24.72
C GLY A 385 13.52 39.86 24.31
N THR A 386 12.69 39.42 23.37
CA THR A 386 12.62 38.02 22.95
C THR A 386 13.05 37.84 21.49
N GLU A 387 13.99 38.68 21.03
CA GLU A 387 14.40 38.62 19.62
C GLU A 387 15.21 37.37 19.33
N GLU A 388 16.18 37.06 20.19
CA GLU A 388 17.01 35.88 19.97
C GLU A 388 16.22 34.60 20.19
N LEU A 389 15.27 34.60 21.13
CA LEU A 389 14.39 33.44 21.28
C LEU A 389 13.52 33.27 20.04
N LEU A 390 13.07 34.38 19.45
CA LEU A 390 12.30 34.30 18.21
C LEU A 390 13.13 33.73 17.07
N VAL A 391 14.39 34.14 16.96
CA VAL A 391 15.21 33.64 15.85
C VAL A 391 15.62 32.20 16.11
N LYS A 392 15.70 31.78 17.37
CA LYS A 392 15.91 30.36 17.66
C LYS A 392 14.67 29.54 17.32
N LEU A 393 13.48 30.08 17.59
CA LEU A 393 12.25 29.40 17.23
C LEU A 393 12.11 29.29 15.72
N ASN A 394 12.51 30.32 14.99
CA ASN A 394 12.50 30.27 13.53
C ASN A 394 13.48 29.22 13.00
N ARG A 395 14.60 29.03 13.68
CA ARG A 395 15.56 27.98 13.33
C ARG A 395 15.19 26.62 13.90
N GLU A 396 14.06 26.53 14.62
CA GLU A 396 13.62 25.31 15.31
C GLU A 396 14.71 24.76 16.23
N ASP A 397 15.28 25.67 17.02
CA ASP A 397 16.37 25.33 17.93
C ASP A 397 16.09 25.77 19.36
N LEU A 398 14.84 26.07 19.70
CA LEU A 398 14.49 26.61 21.00
C LEU A 398 13.95 25.51 21.90
N LEU A 399 14.58 25.34 23.07
CA LEU A 399 14.14 24.42 24.11
C LEU A 399 14.04 22.99 23.61
N ARG A 400 14.98 22.60 22.76
CA ARG A 400 14.98 21.26 22.18
C ARG A 400 15.28 20.20 23.24
N LYS A 401 14.74 19.00 23.02
CA LYS A 401 15.05 17.86 23.85
C LYS A 401 16.26 17.14 23.26
N GLN A 402 16.60 15.97 23.81
CA GLN A 402 17.66 15.13 23.27
C GLN A 402 17.10 13.98 22.44
N ARG A 403 16.16 13.23 22.99
CA ARG A 403 15.49 12.16 22.26
C ARG A 403 14.39 12.80 21.42
N THR A 404 14.74 13.25 20.22
CA THR A 404 13.81 13.95 19.36
C THR A 404 13.50 13.10 18.12
N PHE A 405 12.61 13.62 17.30
CA PHE A 405 12.19 12.88 16.10
C PHE A 405 13.25 12.90 15.01
N ASP A 406 14.09 13.92 14.98
CA ASP A 406 15.08 14.09 13.92
C ASP A 406 16.40 13.38 14.21
N ASN A 407 16.46 12.53 15.23
CA ASN A 407 17.68 11.80 15.52
C ASN A 407 17.90 10.62 14.58
N GLY A 408 17.02 10.38 13.61
CA GLY A 408 17.25 9.30 12.67
C GLY A 408 18.36 9.55 11.68
N SER A 409 18.82 10.79 11.55
CA SER A 409 19.91 11.09 10.64
C SER A 409 21.25 10.63 11.17
N ILE A 410 21.37 10.36 12.47
CA ILE A 410 22.65 10.03 13.09
C ILE A 410 23.09 8.62 12.70
N PRO A 411 24.28 8.47 12.14
CA PRO A 411 24.74 7.15 11.69
C PRO A 411 25.26 6.31 12.84
N HIS A 412 25.27 4.99 12.62
CA HIS A 412 25.77 4.06 13.62
C HIS A 412 27.27 4.18 13.84
N GLN A 413 28.00 4.79 12.91
CA GLN A 413 29.45 4.88 13.05
C GLN A 413 29.85 5.84 14.17
N ILE A 414 29.02 6.84 14.47
CA ILE A 414 29.30 7.73 15.59
C ILE A 414 29.22 6.98 16.91
N HIS A 415 28.17 6.17 17.08
CA HIS A 415 28.06 5.33 18.26
C HIS A 415 29.17 4.30 18.33
N LEU A 416 29.59 3.78 17.17
CA LEU A 416 30.71 2.85 17.13
C LEU A 416 31.99 3.52 17.60
N GLY A 417 32.22 4.76 17.15
CA GLY A 417 33.41 5.48 17.59
C GLY A 417 33.38 5.81 19.07
N GLU A 418 32.22 6.22 19.59
CA GLU A 418 32.12 6.52 21.01
C GLU A 418 32.29 5.26 21.87
N LEU A 419 31.69 4.14 21.45
CA LEU A 419 31.85 2.89 22.16
C LEU A 419 33.29 2.41 22.13
N HIS A 420 33.96 2.55 20.98
CA HIS A 420 35.37 2.20 20.89
C HIS A 420 36.22 3.08 21.79
N ALA A 421 35.88 4.37 21.86
CA ALA A 421 36.62 5.29 22.73
C ALA A 421 36.46 4.92 24.20
N ILE A 422 35.23 4.59 24.62
CA ILE A 422 35.00 4.18 26.01
C ILE A 422 35.76 2.90 26.33
N LEU A 423 35.72 1.93 25.40
CA LEU A 423 36.42 0.67 25.65
C LEU A 423 37.93 0.85 25.66
N ARG A 424 38.45 1.78 24.87
CA ARG A 424 39.89 2.08 24.94
C ARG A 424 40.26 2.80 26.23
N ARG A 425 39.36 3.65 26.74
CA ARG A 425 39.66 4.34 28.00
C ARG A 425 39.65 3.38 29.18
N GLN A 426 38.69 2.47 29.22
CA GLN A 426 38.46 1.65 30.40
C GLN A 426 39.08 0.26 30.31
N GLU A 427 39.87 -0.02 29.27
CA GLU A 427 40.43 -1.36 29.13
C GLU A 427 41.52 -1.65 30.14
N ASP A 428 42.26 -0.63 30.57
CA ASP A 428 43.37 -0.85 31.49
C ASP A 428 42.88 -1.25 32.88
N PHE A 429 41.83 -0.60 33.35
CA PHE A 429 41.32 -0.88 34.69
C PHE A 429 40.53 -2.20 34.72
N TYR A 430 39.81 -2.50 33.65
CA TYR A 430 39.01 -3.72 33.56
C TYR A 430 39.54 -4.58 32.43
N PRO A 431 40.27 -5.67 32.73
CA PRO A 431 40.88 -6.48 31.66
C PRO A 431 39.87 -7.17 30.77
N PHE A 432 38.69 -7.49 31.28
CA PHE A 432 37.70 -8.22 30.48
C PHE A 432 37.11 -7.36 29.38
N LEU A 433 37.14 -6.03 29.52
CA LEU A 433 36.76 -5.16 28.42
C LEU A 433 37.72 -5.29 27.25
N LYS A 434 39.03 -5.31 27.54
CA LYS A 434 40.02 -5.48 26.47
C LYS A 434 40.00 -6.91 25.93
N ASP A 435 39.60 -7.88 26.77
CA ASP A 435 39.60 -9.27 26.33
C ASP A 435 38.56 -9.52 25.25
N ASN A 436 37.40 -8.87 25.34
CA ASN A 436 36.33 -9.05 24.36
C ASN A 436 35.80 -7.71 23.87
N ARG A 437 36.73 -6.81 23.53
CA ARG A 437 36.34 -5.55 22.90
C ARG A 437 35.74 -5.79 21.53
N GLU A 438 36.30 -6.72 20.77
CA GLU A 438 35.79 -7.04 19.45
C GLU A 438 34.40 -7.65 19.53
N LYS A 439 34.11 -8.41 20.58
CA LYS A 439 32.77 -8.97 20.74
C LYS A 439 31.72 -7.88 20.95
N ILE A 440 32.03 -6.89 21.78
CA ILE A 440 31.10 -5.79 22.02
C ILE A 440 30.94 -4.94 20.76
N GLU A 441 32.04 -4.69 20.06
CA GLU A 441 31.97 -3.96 18.80
C GLU A 441 31.12 -4.71 17.78
N LYS A 442 31.26 -6.03 17.72
CA LYS A 442 30.44 -6.83 16.82
C LYS A 442 28.97 -6.79 17.20
N ILE A 443 28.67 -6.85 18.51
CA ILE A 443 27.28 -6.76 18.97
C ILE A 443 26.67 -5.44 18.55
N LEU A 444 27.42 -4.35 18.67
CA LEU A 444 26.90 -3.06 18.24
C LEU A 444 26.73 -3.01 16.72
N THR A 445 27.67 -3.62 15.97
CA THR A 445 27.72 -3.39 14.53
C THR A 445 27.08 -4.49 13.70
N PHE A 446 26.72 -5.63 14.27
CA PHE A 446 26.20 -6.73 13.46
C PHE A 446 24.81 -6.42 12.96
N ARG A 447 24.56 -6.78 11.71
CA ARG A 447 23.25 -6.63 11.09
C ARG A 447 23.02 -7.82 10.18
N ILE A 448 21.88 -8.48 10.33
CA ILE A 448 21.54 -9.62 9.49
C ILE A 448 21.35 -9.14 8.06
N PRO A 449 21.99 -9.77 7.07
CA PRO A 449 21.79 -9.36 5.68
C PRO A 449 20.37 -9.66 5.22
N TYR A 450 19.87 -8.79 4.33
CA TYR A 450 18.50 -8.94 3.86
C TYR A 450 18.31 -10.16 2.97
N TYR A 451 19.40 -10.69 2.41
CA TYR A 451 19.31 -11.91 1.61
C TYR A 451 19.41 -13.18 2.45
N VAL A 452 19.62 -13.06 3.75
CA VAL A 452 19.60 -14.22 4.63
C VAL A 452 18.23 -14.44 5.24
N GLY A 453 17.59 -13.36 5.69
CA GLY A 453 16.27 -13.45 6.25
C GLY A 453 16.26 -13.95 7.68
N PRO A 454 15.11 -14.44 8.13
CA PRO A 454 15.01 -14.93 9.51
C PRO A 454 15.89 -16.14 9.74
N LEU A 455 16.28 -16.34 11.00
CA LEU A 455 17.23 -17.37 11.40
C LEU A 455 16.54 -18.62 11.92
N ALA A 456 15.43 -19.01 11.29
CA ALA A 456 14.62 -20.11 11.78
C ALA A 456 15.33 -21.44 11.62
N ARG A 457 14.77 -22.45 12.28
CA ARG A 457 15.24 -23.83 12.23
C ARG A 457 14.20 -24.71 11.57
N GLY A 458 13.60 -24.22 10.48
CA GLY A 458 12.60 -24.98 9.76
C GLY A 458 11.19 -24.86 10.29
N ASN A 459 10.90 -23.84 11.10
CA ASN A 459 9.57 -23.66 11.67
C ASN A 459 8.94 -22.33 11.29
N SER A 460 9.46 -21.64 10.28
CA SER A 460 8.89 -20.39 9.82
C SER A 460 8.49 -20.52 8.35
N ARG A 461 7.34 -19.96 8.01
CA ARG A 461 6.89 -19.96 6.63
C ARG A 461 7.49 -18.80 5.83
N PHE A 462 8.30 -17.95 6.46
CA PHE A 462 8.97 -16.85 5.78
C PHE A 462 10.45 -17.07 5.58
N ALA A 463 11.07 -17.99 6.32
CA ALA A 463 12.51 -18.15 6.27
C ALA A 463 12.94 -18.97 5.05
N TRP A 464 14.14 -18.67 4.57
CA TRP A 464 14.76 -19.42 3.50
C TRP A 464 16.22 -19.74 3.78
N MET A 465 16.69 -19.46 4.99
CA MET A 465 18.09 -19.65 5.34
C MET A 465 18.44 -21.12 5.41
N THR A 466 19.66 -21.46 4.98
CA THR A 466 20.25 -22.75 5.24
C THR A 466 21.52 -22.56 6.06
N ARG A 467 21.73 -23.44 7.04
CA ARG A 467 22.84 -23.34 7.96
C ARG A 467 23.80 -24.50 7.77
N LYS A 468 25.11 -24.20 7.80
CA LYS A 468 26.11 -25.23 7.66
C LYS A 468 26.13 -26.16 8.88
N SER A 469 26.04 -25.60 10.07
CA SER A 469 26.08 -26.36 11.31
C SER A 469 24.79 -26.12 12.09
N GLU A 470 24.63 -26.87 13.19
CA GLU A 470 23.41 -26.83 13.98
C GLU A 470 23.58 -26.05 15.28
N GLU A 471 24.64 -25.26 15.42
CA GLU A 471 24.83 -24.48 16.63
C GLU A 471 23.91 -23.27 16.64
N THR A 472 23.71 -22.70 17.83
CA THR A 472 22.93 -21.48 17.96
C THR A 472 23.67 -20.31 17.34
N ILE A 473 22.94 -19.49 16.60
CA ILE A 473 23.55 -18.39 15.86
C ILE A 473 23.70 -17.17 16.77
N THR A 474 24.93 -16.72 16.93
CA THR A 474 25.29 -15.48 17.62
C THR A 474 25.96 -14.58 16.60
N PRO A 475 26.00 -13.26 16.84
CA PRO A 475 26.69 -12.37 15.88
C PRO A 475 28.15 -12.67 15.70
N TRP A 476 28.80 -13.30 16.68
CA TRP A 476 30.23 -13.59 16.56
C TRP A 476 30.49 -14.76 15.62
N ASN A 477 29.62 -15.79 15.65
CA ASN A 477 29.78 -16.97 14.83
C ASN A 477 28.74 -17.06 13.71
N PHE A 478 28.26 -15.91 13.23
CA PHE A 478 27.31 -15.90 12.13
C PHE A 478 27.96 -16.33 10.82
N GLU A 479 29.23 -16.00 10.62
CA GLU A 479 29.90 -16.31 9.36
C GLU A 479 30.21 -17.81 9.25
N GLU A 480 30.56 -18.45 10.35
CA GLU A 480 30.97 -19.85 10.34
C GLU A 480 29.81 -20.82 10.51
N VAL A 481 28.57 -20.33 10.54
CA VAL A 481 27.40 -21.17 10.69
C VAL A 481 26.44 -21.02 9.52
N VAL A 482 26.09 -19.79 9.17
CA VAL A 482 25.12 -19.55 8.10
C VAL A 482 25.83 -19.64 6.76
N ASP A 483 25.27 -20.45 5.86
CA ASP A 483 25.77 -20.52 4.49
C ASP A 483 25.20 -19.33 3.75
N LYS A 484 26.03 -18.31 3.52
CA LYS A 484 25.55 -17.09 2.90
C LYS A 484 25.33 -17.25 1.40
N GLY A 485 26.09 -18.11 0.74
CA GLY A 485 25.95 -18.24 -0.71
C GLY A 485 24.63 -18.87 -1.12
N ALA A 486 24.29 -20.01 -0.53
CA ALA A 486 23.04 -20.68 -0.87
C ALA A 486 21.84 -19.88 -0.40
N SER A 487 21.95 -19.23 0.76
CA SER A 487 20.87 -18.38 1.24
C SER A 487 20.68 -17.17 0.33
N ALA A 488 21.76 -16.58 -0.16
CA ALA A 488 21.66 -15.45 -1.07
C ALA A 488 21.06 -15.87 -2.41
N GLN A 489 21.40 -17.08 -2.87
CA GLN A 489 20.77 -17.62 -4.07
C GLN A 489 19.28 -17.83 -3.87
N SER A 490 18.91 -18.45 -2.74
CA SER A 490 17.50 -18.71 -2.44
C SER A 490 16.72 -17.44 -2.18
N PHE A 491 17.40 -16.33 -1.86
CA PHE A 491 16.71 -15.05 -1.69
C PHE A 491 16.03 -14.61 -2.98
N ILE A 492 16.65 -14.91 -4.12
CA ILE A 492 16.07 -14.56 -5.42
C ILE A 492 15.30 -15.72 -6.03
N GLU A 493 15.80 -16.95 -5.88
CA GLU A 493 15.15 -18.11 -6.48
C GLU A 493 13.78 -18.40 -5.88
N ARG A 494 13.57 -18.05 -4.61
CA ARG A 494 12.27 -18.31 -4.00
C ARG A 494 11.19 -17.33 -4.46
N MET A 495 11.57 -16.27 -5.16
CA MET A 495 10.65 -15.18 -5.44
C MET A 495 10.36 -15.01 -6.92
N THR A 496 11.35 -15.19 -7.79
CA THR A 496 11.13 -15.09 -9.23
C THR A 496 10.19 -16.18 -9.71
N ASN A 497 9.31 -15.83 -10.65
CA ASN A 497 8.28 -16.76 -11.08
C ASN A 497 8.87 -17.85 -11.98
N PHE A 498 8.17 -18.98 -12.03
CA PHE A 498 8.47 -20.03 -12.98
C PHE A 498 7.99 -19.65 -14.37
N ASP A 499 8.43 -20.41 -15.36
CA ASP A 499 7.94 -20.21 -16.71
C ASP A 499 6.52 -20.73 -16.83
N LYS A 500 5.66 -19.96 -17.52
CA LYS A 500 4.28 -20.37 -17.71
C LYS A 500 4.17 -21.63 -18.56
N ASN A 501 4.98 -21.74 -19.61
CA ASN A 501 4.95 -22.90 -20.47
C ASN A 501 5.66 -24.10 -19.85
N LEU A 502 6.71 -23.87 -19.06
CA LEU A 502 7.42 -24.92 -18.33
C LEU A 502 7.40 -24.57 -16.85
N PRO A 503 6.39 -25.00 -16.10
CA PRO A 503 6.34 -24.66 -14.66
C PRO A 503 7.46 -25.28 -13.84
N ASN A 504 8.17 -26.27 -14.36
CA ASN A 504 9.09 -27.05 -13.55
C ASN A 504 10.50 -26.45 -13.45
N GLU A 505 10.80 -25.40 -14.20
CA GLU A 505 12.16 -24.86 -14.19
C GLU A 505 12.12 -23.37 -14.48
N LYS A 506 13.06 -22.64 -13.89
CA LYS A 506 13.00 -21.19 -13.76
C LYS A 506 13.24 -20.48 -15.10
N VAL A 507 12.91 -19.19 -15.12
CA VAL A 507 13.07 -18.35 -16.29
C VAL A 507 14.49 -17.80 -16.39
N LEU A 508 14.82 -17.22 -17.54
CA LEU A 508 16.09 -16.56 -17.75
C LEU A 508 16.05 -15.11 -17.27
N PRO A 509 17.20 -14.52 -16.97
CA PRO A 509 17.24 -13.07 -16.77
C PRO A 509 16.91 -12.32 -18.05
N LYS A 510 16.36 -11.10 -17.89
CA LYS A 510 16.01 -10.30 -19.06
C LYS A 510 17.26 -9.83 -19.80
N HIS A 511 18.32 -9.50 -19.06
CA HIS A 511 19.58 -9.10 -19.66
C HIS A 511 20.44 -10.26 -20.12
N SER A 512 19.88 -11.46 -20.21
CA SER A 512 20.57 -12.58 -20.84
C SER A 512 20.83 -12.30 -22.31
N LEU A 513 22.03 -12.66 -22.78
CA LEU A 513 22.35 -12.50 -24.20
C LEU A 513 21.46 -13.38 -25.07
N LEU A 514 21.20 -14.61 -24.62
CA LEU A 514 20.30 -15.51 -25.34
C LEU A 514 18.88 -14.93 -25.40
N TYR A 515 18.42 -14.36 -24.29
CA TYR A 515 17.11 -13.71 -24.26
C TYR A 515 17.07 -12.46 -25.13
N GLU A 516 18.21 -11.77 -25.29
CA GLU A 516 18.22 -10.61 -26.16
C GLU A 516 18.23 -11.01 -27.64
N TYR A 517 18.93 -12.10 -27.96
CA TYR A 517 18.84 -12.65 -29.32
C TYR A 517 17.41 -13.10 -29.62
N PHE A 518 16.76 -13.77 -28.66
CA PHE A 518 15.31 -13.94 -28.69
C PHE A 518 14.56 -12.67 -29.02
N THR A 519 14.77 -11.59 -28.25
CA THR A 519 13.94 -10.40 -28.42
C THR A 519 14.13 -9.81 -29.82
N VAL A 520 15.38 -9.81 -30.29
CA VAL A 520 15.69 -9.30 -31.62
C VAL A 520 15.03 -10.14 -32.70
N TYR A 521 15.39 -11.44 -32.78
CA TYR A 521 14.86 -12.28 -33.85
C TYR A 521 13.36 -12.55 -33.72
N ASN A 522 12.77 -12.35 -32.55
CA ASN A 522 11.32 -12.50 -32.42
C ASN A 522 10.58 -11.28 -32.94
N GLU A 523 11.11 -10.07 -32.70
CA GLU A 523 10.50 -8.92 -33.37
C GLU A 523 10.83 -8.90 -34.86
N LEU A 524 12.05 -9.31 -35.22
CA LEU A 524 12.55 -9.12 -36.58
C LEU A 524 11.93 -10.09 -37.58
N THR A 525 11.51 -11.28 -37.15
CA THR A 525 11.11 -12.33 -38.09
C THR A 525 9.84 -11.99 -38.86
N LYS A 526 9.07 -11.00 -38.41
CA LYS A 526 7.88 -10.57 -39.14
C LYS A 526 8.06 -9.20 -39.78
N VAL A 527 9.31 -8.76 -39.97
CA VAL A 527 9.58 -7.49 -40.62
C VAL A 527 9.59 -7.69 -42.13
N LYS A 528 8.76 -6.93 -42.83
CA LYS A 528 8.64 -7.00 -44.28
C LYS A 528 9.10 -5.68 -44.89
N TYR A 529 9.71 -5.78 -46.07
CA TYR A 529 10.19 -4.59 -46.78
C TYR A 529 9.61 -4.53 -48.19
N PHE A 539 9.21 -10.98 -46.67
CA PHE A 539 9.86 -11.23 -45.39
C PHE A 539 11.38 -11.19 -45.53
N LEU A 540 12.05 -10.77 -44.47
CA LEU A 540 13.51 -10.76 -44.46
C LEU A 540 14.04 -12.19 -44.36
N SER A 541 15.02 -12.50 -45.20
CA SER A 541 15.64 -13.82 -45.15
C SER A 541 16.58 -13.91 -43.95
N GLY A 542 17.01 -15.15 -43.66
CA GLY A 542 17.90 -15.35 -42.51
C GLY A 542 19.26 -14.69 -42.69
N GLU A 543 19.79 -14.72 -43.91
CA GLU A 543 21.05 -14.02 -44.18
C GLU A 543 20.88 -12.51 -44.04
N GLN A 544 19.77 -11.97 -44.52
CA GLN A 544 19.49 -10.55 -44.37
C GLN A 544 19.32 -10.17 -42.90
N LYS A 545 18.62 -11.02 -42.13
CA LYS A 545 18.45 -10.76 -40.70
C LYS A 545 19.79 -10.80 -39.97
N LYS A 546 20.63 -11.78 -40.29
CA LYS A 546 21.98 -11.86 -39.72
C LYS A 546 22.78 -10.60 -40.05
N ALA A 547 22.71 -10.14 -41.29
CA ALA A 547 23.47 -8.97 -41.70
C ALA A 547 22.98 -7.70 -41.01
N ILE A 548 21.66 -7.51 -40.92
CA ILE A 548 21.16 -6.29 -40.28
C ILE A 548 21.47 -6.30 -38.79
N VAL A 549 21.43 -7.48 -38.14
CA VAL A 549 21.80 -7.57 -36.73
C VAL A 549 23.28 -7.20 -36.56
N ASP A 550 24.15 -7.75 -37.42
CA ASP A 550 25.58 -7.51 -37.30
C ASP A 550 25.94 -6.06 -37.53
N LEU A 551 25.30 -5.40 -38.51
CA LEU A 551 25.67 -4.03 -38.83
C LEU A 551 24.85 -2.96 -38.11
N LEU A 552 23.75 -3.33 -37.44
CA LEU A 552 22.92 -2.34 -36.76
C LEU A 552 22.78 -2.61 -35.27
N PHE A 553 22.37 -3.83 -34.88
CA PHE A 553 22.06 -4.06 -33.47
C PHE A 553 23.32 -4.19 -32.63
N LYS A 554 24.39 -4.71 -33.22
CA LYS A 554 25.68 -4.79 -32.54
C LYS A 554 26.47 -3.49 -32.63
N THR A 555 25.96 -2.48 -33.34
CA THR A 555 26.64 -1.20 -33.48
C THR A 555 25.89 -0.02 -32.87
N ASN A 556 24.62 -0.18 -32.53
CA ASN A 556 23.83 0.89 -31.92
C ASN A 556 23.00 0.32 -30.78
N ARG A 557 22.97 1.05 -29.66
CA ARG A 557 22.14 0.63 -28.53
C ARG A 557 20.66 0.74 -28.85
N LYS A 558 20.27 1.74 -29.64
CA LYS A 558 18.90 1.89 -30.10
C LYS A 558 18.92 2.07 -31.61
N VAL A 559 18.08 1.31 -32.31
CA VAL A 559 18.02 1.34 -33.78
C VAL A 559 16.62 1.76 -34.19
N THR A 560 16.54 2.73 -35.09
CA THR A 560 15.28 3.20 -35.65
C THR A 560 15.19 2.77 -37.12
N VAL A 561 14.01 2.96 -37.70
CA VAL A 561 13.79 2.55 -39.09
C VAL A 561 14.56 3.45 -40.05
N LYS A 562 14.80 4.71 -39.69
CA LYS A 562 15.56 5.61 -40.54
C LYS A 562 17.02 5.18 -40.65
N GLN A 563 17.61 4.74 -39.52
CA GLN A 563 18.96 4.22 -39.56
C GLN A 563 19.05 2.95 -40.40
N LEU A 564 18.04 2.09 -40.31
CA LEU A 564 18.01 0.90 -41.16
C LEU A 564 17.99 1.30 -42.64
N LYS A 565 17.10 2.22 -43.00
CA LYS A 565 16.95 2.66 -44.39
C LYS A 565 18.22 3.29 -44.94
N GLU A 566 18.86 4.14 -44.15
CA GLU A 566 20.01 4.91 -44.63
C GLU A 566 21.34 4.27 -44.27
N ASP A 567 21.36 3.08 -43.66
CA ASP A 567 22.62 2.42 -43.37
C ASP A 567 22.75 1.05 -44.01
N TYR A 568 21.67 0.25 -44.11
CA TYR A 568 21.80 -1.05 -44.75
C TYR A 568 21.25 -1.02 -46.17
N PHE A 569 19.97 -0.65 -46.33
CA PHE A 569 19.34 -0.70 -47.64
C PHE A 569 19.92 0.32 -48.62
N LYS A 570 20.59 1.36 -48.12
CA LYS A 570 21.22 2.32 -49.01
C LYS A 570 22.46 1.74 -49.70
N LYS A 571 23.29 1.01 -48.96
CA LYS A 571 24.54 0.48 -49.49
C LYS A 571 24.52 -1.02 -49.67
N ILE A 572 24.15 -1.79 -48.65
CA ILE A 572 24.18 -3.24 -48.72
C ILE A 572 22.91 -3.74 -49.42
N ILE A 580 9.18 -0.27 -45.32
CA ILE A 580 9.25 -1.35 -44.34
C ILE A 580 8.06 -1.33 -43.41
N SER A 581 7.37 -2.46 -43.33
CA SER A 581 6.22 -2.64 -42.46
C SER A 581 6.53 -3.67 -41.38
N GLY A 582 5.67 -3.72 -40.36
CA GLY A 582 5.85 -4.61 -39.25
C GLY A 582 6.48 -3.98 -38.03
N VAL A 583 7.02 -2.77 -38.16
CA VAL A 583 7.65 -2.07 -37.05
C VAL A 583 7.35 -0.58 -37.19
N GLU A 584 7.27 0.10 -36.06
CA GLU A 584 7.05 1.55 -36.04
C GLU A 584 8.40 2.25 -36.11
N ASP A 585 8.44 3.55 -35.76
CA ASP A 585 9.61 4.39 -35.98
C ASP A 585 10.87 3.84 -35.32
N ARG A 586 10.74 3.21 -34.16
CA ARG A 586 11.88 2.63 -33.48
C ARG A 586 11.65 1.13 -33.26
N PHE A 587 12.76 0.39 -33.17
CA PHE A 587 12.68 -1.03 -32.86
C PHE A 587 12.58 -1.23 -31.36
N ASN A 588 11.62 -2.06 -30.94
CA ASN A 588 11.47 -2.39 -29.54
C ASN A 588 12.60 -3.27 -29.05
N ALA A 589 13.22 -4.03 -29.96
CA ALA A 589 14.28 -4.96 -29.63
C ALA A 589 15.65 -4.29 -29.73
N SER A 590 16.53 -4.62 -28.79
CA SER A 590 17.90 -4.13 -28.81
C SER A 590 18.80 -5.08 -28.04
N LEU A 591 20.08 -5.08 -28.42
CA LEU A 591 21.12 -5.83 -27.72
C LEU A 591 21.88 -4.90 -26.76
N GLY A 592 21.18 -4.48 -25.71
CA GLY A 592 21.81 -3.61 -24.72
C GLY A 592 22.91 -4.29 -23.94
N THR A 593 22.70 -5.55 -23.56
CA THR A 593 23.72 -6.30 -22.83
C THR A 593 24.94 -6.56 -23.70
N TYR A 594 24.73 -6.79 -24.99
CA TYR A 594 25.85 -6.98 -25.91
C TYR A 594 26.72 -5.72 -25.97
N HIS A 595 26.08 -4.55 -25.99
CA HIS A 595 26.84 -3.30 -26.00
C HIS A 595 27.54 -3.07 -24.66
N ASP A 596 26.89 -3.47 -23.56
CA ASP A 596 27.53 -3.34 -22.25
C ASP A 596 28.78 -4.21 -22.14
N LEU A 597 28.69 -5.46 -22.61
CA LEU A 597 29.87 -6.32 -22.59
C LEU A 597 30.89 -5.94 -23.65
N LEU A 598 30.47 -5.27 -24.72
CA LEU A 598 31.44 -4.70 -25.65
C LEU A 598 32.21 -3.56 -25.00
N LYS A 599 31.51 -2.76 -24.18
CA LYS A 599 32.16 -1.65 -23.50
C LYS A 599 33.03 -2.13 -22.35
N ILE A 600 32.71 -3.28 -21.76
CA ILE A 600 33.48 -3.78 -20.62
C ILE A 600 34.62 -4.68 -21.08
N ILE A 601 34.29 -5.78 -21.75
CA ILE A 601 35.29 -6.79 -22.13
C ILE A 601 36.26 -6.26 -23.19
N LYS A 602 35.78 -5.38 -24.08
CA LYS A 602 36.53 -4.94 -25.27
C LYS A 602 36.96 -6.11 -26.13
N ASP A 603 36.05 -7.08 -26.32
CA ASP A 603 36.33 -8.25 -27.16
C ASP A 603 35.03 -8.60 -27.88
N LYS A 604 34.90 -8.12 -29.12
CA LYS A 604 33.73 -8.43 -29.92
C LYS A 604 33.73 -9.90 -30.35
N ASP A 605 34.92 -10.46 -30.61
CA ASP A 605 35.03 -11.85 -31.04
C ASP A 605 34.58 -12.82 -29.95
N PHE A 606 34.90 -12.51 -28.69
CA PHE A 606 34.48 -13.36 -27.58
C PHE A 606 32.96 -13.39 -27.45
N LEU A 607 32.31 -12.24 -27.64
CA LEU A 607 30.85 -12.20 -27.59
C LEU A 607 30.23 -12.87 -28.82
N ASP A 608 30.89 -12.77 -29.97
CA ASP A 608 30.35 -13.35 -31.20
C ASP A 608 30.58 -14.86 -31.29
N ASN A 609 31.45 -15.41 -30.45
CA ASN A 609 31.71 -16.84 -30.47
C ASN A 609 30.51 -17.61 -29.92
N GLU A 610 30.30 -18.81 -30.46
CA GLU A 610 29.18 -19.65 -30.05
C GLU A 610 29.52 -20.62 -28.93
N GLU A 611 30.80 -21.00 -28.82
CA GLU A 611 31.20 -21.95 -27.79
C GLU A 611 31.08 -21.36 -26.38
N ASN A 612 31.43 -20.08 -26.22
CA ASN A 612 31.40 -19.42 -24.93
C ASN A 612 30.05 -18.82 -24.59
N GLU A 613 28.96 -19.33 -25.18
CA GLU A 613 27.64 -18.80 -24.90
C GLU A 613 27.18 -19.16 -23.49
N ASP A 614 27.44 -20.40 -23.06
CA ASP A 614 26.92 -20.86 -21.77
C ASP A 614 27.64 -20.18 -20.61
N ILE A 615 28.95 -19.91 -20.75
CA ILE A 615 29.67 -19.24 -19.68
C ILE A 615 29.25 -17.77 -19.61
N LEU A 616 28.93 -17.14 -20.74
CA LEU A 616 28.40 -15.79 -20.72
C LEU A 616 27.03 -15.75 -20.05
N GLU A 617 26.21 -16.78 -20.30
CA GLU A 617 24.92 -16.88 -19.62
C GLU A 617 25.12 -17.05 -18.12
N ASP A 618 26.14 -17.82 -17.72
CA ASP A 618 26.47 -17.94 -16.30
C ASP A 618 26.93 -16.61 -15.72
N ILE A 619 27.66 -15.81 -16.49
CA ILE A 619 28.09 -14.49 -16.04
C ILE A 619 26.87 -13.60 -15.79
N VAL A 620 25.92 -13.61 -16.73
CA VAL A 620 24.72 -12.78 -16.60
C VAL A 620 23.88 -13.26 -15.40
N LEU A 621 23.76 -14.57 -15.22
CA LEU A 621 23.01 -15.11 -14.09
C LEU A 621 23.68 -14.75 -12.76
N THR A 622 25.01 -14.82 -12.71
CA THR A 622 25.73 -14.45 -11.49
C THR A 622 25.56 -12.96 -11.18
N LEU A 623 25.64 -12.11 -12.20
CA LEU A 623 25.49 -10.67 -11.99
C LEU A 623 24.07 -10.32 -11.58
N THR A 624 23.07 -11.03 -12.11
CA THR A 624 21.69 -10.74 -11.77
C THR A 624 21.32 -11.26 -10.38
N LEU A 625 21.83 -12.44 -10.01
CA LEU A 625 21.48 -13.04 -8.72
C LEU A 625 22.07 -12.26 -7.56
N PHE A 626 23.36 -11.93 -7.63
CA PHE A 626 24.08 -11.36 -6.52
C PHE A 626 24.37 -9.89 -6.75
N GLU A 627 24.45 -9.13 -5.66
CA GLU A 627 24.83 -7.73 -5.69
C GLU A 627 25.97 -7.39 -4.74
N ASP A 628 26.25 -8.21 -3.74
CA ASP A 628 27.38 -7.98 -2.87
C ASP A 628 28.68 -8.30 -3.61
N ARG A 629 29.71 -7.51 -3.33
CA ARG A 629 30.98 -7.64 -4.05
C ARG A 629 31.65 -8.98 -3.79
N GLU A 630 31.68 -9.40 -2.52
CA GLU A 630 32.36 -10.64 -2.15
C GLU A 630 31.68 -11.86 -2.76
N MET A 631 30.34 -11.87 -2.77
CA MET A 631 29.61 -12.99 -3.33
C MET A 631 29.81 -13.07 -4.85
N ILE A 632 29.79 -11.92 -5.52
CA ILE A 632 30.03 -11.88 -6.96
C ILE A 632 31.43 -12.36 -7.29
N GLU A 633 32.43 -11.93 -6.52
CA GLU A 633 33.80 -12.36 -6.77
C GLU A 633 33.99 -13.84 -6.44
N GLU A 634 33.29 -14.34 -5.43
CA GLU A 634 33.37 -15.75 -5.08
C GLU A 634 32.76 -16.63 -6.16
N ARG A 635 31.61 -16.21 -6.72
CA ARG A 635 31.03 -16.95 -7.82
C ARG A 635 31.81 -16.76 -9.12
N LEU A 636 32.54 -15.66 -9.24
CA LEU A 636 33.20 -15.27 -10.49
C LEU A 636 34.64 -15.76 -10.60
N LYS A 637 35.19 -16.37 -9.55
CA LYS A 637 36.60 -16.73 -9.54
C LYS A 637 36.92 -17.90 -10.47
N THR A 638 35.92 -18.70 -10.84
CA THR A 638 36.16 -19.85 -11.71
C THR A 638 36.57 -19.39 -13.11
N TYR A 639 35.99 -18.30 -13.59
CA TYR A 639 36.19 -17.80 -14.94
C TYR A 639 37.30 -16.76 -15.01
N ALA A 640 38.17 -16.70 -14.00
CA ALA A 640 39.21 -15.69 -13.95
C ALA A 640 40.40 -15.99 -14.85
N HIS A 641 40.50 -17.21 -15.38
CA HIS A 641 41.63 -17.59 -16.22
C HIS A 641 41.37 -17.36 -17.70
N LEU A 642 40.22 -16.76 -18.06
CA LEU A 642 40.04 -16.22 -19.40
C LEU A 642 40.20 -14.71 -19.46
N PHE A 643 40.11 -14.03 -18.33
CA PHE A 643 40.00 -12.58 -18.26
C PHE A 643 41.14 -12.03 -17.41
N ASP A 644 41.40 -10.73 -17.56
CA ASP A 644 42.42 -10.05 -16.77
C ASP A 644 41.79 -9.41 -15.53
N ASP A 645 42.60 -9.28 -14.47
CA ASP A 645 42.07 -8.92 -13.15
C ASP A 645 41.38 -7.57 -13.16
N LYS A 646 41.93 -6.62 -13.93
CA LYS A 646 41.27 -5.33 -14.10
C LYS A 646 39.90 -5.45 -14.73
N VAL A 647 39.71 -6.43 -15.63
CA VAL A 647 38.45 -6.46 -16.38
C VAL A 647 37.38 -7.32 -15.70
N MET A 648 37.74 -8.26 -14.79
CA MET A 648 36.69 -8.70 -13.87
C MET A 648 36.43 -7.67 -12.78
N LYS A 649 37.42 -6.86 -12.41
CA LYS A 649 37.16 -5.79 -11.45
C LYS A 649 36.19 -4.78 -12.04
N GLN A 650 36.31 -4.48 -13.33
CA GLN A 650 35.35 -3.60 -13.99
C GLN A 650 34.02 -4.29 -14.24
N LEU A 651 34.03 -5.61 -14.50
CA LEU A 651 32.80 -6.30 -14.83
C LEU A 651 31.91 -6.50 -13.61
N LYS A 652 32.50 -6.65 -12.42
CA LYS A 652 31.72 -6.89 -11.22
C LYS A 652 30.91 -5.69 -10.78
N ARG A 653 31.17 -4.50 -11.33
CA ARG A 653 30.33 -3.34 -11.07
C ARG A 653 29.02 -3.36 -11.85
N ARG A 654 28.90 -4.21 -12.87
CA ARG A 654 27.72 -4.26 -13.70
C ARG A 654 26.62 -5.00 -12.94
N ARG A 655 25.69 -4.24 -12.38
CA ARG A 655 24.56 -4.82 -11.65
C ARG A 655 23.37 -4.97 -12.58
N TYR A 656 22.76 -6.14 -12.57
CA TYR A 656 21.62 -6.44 -13.42
C TYR A 656 20.39 -6.74 -12.58
N THR A 657 19.26 -6.13 -12.96
CA THR A 657 18.00 -6.31 -12.26
C THR A 657 16.91 -6.57 -13.29
N GLY A 658 16.14 -7.65 -13.08
CA GLY A 658 15.06 -7.98 -13.99
C GLY A 658 15.25 -9.33 -14.66
N TRP A 659 14.18 -10.11 -14.74
CA TRP A 659 14.23 -11.44 -15.33
C TRP A 659 13.22 -11.54 -16.46
N GLY A 660 13.52 -12.40 -17.43
CA GLY A 660 12.69 -12.55 -18.61
C GLY A 660 11.47 -13.40 -18.37
N ARG A 661 10.65 -13.51 -19.43
CA ARG A 661 9.41 -14.26 -19.39
C ARG A 661 9.56 -15.70 -19.86
N LEU A 662 10.76 -16.11 -20.27
CA LEU A 662 10.94 -17.45 -20.84
C LEU A 662 12.16 -18.11 -20.23
N SER A 663 12.19 -19.43 -20.34
CA SER A 663 13.25 -20.26 -19.78
C SER A 663 14.39 -20.45 -20.76
N ARG A 664 15.44 -21.15 -20.33
CA ARG A 664 16.49 -21.53 -21.26
C ARG A 664 16.11 -22.76 -22.08
N LYS A 665 15.38 -23.71 -21.48
CA LYS A 665 15.08 -24.96 -22.16
C LYS A 665 14.04 -24.76 -23.25
N LEU A 666 13.01 -23.95 -22.98
CA LEU A 666 11.93 -23.77 -23.95
C LEU A 666 12.41 -23.05 -25.19
N ILE A 667 13.45 -22.21 -25.06
CA ILE A 667 13.91 -21.40 -26.17
C ILE A 667 15.16 -21.96 -26.86
N ASN A 668 15.99 -22.73 -26.16
CA ASN A 668 17.19 -23.27 -26.81
C ASN A 668 17.57 -24.67 -26.37
N GLY A 669 16.83 -25.31 -25.47
CA GLY A 669 17.15 -26.66 -25.05
C GLY A 669 16.38 -27.69 -25.84
N ILE A 670 15.08 -27.46 -26.02
CA ILE A 670 14.26 -28.38 -26.79
C ILE A 670 14.53 -28.17 -28.28
N ARG A 671 14.47 -29.26 -29.03
CA ARG A 671 14.68 -29.24 -30.47
C ARG A 671 13.54 -29.99 -31.15
N ASP A 672 13.25 -29.59 -32.38
CA ASP A 672 12.25 -30.28 -33.17
C ASP A 672 12.73 -31.69 -33.52
N LYS A 673 11.79 -32.64 -33.53
CA LYS A 673 12.15 -34.03 -33.75
C LYS A 673 12.65 -34.26 -35.18
N GLN A 674 12.04 -33.59 -36.16
CA GLN A 674 12.41 -33.76 -37.56
C GLN A 674 13.49 -32.77 -38.00
N SER A 675 13.28 -31.48 -37.76
CA SER A 675 14.24 -30.47 -38.20
C SER A 675 15.52 -30.51 -37.39
N GLY A 676 15.42 -30.77 -36.09
CA GLY A 676 16.58 -30.78 -35.23
C GLY A 676 17.07 -29.43 -34.75
N LYS A 677 16.38 -28.36 -35.11
CA LYS A 677 16.80 -27.01 -34.75
C LYS A 677 16.13 -26.58 -33.45
N THR A 678 16.82 -25.70 -32.72
CA THR A 678 16.17 -24.98 -31.63
C THR A 678 15.21 -23.94 -32.20
N ILE A 679 14.32 -23.43 -31.34
CA ILE A 679 13.34 -22.47 -31.82
C ILE A 679 14.01 -21.13 -32.08
N LEU A 680 15.06 -20.81 -31.34
CA LEU A 680 15.85 -19.61 -31.65
C LEU A 680 16.52 -19.73 -33.01
N ASP A 681 16.96 -20.93 -33.39
CA ASP A 681 17.42 -21.17 -34.76
C ASP A 681 16.29 -20.99 -35.75
N PHE A 682 15.07 -21.39 -35.39
CA PHE A 682 13.91 -21.21 -36.25
C PHE A 682 13.61 -19.73 -36.47
N LEU A 683 13.75 -18.92 -35.42
CA LEU A 683 13.63 -17.47 -35.56
C LEU A 683 14.76 -16.89 -36.40
N LYS A 684 15.97 -17.45 -36.28
CA LYS A 684 17.09 -16.97 -37.06
C LYS A 684 16.90 -17.26 -38.55
N SER A 685 16.32 -18.42 -38.86
CA SER A 685 16.09 -18.81 -40.25
C SER A 685 14.92 -19.78 -40.29
N ASP A 686 13.86 -19.40 -40.98
CA ASP A 686 12.68 -20.24 -41.18
C ASP A 686 12.35 -20.30 -42.66
N GLY A 687 13.39 -20.19 -43.49
CA GLY A 687 13.19 -20.23 -44.94
C GLY A 687 12.42 -19.02 -45.40
N PHE A 688 11.24 -19.27 -45.97
CA PHE A 688 10.34 -18.20 -46.37
C PHE A 688 9.13 -18.07 -45.46
N ALA A 689 8.93 -19.00 -44.53
CA ALA A 689 7.78 -18.95 -43.63
C ALA A 689 7.94 -17.83 -42.60
N ASN A 690 9.11 -17.76 -41.97
CA ASN A 690 9.46 -16.70 -41.01
C ASN A 690 8.50 -16.67 -39.82
N ARG A 691 8.19 -17.84 -39.26
CA ARG A 691 7.28 -17.93 -38.14
C ARG A 691 7.91 -17.43 -36.85
N ASN A 692 7.07 -16.98 -35.94
CA ASN A 692 7.50 -16.56 -34.60
C ASN A 692 7.05 -17.58 -33.56
N PHE A 693 7.45 -17.33 -32.31
CA PHE A 693 7.16 -18.24 -31.19
C PHE A 693 5.68 -18.51 -31.01
N MET A 694 4.82 -17.54 -31.28
CA MET A 694 3.39 -17.75 -31.09
C MET A 694 2.88 -18.80 -32.09
N GLN A 695 3.23 -18.63 -33.37
CA GLN A 695 2.93 -19.64 -34.37
C GLN A 695 3.65 -20.94 -34.07
N LEU A 696 4.95 -20.86 -33.71
CA LEU A 696 5.76 -22.07 -33.56
C LEU A 696 5.32 -22.92 -32.37
N ILE A 697 4.65 -22.34 -31.38
CA ILE A 697 4.03 -23.17 -30.35
C ILE A 697 2.58 -23.52 -30.68
N HIS A 698 1.94 -22.79 -31.59
CA HIS A 698 0.60 -23.16 -32.02
C HIS A 698 0.56 -23.71 -33.44
N ASP A 699 1.70 -24.15 -33.98
CA ASP A 699 1.72 -24.92 -35.21
C ASP A 699 1.85 -26.40 -34.86
N ASP A 700 0.95 -27.21 -35.42
CA ASP A 700 0.94 -28.65 -35.13
C ASP A 700 2.07 -29.37 -35.85
N SER A 701 2.60 -28.78 -36.94
CA SER A 701 3.63 -29.45 -37.74
C SER A 701 4.91 -29.66 -36.93
N LEU A 702 5.32 -28.68 -36.16
CA LEU A 702 6.46 -28.85 -35.27
C LEU A 702 6.07 -29.64 -34.03
N THR A 703 7.08 -30.17 -33.34
CA THR A 703 6.88 -31.04 -32.20
C THR A 703 6.88 -30.29 -30.87
N PHE A 704 6.69 -28.97 -30.89
CA PHE A 704 6.78 -28.18 -29.67
C PHE A 704 5.46 -28.17 -28.90
N LYS A 705 4.33 -28.25 -29.62
CA LYS A 705 3.02 -28.09 -29.00
C LYS A 705 2.71 -29.22 -28.03
N GLU A 706 2.93 -30.47 -28.46
CA GLU A 706 2.64 -31.59 -27.57
C GLU A 706 3.67 -31.70 -26.45
N ASP A 707 4.90 -31.20 -26.66
CA ASP A 707 5.85 -31.13 -25.57
C ASP A 707 5.39 -30.14 -24.50
N ILE A 708 4.89 -28.98 -24.92
CA ILE A 708 4.34 -28.00 -23.98
C ILE A 708 3.12 -28.59 -23.27
N GLN A 709 2.27 -29.31 -24.01
CA GLN A 709 1.09 -29.93 -23.41
C GLN A 709 1.45 -30.99 -22.38
N LYS A 710 2.48 -31.80 -22.67
CA LYS A 710 2.97 -32.77 -21.70
C LYS A 710 3.64 -32.10 -20.51
N ALA A 711 4.19 -30.90 -20.70
CA ALA A 711 4.81 -30.17 -19.60
C ALA A 711 3.80 -29.70 -18.56
N GLN A 712 2.52 -29.60 -18.91
CA GLN A 712 1.49 -29.17 -17.97
C GLN A 712 1.26 -30.23 -16.89
N ASP A 718 -10.09 -32.21 -5.95
CA ASP A 718 -9.21 -31.05 -5.75
C ASP A 718 -10.04 -29.83 -5.38
N SER A 719 -9.79 -29.28 -4.19
CA SER A 719 -10.65 -28.26 -3.61
C SER A 719 -10.45 -26.91 -4.29
N LEU A 720 -11.52 -26.11 -4.26
CA LEU A 720 -11.46 -24.74 -4.76
C LEU A 720 -10.51 -23.89 -3.94
N HIS A 721 -10.45 -24.15 -2.63
CA HIS A 721 -9.50 -23.47 -1.76
C HIS A 721 -8.06 -23.74 -2.17
N GLU A 722 -7.80 -24.91 -2.74
CA GLU A 722 -6.47 -25.16 -3.29
C GLU A 722 -6.29 -24.43 -4.62
N HIS A 723 -7.35 -24.35 -5.44
CA HIS A 723 -7.26 -23.58 -6.68
C HIS A 723 -7.07 -22.09 -6.43
N ILE A 724 -7.35 -21.60 -5.23
CA ILE A 724 -7.01 -20.22 -4.89
C ILE A 724 -5.77 -20.10 -4.00
N ALA A 725 -5.33 -21.19 -3.37
CA ALA A 725 -4.12 -21.13 -2.55
C ALA A 725 -2.87 -20.99 -3.40
N ASN A 726 -2.88 -21.56 -4.61
CA ASN A 726 -1.72 -21.50 -5.47
C ASN A 726 -1.62 -20.21 -6.26
N LEU A 727 -2.70 -19.44 -6.35
CA LEU A 727 -2.67 -18.18 -7.11
C LEU A 727 -2.07 -17.08 -6.25
N ALA A 728 -0.90 -16.60 -6.65
CA ALA A 728 -0.19 -15.58 -5.88
C ALA A 728 -0.75 -14.19 -6.18
N GLY A 729 -0.28 -13.22 -5.41
CA GLY A 729 -0.74 -11.85 -5.54
C GLY A 729 -1.28 -11.29 -4.24
N SER A 730 -2.10 -10.25 -4.34
CA SER A 730 -2.72 -9.67 -3.15
C SER A 730 -3.75 -10.64 -2.57
N PRO A 731 -3.80 -10.77 -1.24
CA PRO A 731 -4.84 -11.62 -0.63
C PRO A 731 -6.24 -11.02 -0.67
N ALA A 732 -6.38 -9.76 -1.07
CA ALA A 732 -7.70 -9.14 -1.15
C ALA A 732 -8.49 -9.56 -2.38
N ILE A 733 -7.84 -10.22 -3.35
CA ILE A 733 -8.59 -10.73 -4.49
C ILE A 733 -9.33 -12.02 -4.13
N LYS A 734 -8.81 -12.76 -3.13
CA LYS A 734 -9.37 -14.06 -2.81
C LYS A 734 -10.76 -13.94 -2.20
N LYS A 735 -11.03 -12.85 -1.48
CA LYS A 735 -12.35 -12.65 -0.90
C LYS A 735 -13.41 -12.51 -1.99
N GLY A 736 -13.17 -11.61 -2.94
CA GLY A 736 -14.12 -11.45 -4.04
C GLY A 736 -14.26 -12.70 -4.88
N ILE A 737 -13.14 -13.39 -5.13
CA ILE A 737 -13.17 -14.61 -5.94
C ILE A 737 -14.01 -15.69 -5.27
N LEU A 738 -13.72 -15.95 -3.99
CA LEU A 738 -14.43 -17.00 -3.27
C LEU A 738 -15.90 -16.68 -3.14
N GLN A 739 -16.23 -15.41 -2.88
CA GLN A 739 -17.64 -15.05 -2.72
C GLN A 739 -18.40 -15.23 -4.03
N THR A 740 -17.84 -14.78 -5.15
CA THR A 740 -18.60 -14.90 -6.40
C THR A 740 -18.68 -16.34 -6.89
N VAL A 741 -17.63 -17.15 -6.66
CA VAL A 741 -17.69 -18.54 -7.10
C VAL A 741 -18.67 -19.33 -6.24
N LYS A 742 -18.70 -19.08 -4.94
CA LYS A 742 -19.68 -19.75 -4.09
C LYS A 742 -21.10 -19.28 -4.40
N VAL A 743 -21.27 -18.02 -4.79
CA VAL A 743 -22.59 -17.53 -5.23
C VAL A 743 -23.04 -18.28 -6.48
N VAL A 744 -22.14 -18.45 -7.45
CA VAL A 744 -22.48 -19.18 -8.67
C VAL A 744 -22.81 -20.64 -8.36
N ASP A 745 -22.04 -21.26 -7.47
CA ASP A 745 -22.27 -22.66 -7.11
C ASP A 745 -23.64 -22.81 -6.45
N GLU A 746 -23.98 -21.91 -5.52
CA GLU A 746 -25.28 -22.01 -4.87
C GLU A 746 -26.42 -21.70 -5.82
N LEU A 747 -26.21 -20.78 -6.77
CA LEU A 747 -27.25 -20.49 -7.74
C LEU A 747 -27.49 -21.68 -8.67
N VAL A 748 -26.42 -22.41 -9.02
CA VAL A 748 -26.59 -23.65 -9.77
C VAL A 748 -27.35 -24.68 -8.93
N LYS A 749 -27.02 -24.77 -7.64
CA LYS A 749 -27.71 -25.72 -6.76
C LYS A 749 -29.19 -25.39 -6.61
N VAL A 750 -29.54 -24.10 -6.66
CA VAL A 750 -30.92 -23.66 -6.43
C VAL A 750 -31.84 -24.15 -7.54
N MET A 751 -31.38 -24.11 -8.78
CA MET A 751 -32.21 -24.46 -9.92
C MET A 751 -32.14 -25.93 -10.29
N GLY A 752 -31.94 -26.81 -9.31
CA GLY A 752 -31.97 -28.24 -9.55
C GLY A 752 -30.80 -28.77 -10.35
N ARG A 753 -29.59 -28.31 -10.05
CA ARG A 753 -28.33 -28.81 -10.62
C ARG A 753 -28.24 -28.62 -12.13
N HIS A 754 -29.04 -27.71 -12.69
CA HIS A 754 -29.03 -27.45 -14.12
C HIS A 754 -28.09 -26.30 -14.42
N LYS A 755 -27.10 -26.54 -15.26
CA LYS A 755 -26.12 -25.52 -15.59
C LYS A 755 -26.72 -24.42 -16.44
N PRO A 756 -26.26 -23.18 -16.30
CA PRO A 756 -26.81 -22.09 -17.09
C PRO A 756 -26.39 -22.15 -18.54
N GLU A 757 -27.12 -21.43 -19.38
CA GLU A 757 -26.70 -21.25 -20.77
C GLU A 757 -25.42 -20.43 -20.84
N ASN A 758 -25.40 -19.29 -20.16
CA ASN A 758 -24.24 -18.41 -20.23
C ASN A 758 -24.17 -17.58 -18.95
N ILE A 759 -22.95 -17.21 -18.57
CA ILE A 759 -22.69 -16.45 -17.35
C ILE A 759 -22.04 -15.14 -17.73
N VAL A 760 -22.60 -14.04 -17.23
CA VAL A 760 -22.19 -12.69 -17.61
C VAL A 760 -21.34 -12.09 -16.50
N ILE A 761 -20.15 -11.61 -16.86
CA ILE A 761 -19.18 -11.09 -15.92
C ILE A 761 -18.99 -9.60 -16.19
N GLU A 762 -19.09 -8.79 -15.14
CA GLU A 762 -18.77 -7.38 -15.25
C GLU A 762 -17.26 -7.19 -15.35
N MET A 763 -16.80 -6.67 -16.48
CA MET A 763 -15.38 -6.39 -16.70
C MET A 763 -15.13 -4.90 -16.55
N ALA A 764 -14.10 -4.56 -15.78
CA ALA A 764 -13.70 -3.17 -15.58
C ALA A 764 -12.83 -2.64 -16.71
N ARG A 765 -12.69 -3.38 -17.81
CA ARG A 765 -11.90 -2.92 -18.94
C ARG A 765 -12.66 -1.85 -19.72
N GLU A 766 -11.95 -1.24 -20.67
CA GLU A 766 -12.53 -0.14 -21.46
C GLU A 766 -11.90 -0.14 -22.84
N ASN A 767 -12.28 0.86 -23.64
CA ASN A 767 -11.68 1.11 -24.94
C ASN A 767 -11.66 2.61 -25.16
N GLN A 768 -10.49 3.18 -25.44
CA GLN A 768 -10.35 4.61 -25.66
C GLN A 768 -9.60 4.86 -26.97
N THR A 769 -9.50 6.14 -27.32
CA THR A 769 -8.92 6.55 -28.58
C THR A 769 -7.42 6.25 -28.60
N THR A 770 -6.89 6.01 -29.80
CA THR A 770 -5.46 5.78 -29.99
C THR A 770 -4.65 6.99 -29.53
N GLN A 771 -5.09 8.20 -29.91
CA GLN A 771 -4.40 9.41 -29.48
C GLN A 771 -4.47 9.60 -27.97
N LYS A 772 -5.64 9.33 -27.37
CA LYS A 772 -5.79 9.43 -25.92
C LYS A 772 -4.92 8.40 -25.20
N GLY A 773 -4.88 7.17 -25.71
CA GLY A 773 -4.06 6.14 -25.10
C GLY A 773 -2.57 6.43 -25.22
N GLN A 774 -2.14 6.97 -26.36
CA GLN A 774 -0.74 7.32 -26.53
C GLN A 774 -0.36 8.53 -25.68
N LYS A 775 -1.28 9.49 -25.50
CA LYS A 775 -1.03 10.62 -24.62
C LYS A 775 -0.93 10.17 -23.17
N ASN A 776 -1.76 9.19 -22.77
CA ASN A 776 -1.72 8.68 -21.41
C ASN A 776 -0.55 7.74 -21.17
N SER A 777 0.18 7.34 -22.21
CA SER A 777 1.27 6.37 -22.07
C SER A 777 2.58 6.89 -22.64
N ARG A 778 2.75 8.21 -22.72
CA ARG A 778 4.00 8.77 -23.21
C ARG A 778 5.08 8.67 -22.14
N GLU A 779 6.32 8.90 -22.57
CA GLU A 779 7.46 8.81 -21.66
C GLU A 779 7.45 9.96 -20.67
N ARG A 780 7.83 9.67 -19.42
CA ARG A 780 7.98 10.70 -18.40
C ARG A 780 9.18 11.61 -18.67
N MET A 781 10.15 11.13 -19.46
CA MET A 781 11.29 11.96 -19.85
C MET A 781 10.83 13.14 -20.68
N LYS A 782 9.88 12.91 -21.58
CA LYS A 782 9.28 14.01 -22.36
C LYS A 782 8.55 14.98 -21.45
N ARG A 783 7.84 14.47 -20.43
CA ARG A 783 7.16 15.35 -19.48
C ARG A 783 8.15 16.23 -18.73
N ILE A 784 9.27 15.65 -18.31
CA ILE A 784 10.32 16.42 -17.63
C ILE A 784 10.90 17.47 -18.57
N GLU A 785 11.07 17.11 -19.85
CA GLU A 785 11.63 18.04 -20.83
C GLU A 785 10.70 19.24 -21.05
N GLU A 786 9.41 18.98 -21.23
CA GLU A 786 8.47 20.10 -21.44
C GLU A 786 8.33 20.94 -20.18
N GLY A 787 8.35 20.32 -18.99
CA GLY A 787 8.27 21.10 -17.77
C GLY A 787 9.47 22.01 -17.56
N ILE A 788 10.67 21.47 -17.78
CA ILE A 788 11.89 22.26 -17.61
C ILE A 788 11.99 23.33 -18.69
N LYS A 789 11.58 23.01 -19.91
CA LYS A 789 11.60 24.00 -20.99
C LYS A 789 10.59 25.12 -20.73
N GLU A 790 9.42 24.78 -20.17
CA GLU A 790 8.46 25.81 -19.78
C GLU A 790 9.02 26.68 -18.66
N LEU A 791 9.73 26.09 -17.71
CA LEU A 791 10.35 26.88 -16.65
C LEU A 791 11.71 27.44 -17.03
N GLY A 792 12.31 26.98 -18.12
CA GLY A 792 13.61 27.49 -18.54
C GLY A 792 14.75 27.14 -17.61
N SER A 793 14.75 25.94 -17.04
CA SER A 793 15.80 25.51 -16.14
C SER A 793 16.92 24.82 -16.90
N GLN A 794 18.06 24.68 -16.24
CA GLN A 794 19.26 24.08 -16.83
C GLN A 794 19.77 22.91 -16.01
N ILE A 795 18.87 22.19 -15.33
CA ILE A 795 19.30 21.09 -14.49
C ILE A 795 19.70 19.88 -15.32
N LEU A 796 19.18 19.76 -16.55
CA LEU A 796 19.63 18.70 -17.44
C LEU A 796 21.00 18.97 -18.01
N LYS A 797 21.37 20.24 -18.18
CA LYS A 797 22.71 20.58 -18.64
C LYS A 797 23.75 20.17 -17.60
N GLU A 798 23.48 20.43 -16.32
CA GLU A 798 24.40 20.02 -15.26
C GLU A 798 24.29 18.53 -14.98
N HIS A 799 23.08 17.98 -15.00
CA HIS A 799 22.82 16.59 -14.64
C HIS A 799 22.05 15.90 -15.76
N PRO A 800 22.75 15.35 -16.75
CA PRO A 800 22.07 14.62 -17.82
C PRO A 800 21.44 13.33 -17.32
N VAL A 801 20.41 12.87 -18.02
CA VAL A 801 19.66 11.68 -17.61
C VAL A 801 18.99 11.11 -18.85
N GLU A 802 18.64 9.83 -18.80
CA GLU A 802 17.88 9.15 -19.83
C GLU A 802 16.51 8.76 -19.29
N ASN A 803 15.68 8.19 -20.17
CA ASN A 803 14.34 7.76 -19.76
C ASN A 803 14.40 6.57 -18.81
N THR A 804 15.30 5.62 -19.07
CA THR A 804 15.36 4.42 -18.25
C THR A 804 15.92 4.68 -16.85
N GLN A 805 16.61 5.80 -16.65
CA GLN A 805 17.10 6.17 -15.34
C GLN A 805 16.03 6.82 -14.47
N LEU A 806 14.90 7.20 -15.05
CA LEU A 806 13.80 7.80 -14.30
C LEU A 806 12.86 6.77 -13.69
N GLN A 807 13.15 5.48 -13.87
CA GLN A 807 12.36 4.44 -13.21
C GLN A 807 12.53 4.47 -11.70
N ASN A 808 13.67 4.99 -11.22
CA ASN A 808 13.86 5.17 -9.79
C ASN A 808 12.91 6.23 -9.25
N GLU A 809 12.34 5.95 -8.07
CA GLU A 809 11.37 6.84 -7.46
C GLU A 809 12.00 8.16 -7.04
N LYS A 810 13.12 8.09 -6.31
CA LYS A 810 13.73 9.28 -5.73
C LYS A 810 14.30 10.21 -6.80
N LEU A 811 14.95 9.63 -7.82
CA LEU A 811 15.48 10.45 -8.90
C LEU A 811 14.36 11.12 -9.70
N TYR A 812 13.27 10.39 -9.94
CA TYR A 812 12.13 10.96 -10.67
C TYR A 812 11.49 12.10 -9.88
N LEU A 813 11.36 11.94 -8.56
CA LEU A 813 10.79 13.01 -7.76
C LEU A 813 11.75 14.18 -7.60
N TYR A 814 13.07 13.91 -7.59
CA TYR A 814 14.06 14.98 -7.58
C TYR A 814 14.00 15.80 -8.87
N TYR A 815 13.83 15.12 -10.00
CA TYR A 815 13.75 15.81 -11.28
C TYR A 815 12.40 16.50 -11.48
N LEU A 816 11.35 15.99 -10.83
CA LEU A 816 10.04 16.61 -10.94
C LEU A 816 9.98 17.94 -10.19
N GLN A 817 10.74 18.07 -9.11
CA GLN A 817 10.78 19.29 -8.30
C GLN A 817 11.89 20.23 -8.73
N ASN A 818 12.57 19.94 -9.84
CA ASN A 818 13.66 20.75 -10.40
C ASN A 818 14.81 20.90 -9.39
N GLY A 819 15.12 19.80 -8.70
CA GLY A 819 16.26 19.78 -7.80
C GLY A 819 16.17 20.64 -6.57
N ARG A 820 14.97 21.12 -6.23
CA ARG A 820 14.76 21.94 -5.05
C ARG A 820 13.78 21.25 -4.12
N ASP A 821 14.07 21.31 -2.82
CA ASP A 821 13.20 20.68 -1.84
C ASP A 821 11.86 21.40 -1.78
N MET A 822 10.79 20.62 -1.61
CA MET A 822 9.44 21.15 -1.68
C MET A 822 9.00 21.83 -0.39
N TYR A 823 9.60 21.47 0.74
CA TYR A 823 9.21 22.01 2.04
C TYR A 823 10.20 23.01 2.62
N VAL A 824 11.45 22.99 2.18
CA VAL A 824 12.45 23.95 2.62
C VAL A 824 13.12 24.53 1.37
N ASP A 825 13.26 25.86 1.35
CA ASP A 825 13.81 26.56 0.18
C ASP A 825 15.31 26.34 0.14
N GLN A 826 15.70 25.20 -0.43
CA GLN A 826 17.11 24.87 -0.60
C GLN A 826 17.27 23.94 -1.79
N GLU A 827 18.48 23.92 -2.35
CA GLU A 827 18.81 23.03 -3.44
C GLU A 827 19.12 21.64 -2.90
N LEU A 828 18.55 20.61 -3.52
CA LEU A 828 18.81 19.24 -3.10
C LEU A 828 20.10 18.74 -3.71
N ASP A 829 20.61 17.64 -3.15
CA ASP A 829 21.82 17.00 -3.63
C ASP A 829 21.43 15.71 -4.36
N ILE A 830 21.83 15.60 -5.63
CA ILE A 830 21.47 14.44 -6.44
C ILE A 830 22.20 13.18 -5.96
N ASN A 831 23.41 13.33 -5.42
CA ASN A 831 24.22 12.18 -5.03
C ASN A 831 23.95 11.69 -3.62
N ARG A 832 23.07 12.36 -2.87
CA ARG A 832 22.72 11.94 -1.52
C ARG A 832 21.21 11.87 -1.35
N LEU A 833 20.53 11.27 -2.33
CA LEU A 833 19.08 11.08 -2.25
C LEU A 833 18.67 10.09 -1.17
N SER A 834 19.58 9.23 -0.73
CA SER A 834 19.25 8.25 0.30
C SER A 834 18.92 8.91 1.63
N ASP A 835 19.57 10.05 1.91
CA ASP A 835 19.27 10.79 3.14
C ASP A 835 17.98 11.59 3.07
N TYR A 836 17.34 11.66 1.90
CA TYR A 836 16.06 12.35 1.76
C TYR A 836 14.91 11.36 1.82
N ASP A 837 13.74 11.87 2.23
CA ASP A 837 12.55 11.05 2.45
C ASP A 837 11.47 11.39 1.43
N VAL A 838 10.74 10.36 0.99
CA VAL A 838 9.60 10.54 0.10
C VAL A 838 8.36 10.74 0.98
N ASP A 839 7.97 11.99 1.15
CA ASP A 839 6.76 12.29 1.90
C ASP A 839 5.51 12.06 1.06
N HIS A 840 4.46 11.59 1.72
CA HIS A 840 3.12 11.57 1.15
C HIS A 840 2.37 12.77 1.72
N ILE A 841 1.84 13.62 0.83
CA ILE A 841 1.22 14.88 1.27
C ILE A 841 0.00 14.57 2.13
N VAL A 842 -0.90 13.74 1.63
CA VAL A 842 -1.96 13.16 2.44
C VAL A 842 -1.31 11.99 3.20
N PRO A 843 -1.38 11.98 4.53
CA PRO A 843 -0.67 10.96 5.31
C PRO A 843 -1.17 9.55 5.02
N GLN A 844 -0.23 8.59 5.06
CA GLN A 844 -0.59 7.18 4.90
C GLN A 844 -1.43 6.68 6.07
N SER A 845 -1.29 7.30 7.25
CA SER A 845 -2.14 6.95 8.38
C SER A 845 -3.58 7.40 8.15
N PHE A 846 -3.79 8.41 7.30
CA PHE A 846 -5.13 8.93 7.03
C PHE A 846 -5.83 8.16 5.91
N LEU A 847 -5.16 7.99 4.77
CA LEU A 847 -5.78 7.36 3.61
C LEU A 847 -4.69 6.71 2.76
N LYS A 848 -5.01 5.55 2.20
CA LYS A 848 -4.08 4.83 1.32
C LYS A 848 -4.05 5.51 -0.04
N ASP A 849 -2.93 6.17 -0.35
CA ASP A 849 -2.76 6.83 -1.64
C ASP A 849 -1.26 6.93 -1.90
N ASP A 850 -0.75 6.06 -2.77
CA ASP A 850 0.65 6.08 -3.18
C ASP A 850 0.84 6.64 -4.59
N SER A 851 -0.06 7.51 -5.03
CA SER A 851 0.03 8.08 -6.37
C SER A 851 1.18 9.09 -6.45
N ILE A 852 1.52 9.45 -7.69
CA ILE A 852 2.50 10.51 -7.95
C ILE A 852 1.98 11.84 -7.42
N ASP A 853 0.66 12.05 -7.48
CA ASP A 853 0.04 13.27 -6.97
C ASP A 853 0.22 13.43 -5.46
N ASN A 854 0.58 12.37 -4.74
CA ASN A 854 0.79 12.42 -3.30
C ASN A 854 2.25 12.37 -2.89
N LYS A 855 3.11 11.75 -3.70
CA LYS A 855 4.51 11.55 -3.32
C LYS A 855 5.33 12.82 -3.53
N VAL A 856 6.09 13.19 -2.51
CA VAL A 856 6.99 14.35 -2.55
C VAL A 856 8.33 13.97 -1.92
N LEU A 857 9.42 14.20 -2.64
CA LEU A 857 10.75 14.06 -2.08
C LEU A 857 11.11 15.29 -1.25
N THR A 858 11.61 15.07 -0.04
CA THR A 858 11.98 16.16 0.85
C THR A 858 13.11 15.70 1.77
N ARG A 859 13.74 16.67 2.42
CA ARG A 859 14.81 16.37 3.37
C ARG A 859 14.22 15.68 4.60
N SER A 860 15.05 14.86 5.25
CA SER A 860 14.55 13.82 6.15
C SER A 860 13.85 14.39 7.37
N ASP A 861 14.44 15.43 8.00
CA ASP A 861 13.95 15.90 9.29
C ASP A 861 12.54 16.49 9.20
N LYS A 862 12.25 17.17 8.09
CA LYS A 862 10.91 17.71 7.87
C LYS A 862 9.87 16.59 7.79
N ASN A 863 10.19 15.54 7.05
CA ASN A 863 9.28 14.39 6.95
C ASN A 863 9.16 13.64 8.27
N ARG A 864 10.23 13.60 9.06
CA ARG A 864 10.14 13.05 10.41
C ARG A 864 9.19 13.89 11.27
N GLY A 865 9.18 15.21 11.05
CA GLY A 865 8.27 16.08 11.76
C GLY A 865 6.83 15.98 11.31
N LYS A 866 6.59 15.55 10.07
CA LYS A 866 5.22 15.47 9.54
C LYS A 866 4.59 14.11 9.86
N SER A 867 4.48 13.83 11.16
CA SER A 867 3.84 12.61 11.63
C SER A 867 2.32 12.82 11.69
N ASP A 868 1.59 12.09 10.84
CA ASP A 868 0.12 12.08 10.81
C ASP A 868 -0.45 13.48 10.60
N ASN A 869 0.10 14.20 9.62
CA ASN A 869 -0.36 15.55 9.36
C ASN A 869 -0.05 15.95 7.91
N VAL A 870 -0.94 16.77 7.36
CA VAL A 870 -0.70 17.55 6.14
C VAL A 870 0.35 18.58 6.52
N PRO A 871 1.24 18.98 5.61
CA PRO A 871 2.17 20.08 5.93
C PRO A 871 1.43 21.36 6.28
N SER A 872 1.98 22.08 7.27
CA SER A 872 1.26 23.10 8.00
C SER A 872 1.01 24.34 7.15
N GLU A 873 0.34 25.33 7.76
CA GLU A 873 -0.03 26.54 7.03
C GLU A 873 1.20 27.37 6.66
N GLU A 874 2.22 27.36 7.52
CA GLU A 874 3.38 28.23 7.35
C GLU A 874 4.15 27.90 6.08
N VAL A 875 4.34 26.60 5.78
CA VAL A 875 5.06 26.25 4.56
C VAL A 875 4.21 26.57 3.33
N VAL A 876 2.88 26.53 3.45
CA VAL A 876 2.01 26.94 2.34
C VAL A 876 2.18 28.43 2.04
N LYS A 877 2.16 29.27 3.09
CA LYS A 877 2.38 30.69 2.88
C LYS A 877 3.80 31.00 2.42
N LYS A 878 4.77 30.16 2.81
CA LYS A 878 6.14 30.38 2.39
C LYS A 878 6.34 30.06 0.92
N MET A 879 5.84 28.90 0.47
CA MET A 879 6.20 28.35 -0.83
C MET A 879 4.98 28.16 -1.73
N LYS A 880 3.94 28.96 -1.54
CA LYS A 880 2.79 28.89 -2.45
C LYS A 880 3.15 29.38 -3.85
N ASN A 881 4.09 30.33 -3.94
CA ASN A 881 4.53 30.83 -5.24
C ASN A 881 5.23 29.74 -6.05
N TYR A 882 6.08 28.95 -5.39
CA TYR A 882 6.79 27.88 -6.09
C TYR A 882 5.86 26.75 -6.50
N TRP A 883 4.83 26.47 -5.70
CA TRP A 883 3.84 25.47 -6.06
C TRP A 883 3.06 25.88 -7.31
N ARG A 884 2.67 27.16 -7.38
CA ARG A 884 2.03 27.68 -8.59
C ARG A 884 3.00 27.65 -9.77
N GLN A 885 4.28 27.96 -9.51
CA GLN A 885 5.29 27.96 -10.56
C GLN A 885 5.45 26.57 -11.18
N LEU A 886 5.45 25.54 -10.36
CA LEU A 886 5.48 24.17 -10.88
C LEU A 886 4.12 23.71 -11.41
N LEU A 887 3.02 24.30 -10.95
CA LEU A 887 1.70 23.90 -11.43
C LEU A 887 1.47 24.39 -12.86
N ASN A 888 1.81 25.63 -13.16
CA ASN A 888 1.68 26.13 -14.52
C ASN A 888 2.77 25.63 -15.45
N ALA A 889 3.77 24.93 -14.93
CA ALA A 889 4.80 24.32 -15.75
C ALA A 889 4.45 22.90 -16.19
N LYS A 890 3.23 22.43 -15.86
CA LYS A 890 2.75 21.08 -16.16
C LYS A 890 3.65 19.99 -15.60
N LEU A 891 4.26 20.25 -14.44
CA LEU A 891 5.05 19.25 -13.74
C LEU A 891 4.27 18.57 -12.62
N ILE A 892 3.44 19.32 -11.91
CA ILE A 892 2.54 18.78 -10.90
C ILE A 892 1.11 19.08 -11.33
N THR A 893 0.20 18.17 -10.98
CA THR A 893 -1.19 18.28 -11.40
C THR A 893 -1.95 19.21 -10.45
N GLN A 894 -3.22 19.47 -10.79
CA GLN A 894 -4.08 20.27 -9.93
C GLN A 894 -4.41 19.55 -8.63
N ARG A 895 -4.54 18.21 -8.68
CA ARG A 895 -4.79 17.44 -7.47
C ARG A 895 -3.59 17.50 -6.52
N LYS A 896 -2.38 17.49 -7.07
CA LYS A 896 -1.18 17.63 -6.24
C LYS A 896 -1.12 19.00 -5.58
N PHE A 897 -1.49 20.04 -6.32
CA PHE A 897 -1.54 21.40 -5.74
C PHE A 897 -2.61 21.49 -4.66
N ASP A 898 -3.77 20.85 -4.88
CA ASP A 898 -4.82 20.85 -3.87
C ASP A 898 -4.42 20.09 -2.63
N ASN A 899 -3.66 19.00 -2.79
CA ASN A 899 -3.11 18.28 -1.65
C ASN A 899 -2.12 19.15 -0.89
N LEU A 900 -1.23 19.83 -1.61
CA LEU A 900 -0.25 20.71 -0.97
C LEU A 900 -0.92 21.88 -0.28
N THR A 901 -1.97 22.44 -0.89
CA THR A 901 -2.72 23.55 -0.31
C THR A 901 -3.96 23.08 0.46
N LYS A 902 -3.93 21.87 1.01
CA LYS A 902 -5.07 21.36 1.76
C LYS A 902 -5.25 22.10 3.09
N ALA A 903 -4.15 22.57 3.68
CA ALA A 903 -4.22 23.27 4.96
C ALA A 903 -4.94 24.60 4.87
N GLU A 904 -5.03 25.19 3.67
CA GLU A 904 -5.77 26.44 3.50
C GLU A 904 -7.28 26.23 3.63
N ARG A 905 -7.77 25.01 3.41
CA ARG A 905 -9.19 24.71 3.47
C ARG A 905 -9.55 23.90 4.72
N GLY A 906 -8.72 23.95 5.74
CA GLY A 906 -8.97 23.23 6.98
C GLY A 906 -8.22 21.93 7.13
N GLY A 907 -7.40 21.55 6.15
CA GLY A 907 -6.65 20.31 6.25
C GLY A 907 -7.55 19.09 6.09
N LEU A 908 -7.20 18.02 6.80
CA LEU A 908 -7.97 16.79 6.77
C LEU A 908 -9.34 16.99 7.43
N SER A 909 -10.33 16.29 6.89
CA SER A 909 -11.69 16.35 7.40
C SER A 909 -12.38 15.03 7.04
N GLU A 910 -13.64 14.91 7.48
CA GLU A 910 -14.41 13.70 7.18
C GLU A 910 -14.75 13.61 5.69
N LEU A 911 -14.90 14.74 5.02
CA LEU A 911 -15.21 14.74 3.59
C LEU A 911 -14.02 14.26 2.78
N ASP A 912 -12.80 14.55 3.23
CA ASP A 912 -11.61 14.05 2.55
C ASP A 912 -11.47 12.54 2.69
N LYS A 913 -11.99 11.99 3.80
CA LYS A 913 -11.91 10.54 4.03
C LYS A 913 -12.74 9.77 3.00
N ALA A 914 -13.84 10.34 2.52
CA ALA A 914 -14.75 9.66 1.62
C ALA A 914 -14.19 9.62 0.20
N GLY A 915 -14.93 8.96 -0.68
CA GLY A 915 -14.52 8.81 -2.08
C GLY A 915 -13.76 7.51 -2.32
N PHE A 916 -13.91 7.00 -3.53
CA PHE A 916 -13.22 5.78 -3.95
C PHE A 916 -11.73 6.02 -4.19
N ILE A 917 -10.94 4.95 -4.05
CA ILE A 917 -9.50 4.99 -4.31
C ILE A 917 -9.15 3.94 -5.37
N LYS A 918 -8.05 4.20 -6.09
CA LYS A 918 -7.65 3.39 -7.23
C LYS A 918 -7.20 1.98 -6.86
N ARG A 919 -6.91 1.74 -5.58
CA ARG A 919 -6.52 0.39 -5.16
C ARG A 919 -7.68 -0.58 -5.33
N GLN A 920 -8.90 -0.13 -5.02
CA GLN A 920 -10.09 -0.94 -5.27
C GLN A 920 -10.26 -1.23 -6.76
N LEU A 921 -9.92 -0.27 -7.62
CA LEU A 921 -9.97 -0.50 -9.06
C LEU A 921 -9.00 -1.58 -9.50
N VAL A 922 -7.75 -1.50 -9.03
CA VAL A 922 -6.74 -2.48 -9.42
C VAL A 922 -7.11 -3.88 -8.91
N GLU A 923 -7.56 -3.95 -7.66
CA GLU A 923 -7.97 -5.22 -7.08
C GLU A 923 -9.19 -5.79 -7.80
N THR A 924 -10.17 -4.94 -8.14
CA THR A 924 -11.35 -5.46 -8.82
C THR A 924 -11.04 -5.89 -10.25
N ARG A 925 -10.06 -5.26 -10.92
CA ARG A 925 -9.64 -5.76 -12.23
C ARG A 925 -9.01 -7.15 -12.10
N GLN A 926 -8.14 -7.33 -11.10
CA GLN A 926 -7.57 -8.66 -10.84
C GLN A 926 -8.65 -9.67 -10.52
N ILE A 927 -9.64 -9.27 -9.71
CA ILE A 927 -10.72 -10.18 -9.31
C ILE A 927 -11.54 -10.62 -10.52
N THR A 928 -11.95 -9.67 -11.37
CA THR A 928 -12.77 -10.05 -12.53
C THR A 928 -12.00 -10.89 -13.53
N LYS A 929 -10.70 -10.65 -13.70
CA LYS A 929 -9.90 -11.52 -14.57
C LYS A 929 -9.86 -12.95 -14.02
N HIS A 930 -9.62 -13.09 -12.71
CA HIS A 930 -9.65 -14.42 -12.11
C HIS A 930 -11.05 -15.02 -12.13
N VAL A 931 -12.09 -14.18 -12.09
CA VAL A 931 -13.47 -14.65 -12.23
C VAL A 931 -13.65 -15.35 -13.56
N ALA A 932 -13.20 -14.69 -14.64
CA ALA A 932 -13.31 -15.28 -15.97
C ALA A 932 -12.57 -16.59 -16.06
N GLN A 933 -11.34 -16.63 -15.54
CA GLN A 933 -10.53 -17.85 -15.62
C GLN A 933 -11.15 -19.00 -14.84
N ILE A 934 -11.49 -18.78 -13.57
CA ILE A 934 -11.98 -19.87 -12.72
C ILE A 934 -13.37 -20.32 -13.14
N LEU A 935 -14.23 -19.39 -13.56
CA LEU A 935 -15.56 -19.79 -14.00
C LEU A 935 -15.51 -20.58 -15.29
N ASP A 936 -14.65 -20.18 -16.24
CA ASP A 936 -14.51 -20.95 -17.47
C ASP A 936 -13.93 -22.33 -17.20
N SER A 937 -13.01 -22.42 -16.23
CA SER A 937 -12.45 -23.74 -15.89
C SER A 937 -13.49 -24.62 -15.21
N ARG A 938 -14.25 -24.08 -14.25
CA ARG A 938 -15.14 -24.90 -13.45
C ARG A 938 -16.41 -25.31 -14.20
N MET A 939 -16.97 -24.41 -15.01
CA MET A 939 -18.32 -24.66 -15.53
C MET A 939 -18.32 -25.74 -16.60
N ASN A 940 -17.37 -25.70 -17.53
CA ASN A 940 -17.25 -26.69 -18.59
C ASN A 940 -16.19 -27.70 -18.16
N THR A 941 -16.62 -28.87 -17.72
CA THR A 941 -15.73 -29.91 -17.22
C THR A 941 -15.70 -31.14 -18.12
N LYS A 942 -16.07 -30.98 -19.39
CA LYS A 942 -16.12 -32.09 -20.33
C LYS A 942 -15.40 -31.73 -21.61
N TYR A 943 -14.84 -32.75 -22.26
CA TYR A 943 -14.10 -32.57 -23.50
C TYR A 943 -14.13 -33.87 -24.29
N ASP A 944 -13.69 -33.78 -25.55
CA ASP A 944 -13.68 -34.92 -26.45
C ASP A 944 -12.28 -35.11 -27.03
N GLU A 945 -12.13 -36.18 -27.82
CA GLU A 945 -10.86 -36.46 -28.46
C GLU A 945 -10.57 -35.46 -29.58
N ASN A 946 -11.60 -35.02 -30.29
CA ASN A 946 -11.45 -34.04 -31.35
C ASN A 946 -11.81 -32.63 -30.92
N ASP A 947 -12.73 -32.49 -29.97
CA ASP A 947 -13.13 -31.19 -29.43
C ASP A 947 -12.43 -30.99 -28.09
N LYS A 948 -11.60 -29.94 -28.01
CA LYS A 948 -10.74 -29.76 -26.84
C LYS A 948 -11.51 -29.39 -25.58
N LEU A 949 -12.70 -28.81 -25.72
CA LEU A 949 -13.54 -28.48 -24.56
C LEU A 949 -14.96 -28.26 -25.06
N ILE A 950 -15.92 -28.89 -24.40
CA ILE A 950 -17.33 -28.70 -24.74
C ILE A 950 -17.81 -27.43 -24.06
N ARG A 951 -18.13 -26.41 -24.86
CA ARG A 951 -18.61 -25.13 -24.34
C ARG A 951 -20.07 -25.27 -23.91
N GLU A 952 -20.25 -25.92 -22.76
CA GLU A 952 -21.59 -26.05 -22.19
C GLU A 952 -22.10 -24.72 -21.67
N VAL A 953 -21.25 -23.98 -20.97
CA VAL A 953 -21.60 -22.67 -20.41
C VAL A 953 -20.66 -21.64 -21.01
N LYS A 954 -21.21 -20.52 -21.47
CA LYS A 954 -20.44 -19.48 -22.15
C LYS A 954 -20.21 -18.32 -21.20
N VAL A 955 -18.98 -18.19 -20.71
CA VAL A 955 -18.64 -17.07 -19.84
C VAL A 955 -18.46 -15.83 -20.70
N ILE A 956 -19.24 -14.79 -20.40
CA ILE A 956 -19.30 -13.57 -21.21
C ILE A 956 -18.86 -12.40 -20.35
N THR A 957 -17.95 -11.58 -20.88
CA THR A 957 -17.44 -10.42 -20.16
C THR A 957 -17.77 -9.15 -20.94
N LEU A 958 -18.78 -8.41 -20.49
CA LEU A 958 -19.07 -7.09 -21.03
C LEU A 958 -18.29 -6.02 -20.28
N LYS A 959 -18.11 -4.89 -20.94
CA LYS A 959 -17.45 -3.74 -20.34
C LYS A 959 -18.50 -2.82 -19.71
N SER A 960 -18.09 -2.08 -18.69
CA SER A 960 -19.01 -1.24 -17.92
C SER A 960 -19.60 -0.11 -18.75
N LYS A 961 -18.94 0.27 -19.85
CA LYS A 961 -19.41 1.36 -20.69
C LYS A 961 -20.77 1.05 -21.31
N LEU A 962 -20.95 -0.19 -21.78
CA LEU A 962 -22.21 -0.55 -22.44
C LEU A 962 -23.38 -0.53 -21.45
N VAL A 963 -23.17 -1.03 -20.24
CA VAL A 963 -24.23 -1.01 -19.23
C VAL A 963 -24.51 0.42 -18.78
N SER A 964 -23.46 1.24 -18.65
CA SER A 964 -23.65 2.64 -18.30
C SER A 964 -24.45 3.38 -19.37
N ASP A 965 -24.15 3.11 -20.64
CA ASP A 965 -24.90 3.74 -21.73
C ASP A 965 -26.33 3.22 -21.79
N PHE A 966 -26.53 1.93 -21.48
CA PHE A 966 -27.88 1.38 -21.41
C PHE A 966 -28.70 2.06 -20.32
N ARG A 967 -28.07 2.32 -19.17
CA ARG A 967 -28.74 3.03 -18.09
C ARG A 967 -29.03 4.47 -18.49
N LYS A 968 -28.10 5.13 -19.16
CA LYS A 968 -28.23 6.55 -19.47
C LYS A 968 -29.06 6.82 -20.72
N ASP A 969 -29.40 5.79 -21.50
CA ASP A 969 -30.16 6.00 -22.72
C ASP A 969 -31.63 5.62 -22.62
N PHE A 970 -32.00 4.77 -21.65
CA PHE A 970 -33.39 4.35 -21.50
C PHE A 970 -33.93 4.70 -20.12
N GLN A 971 -33.37 5.75 -19.50
CA GLN A 971 -33.82 6.31 -18.23
C GLN A 971 -33.82 5.29 -17.09
N PHE A 972 -32.89 4.33 -17.13
CA PHE A 972 -32.72 3.39 -16.03
C PHE A 972 -31.58 3.86 -15.12
N TYR A 973 -31.79 5.03 -14.53
CA TYR A 973 -30.75 5.68 -13.75
C TYR A 973 -30.55 4.98 -12.42
N LYS A 974 -29.32 5.03 -11.94
CA LYS A 974 -28.99 4.54 -10.60
C LYS A 974 -28.31 5.64 -9.81
N VAL A 975 -28.57 5.65 -8.51
CA VAL A 975 -27.81 6.42 -7.54
C VAL A 975 -27.41 5.48 -6.41
N ARG A 976 -26.18 5.61 -5.93
CA ARG A 976 -25.68 4.69 -4.93
C ARG A 976 -26.07 5.09 -3.52
N GLU A 977 -26.62 6.28 -3.33
CA GLU A 977 -26.93 6.79 -2.01
C GLU A 977 -28.20 6.20 -1.40
N ILE A 978 -29.11 5.68 -2.22
CA ILE A 978 -30.42 5.28 -1.73
C ILE A 978 -30.40 3.92 -1.06
N ASN A 979 -29.90 2.90 -1.75
CA ASN A 979 -29.92 1.54 -1.22
C ASN A 979 -28.84 0.71 -1.92
N ASN A 980 -28.68 -0.51 -1.43
CA ASN A 980 -27.75 -1.46 -2.01
C ASN A 980 -28.37 -2.28 -3.13
N TYR A 981 -29.55 -1.88 -3.61
CA TYR A 981 -30.20 -2.59 -4.70
C TYR A 981 -29.50 -2.37 -6.04
N HIS A 982 -28.65 -1.34 -6.14
CA HIS A 982 -28.03 -1.01 -7.42
C HIS A 982 -27.06 -2.10 -7.87
N HIS A 983 -26.44 -2.83 -6.94
CA HIS A 983 -25.58 -3.94 -7.32
C HIS A 983 -26.37 -5.02 -8.03
N ALA A 984 -27.52 -5.41 -7.47
CA ALA A 984 -28.34 -6.44 -8.09
C ALA A 984 -28.95 -5.95 -9.40
N HIS A 985 -29.34 -4.68 -9.46
CA HIS A 985 -29.86 -4.11 -10.69
C HIS A 985 -28.80 -4.08 -11.78
N ASP A 986 -27.56 -3.73 -11.43
CA ASP A 986 -26.48 -3.76 -12.40
C ASP A 986 -26.17 -5.19 -12.86
N ALA A 987 -26.25 -6.16 -11.95
CA ALA A 987 -26.04 -7.55 -12.33
C ALA A 987 -27.12 -8.02 -13.29
N TYR A 988 -28.38 -7.65 -13.03
CA TYR A 988 -29.47 -8.03 -13.91
C TYR A 988 -29.35 -7.37 -15.27
N LEU A 989 -28.93 -6.10 -15.30
CA LEU A 989 -28.72 -5.41 -16.57
C LEU A 989 -27.55 -6.03 -17.34
N ASN A 990 -26.51 -6.44 -16.62
CA ASN A 990 -25.41 -7.20 -17.22
C ASN A 990 -25.93 -8.44 -17.92
N ALA A 991 -26.76 -9.22 -17.22
CA ALA A 991 -27.31 -10.45 -17.79
C ALA A 991 -28.17 -10.16 -19.02
N VAL A 992 -29.02 -9.14 -18.93
CA VAL A 992 -29.94 -8.84 -20.02
C VAL A 992 -29.19 -8.38 -21.26
N VAL A 993 -28.25 -7.44 -21.09
CA VAL A 993 -27.49 -6.91 -22.21
C VAL A 993 -26.60 -8.01 -22.81
N GLY A 994 -26.01 -8.86 -21.98
CA GLY A 994 -25.17 -9.92 -22.50
C GLY A 994 -25.94 -10.95 -23.30
N THR A 995 -27.10 -11.38 -22.79
CA THR A 995 -27.91 -12.34 -23.53
C THR A 995 -28.42 -11.74 -24.83
N ALA A 996 -28.86 -10.47 -24.79
CA ALA A 996 -29.32 -9.82 -26.01
C ALA A 996 -28.19 -9.68 -27.03
N LEU A 997 -26.97 -9.39 -26.56
CA LEU A 997 -25.86 -9.20 -27.48
C LEU A 997 -25.40 -10.51 -28.10
N ILE A 998 -25.38 -11.60 -27.33
CA ILE A 998 -24.96 -12.87 -27.92
C ILE A 998 -26.05 -13.41 -28.84
N LYS A 999 -27.32 -13.18 -28.51
CA LYS A 999 -28.40 -13.68 -29.36
C LYS A 999 -28.51 -12.87 -30.64
N LYS A 1000 -28.29 -11.56 -30.57
CA LYS A 1000 -28.46 -10.72 -31.75
C LYS A 1000 -27.34 -10.92 -32.77
N TYR A 1001 -26.10 -11.09 -32.30
CA TYR A 1001 -24.94 -11.25 -33.18
C TYR A 1001 -24.18 -12.52 -32.79
N PRO A 1002 -24.58 -13.68 -33.31
CA PRO A 1002 -23.80 -14.90 -33.07
C PRO A 1002 -22.42 -14.90 -33.71
N LYS A 1003 -22.16 -14.03 -34.69
CA LYS A 1003 -20.82 -13.90 -35.23
C LYS A 1003 -19.88 -13.16 -34.30
N LEU A 1004 -20.41 -12.47 -33.29
CA LEU A 1004 -19.61 -11.85 -32.25
C LEU A 1004 -19.54 -12.71 -30.99
N GLU A 1005 -19.98 -13.97 -31.08
CA GLU A 1005 -19.84 -14.91 -29.97
C GLU A 1005 -18.38 -15.11 -29.60
N SER A 1006 -17.52 -15.31 -30.61
CA SER A 1006 -16.11 -15.52 -30.35
C SER A 1006 -15.40 -14.28 -29.85
N GLU A 1007 -15.96 -13.10 -30.09
CA GLU A 1007 -15.39 -11.86 -29.58
C GLU A 1007 -15.65 -11.69 -28.09
N PHE A 1008 -16.84 -12.01 -27.62
CA PHE A 1008 -17.27 -11.69 -26.27
C PHE A 1008 -17.18 -12.85 -25.29
N VAL A 1009 -17.27 -14.09 -25.76
CA VAL A 1009 -17.17 -15.24 -24.88
C VAL A 1009 -15.70 -15.52 -24.60
N TYR A 1010 -15.37 -15.70 -23.32
CA TYR A 1010 -13.99 -15.96 -22.93
C TYR A 1010 -13.51 -17.29 -23.49
N GLY A 1011 -12.22 -17.33 -23.85
CA GLY A 1011 -11.60 -18.50 -24.42
C GLY A 1011 -11.63 -18.56 -25.93
N ASP A 1012 -12.31 -17.63 -26.59
CA ASP A 1012 -12.41 -17.60 -28.04
C ASP A 1012 -11.87 -16.28 -28.58
N TYR A 1013 -11.53 -16.29 -29.86
CA TYR A 1013 -10.91 -15.15 -30.53
C TYR A 1013 -11.34 -15.15 -32.00
N LYS A 1014 -11.35 -13.96 -32.59
CA LYS A 1014 -11.85 -13.82 -33.96
C LYS A 1014 -10.86 -14.33 -35.00
N VAL A 1015 -9.58 -14.42 -34.66
CA VAL A 1015 -8.57 -14.85 -35.62
C VAL A 1015 -8.42 -16.37 -35.64
N ILE A 1029 -6.96 5.57 -39.65
CA ILE A 1029 -7.55 5.48 -38.32
C ILE A 1029 -6.80 4.40 -37.51
N GLY A 1030 -6.70 4.60 -36.20
CA GLY A 1030 -6.03 3.63 -35.35
C GLY A 1030 -6.89 2.41 -35.09
N LYS A 1031 -6.21 1.33 -34.72
CA LYS A 1031 -6.91 0.09 -34.36
C LYS A 1031 -7.74 0.26 -33.09
N ALA A 1032 -7.18 0.98 -32.10
CA ALA A 1032 -7.92 1.24 -30.87
C ALA A 1032 -9.10 2.16 -31.11
N THR A 1033 -8.92 3.17 -31.97
CA THR A 1033 -10.01 4.07 -32.31
C THR A 1033 -11.11 3.32 -33.07
N ALA A 1034 -10.71 2.41 -33.96
CA ALA A 1034 -11.70 1.59 -34.68
C ALA A 1034 -12.44 0.66 -33.73
N LYS A 1035 -11.74 0.08 -32.77
CA LYS A 1035 -12.39 -0.78 -31.78
C LYS A 1035 -13.34 0.00 -30.89
N TYR A 1036 -12.95 1.22 -30.50
CA TYR A 1036 -13.82 2.07 -29.71
C TYR A 1036 -15.06 2.49 -30.49
N PHE A 1037 -14.90 2.79 -31.78
CA PHE A 1037 -16.05 3.13 -32.62
C PHE A 1037 -16.97 1.93 -32.82
N PHE A 1038 -16.39 0.74 -32.98
CA PHE A 1038 -17.19 -0.47 -33.15
C PHE A 1038 -17.95 -0.81 -31.87
N TYR A 1039 -17.32 -0.63 -30.72
CA TYR A 1039 -17.99 -0.87 -29.44
C TYR A 1039 -19.01 0.22 -29.12
N SER A 1040 -18.84 1.42 -29.67
CA SER A 1040 -19.83 2.47 -29.48
C SER A 1040 -21.06 2.23 -30.35
N ASN A 1041 -20.85 1.76 -31.58
CA ASN A 1041 -21.95 1.57 -32.52
C ASN A 1041 -22.64 0.22 -32.39
N ILE A 1042 -22.11 -0.70 -31.58
CA ILE A 1042 -22.70 -2.03 -31.48
C ILE A 1042 -24.01 -1.98 -30.69
N MET A 1043 -24.19 -0.97 -29.85
CA MET A 1043 -25.39 -0.84 -29.03
C MET A 1043 -26.52 -0.10 -29.73
N ASN A 1044 -26.32 0.31 -30.99
CA ASN A 1044 -27.33 1.10 -31.69
C ASN A 1044 -28.56 0.29 -32.06
N PHE A 1045 -28.49 -1.04 -32.04
CA PHE A 1045 -29.65 -1.87 -32.31
C PHE A 1045 -30.68 -1.81 -31.18
N PHE A 1046 -30.28 -1.34 -30.00
CA PHE A 1046 -31.22 -1.23 -28.89
C PHE A 1046 -32.19 -0.07 -29.08
N LYS A 1047 -31.74 1.00 -29.72
CA LYS A 1047 -32.51 2.24 -29.80
C LYS A 1047 -33.66 2.11 -30.80
N THR A 1048 -34.72 2.88 -30.53
CA THR A 1048 -35.80 3.00 -31.51
C THR A 1048 -35.37 3.85 -32.70
N GLU A 1049 -34.68 4.96 -32.43
CA GLU A 1049 -34.24 5.89 -33.46
C GLU A 1049 -32.78 6.24 -33.21
N ILE A 1050 -31.97 6.23 -34.27
CA ILE A 1050 -30.54 6.51 -34.19
C ILE A 1050 -30.27 7.83 -34.90
N THR A 1051 -29.63 8.76 -34.19
CA THR A 1051 -29.23 10.04 -34.75
C THR A 1051 -27.78 9.95 -35.20
N LEU A 1052 -27.54 10.21 -36.49
CA LEU A 1052 -26.20 10.10 -37.04
C LEU A 1052 -25.37 11.32 -36.66
N ALA A 1053 -24.10 11.31 -37.07
CA ALA A 1053 -23.19 12.41 -36.75
C ALA A 1053 -23.50 13.69 -37.51
N ASN A 1054 -24.28 13.60 -38.59
CA ASN A 1054 -24.66 14.77 -39.36
C ASN A 1054 -25.91 15.47 -38.85
N GLY A 1055 -26.52 14.95 -37.79
CA GLY A 1055 -27.76 15.52 -37.26
C GLY A 1055 -29.02 15.00 -37.90
N GLU A 1056 -28.97 13.85 -38.57
CA GLU A 1056 -30.12 13.26 -39.24
C GLU A 1056 -30.50 11.96 -38.55
N ILE A 1057 -31.77 11.81 -38.23
CA ILE A 1057 -32.25 10.63 -37.52
C ILE A 1057 -32.43 9.47 -38.50
N ARG A 1058 -32.39 8.25 -37.95
CA ARG A 1058 -32.54 7.03 -38.73
C ARG A 1058 -33.55 6.12 -38.05
N LYS A 1059 -34.23 5.31 -38.84
CA LYS A 1059 -35.33 4.48 -38.37
C LYS A 1059 -34.86 3.03 -38.28
N ARG A 1060 -35.03 2.44 -37.10
CA ARG A 1060 -34.77 1.03 -36.86
C ARG A 1060 -36.05 0.46 -36.24
N PRO A 1061 -36.60 -0.62 -36.78
CA PRO A 1061 -37.94 -1.05 -36.36
C PRO A 1061 -37.98 -1.61 -34.96
N LEU A 1062 -39.21 -1.69 -34.43
CA LEU A 1062 -39.41 -1.97 -33.02
C LEU A 1062 -39.02 -3.40 -32.65
N ILE A 1063 -39.44 -4.38 -33.46
CA ILE A 1063 -39.15 -5.78 -33.16
C ILE A 1063 -37.85 -6.15 -33.85
N GLU A 1064 -36.86 -6.56 -33.05
CA GLU A 1064 -35.58 -6.97 -33.59
C GLU A 1064 -35.61 -8.46 -33.96
N THR A 1065 -34.64 -8.86 -34.75
CA THR A 1065 -34.49 -10.25 -35.15
C THR A 1065 -33.02 -10.61 -35.18
N ASN A 1066 -32.75 -11.91 -35.14
CA ASN A 1066 -31.39 -12.42 -35.18
C ASN A 1066 -30.72 -12.12 -36.53
N GLY A 1067 -31.49 -11.96 -37.59
CA GLY A 1067 -30.95 -11.65 -38.90
C GLY A 1067 -30.72 -12.89 -39.74
N GLU A 1068 -29.83 -13.77 -39.29
CA GLU A 1068 -29.66 -15.06 -39.94
C GLU A 1068 -30.88 -15.95 -39.69
N THR A 1069 -31.54 -15.76 -38.57
CA THR A 1069 -32.70 -16.55 -38.17
C THR A 1069 -33.79 -15.58 -37.73
N GLY A 1070 -35.05 -15.93 -38.01
CA GLY A 1070 -36.16 -15.08 -37.62
C GLY A 1070 -36.52 -15.10 -36.14
N GLU A 1071 -35.61 -15.56 -35.29
CA GLU A 1071 -35.85 -15.61 -33.86
C GLU A 1071 -35.88 -14.21 -33.26
N ILE A 1072 -36.76 -14.00 -32.29
CA ILE A 1072 -36.89 -12.72 -31.61
C ILE A 1072 -35.81 -12.63 -30.53
N VAL A 1073 -35.02 -11.56 -30.58
CA VAL A 1073 -33.98 -11.34 -29.58
C VAL A 1073 -34.17 -10.05 -28.79
N TRP A 1074 -34.96 -9.09 -29.27
CA TRP A 1074 -35.25 -7.89 -28.50
C TRP A 1074 -36.56 -7.29 -28.97
N ASP A 1075 -37.48 -7.08 -28.04
CA ASP A 1075 -38.73 -6.38 -28.30
C ASP A 1075 -38.64 -5.03 -27.59
N LYS A 1076 -38.86 -3.95 -28.33
CA LYS A 1076 -38.92 -2.62 -27.74
C LYS A 1076 -40.28 -2.32 -27.11
N GLY A 1077 -41.14 -3.34 -27.03
CA GLY A 1077 -42.44 -3.30 -26.38
C GLY A 1077 -42.38 -3.97 -25.04
N ARG A 1078 -42.72 -5.26 -25.01
CA ARG A 1078 -42.90 -6.01 -23.76
C ARG A 1078 -41.63 -6.05 -22.91
N ASP A 1079 -40.45 -6.14 -23.55
CA ASP A 1079 -39.22 -6.31 -22.79
C ASP A 1079 -38.83 -5.07 -22.00
N PHE A 1080 -39.12 -3.88 -22.53
CA PHE A 1080 -38.86 -2.66 -21.77
C PHE A 1080 -39.78 -2.56 -20.57
N ALA A 1081 -41.03 -2.98 -20.71
CA ALA A 1081 -41.93 -3.05 -19.56
C ALA A 1081 -41.41 -4.09 -18.55
N THR A 1082 -40.87 -5.20 -19.03
CA THR A 1082 -40.34 -6.22 -18.14
C THR A 1082 -39.13 -5.72 -17.35
N VAL A 1083 -38.20 -5.03 -18.02
CA VAL A 1083 -37.04 -4.52 -17.32
C VAL A 1083 -37.42 -3.37 -16.38
N ARG A 1084 -38.45 -2.58 -16.73
CA ARG A 1084 -38.96 -1.59 -15.79
C ARG A 1084 -39.58 -2.24 -14.56
N LYS A 1085 -40.31 -3.34 -14.75
CA LYS A 1085 -40.90 -4.06 -13.63
C LYS A 1085 -39.83 -4.67 -12.73
N VAL A 1086 -38.79 -5.23 -13.33
CA VAL A 1086 -37.72 -5.85 -12.54
C VAL A 1086 -36.95 -4.79 -11.77
N LEU A 1087 -36.64 -3.66 -12.41
CA LEU A 1087 -35.95 -2.58 -11.71
C LEU A 1087 -36.81 -1.93 -10.63
N SER A 1088 -38.13 -2.11 -10.69
CA SER A 1088 -39.03 -1.60 -9.66
C SER A 1088 -39.45 -2.67 -8.66
N MET A 1089 -38.83 -3.84 -8.71
CA MET A 1089 -39.20 -4.91 -7.80
C MET A 1089 -38.74 -4.58 -6.38
N PRO A 1090 -39.60 -4.68 -5.38
CA PRO A 1090 -39.24 -4.22 -4.03
C PRO A 1090 -38.38 -5.22 -3.25
N GLN A 1091 -38.53 -6.51 -3.52
CA GLN A 1091 -37.83 -7.54 -2.75
C GLN A 1091 -36.56 -7.94 -3.50
N VAL A 1092 -35.41 -7.61 -2.90
CA VAL A 1092 -34.10 -8.00 -3.42
C VAL A 1092 -33.29 -8.57 -2.27
N ASN A 1093 -32.72 -9.76 -2.47
CA ASN A 1093 -32.02 -10.47 -1.40
C ASN A 1093 -30.67 -9.82 -1.14
N ILE A 1094 -30.66 -8.80 -0.27
CA ILE A 1094 -29.43 -8.16 0.15
C ILE A 1094 -28.92 -8.87 1.39
N VAL A 1095 -27.72 -9.43 1.31
CA VAL A 1095 -27.14 -10.20 2.40
C VAL A 1095 -25.80 -9.58 2.77
N LYS A 1096 -25.65 -9.26 4.05
CA LYS A 1096 -24.37 -8.81 4.59
C LYS A 1096 -23.64 -10.03 5.14
N LYS A 1097 -22.44 -10.27 4.63
CA LYS A 1097 -21.71 -11.48 4.98
C LYS A 1097 -21.25 -11.43 6.42
N THR A 1098 -21.68 -12.42 7.22
CA THR A 1098 -21.31 -12.48 8.62
C THR A 1098 -19.89 -12.99 8.75
N GLU A 1099 -19.02 -12.19 9.36
CA GLU A 1099 -17.62 -12.52 9.49
C GLU A 1099 -17.21 -12.51 10.95
N VAL A 1100 -16.43 -13.50 11.36
CA VAL A 1100 -15.78 -13.48 12.67
C VAL A 1100 -14.61 -12.51 12.59
N GLN A 1101 -14.62 -11.51 13.45
CA GLN A 1101 -13.62 -10.45 13.38
C GLN A 1101 -12.25 -10.96 13.82
N THR A 1102 -11.23 -10.65 13.03
CA THR A 1102 -9.86 -11.00 13.33
C THR A 1102 -8.97 -9.78 13.13
N GLY A 1103 -7.87 -9.75 13.86
CA GLY A 1103 -6.96 -8.62 13.79
C GLY A 1103 -6.31 -8.34 15.12
N GLY A 1104 -6.01 -7.07 15.39
CA GLY A 1104 -5.43 -6.70 16.66
C GLY A 1104 -6.42 -6.89 17.80
N PHE A 1105 -5.88 -7.19 18.98
CA PHE A 1105 -6.72 -7.40 20.16
C PHE A 1105 -7.45 -6.13 20.56
N SER A 1106 -6.78 -4.98 20.50
CA SER A 1106 -7.36 -3.73 20.95
C SER A 1106 -6.63 -2.58 20.28
N LYS A 1107 -7.04 -1.36 20.61
CA LYS A 1107 -6.33 -0.18 20.14
C LYS A 1107 -4.94 -0.13 20.76
N GLU A 1108 -3.97 0.38 20.01
CA GLU A 1108 -2.57 0.32 20.42
C GLU A 1108 -2.21 1.34 21.49
N SER A 1109 -3.09 2.29 21.80
CA SER A 1109 -2.77 3.34 22.75
C SER A 1109 -2.81 2.79 24.17
N ILE A 1110 -1.69 2.86 24.86
CA ILE A 1110 -1.62 2.44 26.26
C ILE A 1110 -2.09 3.58 27.14
N ARG A 1111 -3.21 3.38 27.83
CA ARG A 1111 -3.88 4.36 28.65
C ARG A 1111 -3.29 4.38 30.06
N PRO A 1112 -3.35 5.51 30.75
CA PRO A 1112 -2.75 5.61 32.10
C PRO A 1112 -3.52 4.77 33.12
N LYS A 1113 -2.92 4.70 34.31
CA LYS A 1113 -3.52 3.93 35.40
C LYS A 1113 -4.84 4.53 35.85
N ARG A 1114 -5.74 3.67 36.30
CA ARG A 1114 -7.07 4.07 36.74
C ARG A 1114 -7.65 2.96 37.59
N ASN A 1115 -8.75 3.28 38.27
CA ASN A 1115 -9.46 2.31 39.09
C ASN A 1115 -10.49 1.51 38.31
N SER A 1116 -10.68 1.82 37.04
CA SER A 1116 -11.66 1.10 36.22
C SER A 1116 -11.19 -0.32 35.92
N ASP A 1117 -12.16 -1.22 35.78
CA ASP A 1117 -11.89 -2.61 35.45
C ASP A 1117 -11.92 -2.90 33.96
N LYS A 1118 -12.23 -1.90 33.12
CA LYS A 1118 -12.25 -2.09 31.68
C LYS A 1118 -10.85 -2.03 31.07
N LEU A 1119 -9.84 -1.66 31.84
CA LEU A 1119 -8.47 -1.63 31.34
C LEU A 1119 -7.96 -3.05 31.13
N ILE A 1120 -7.41 -3.32 29.95
CA ILE A 1120 -6.88 -4.63 29.62
C ILE A 1120 -5.43 -4.70 30.09
N ALA A 1121 -5.08 -5.77 30.79
CA ALA A 1121 -3.74 -5.92 31.31
C ALA A 1121 -2.73 -6.09 30.17
N ARG A 1122 -1.64 -5.34 30.26
CA ARG A 1122 -0.61 -5.38 29.23
C ARG A 1122 0.33 -6.56 29.40
N LYS A 1123 0.29 -7.22 30.57
CA LYS A 1123 1.08 -8.42 30.81
C LYS A 1123 0.34 -9.24 31.87
N LYS A 1124 0.81 -10.47 32.07
CA LYS A 1124 0.14 -11.37 33.00
C LYS A 1124 0.21 -10.87 34.43
N ASP A 1125 1.39 -10.42 34.86
CA ASP A 1125 1.60 -10.00 36.24
C ASP A 1125 1.42 -8.50 36.44
N TRP A 1126 1.03 -7.77 35.41
CA TRP A 1126 0.88 -6.32 35.49
C TRP A 1126 -0.59 -5.98 35.65
N ASP A 1127 -0.99 -5.68 36.88
CA ASP A 1127 -2.37 -5.33 37.17
C ASP A 1127 -2.69 -3.98 36.57
N PRO A 1128 -3.71 -3.86 35.70
CA PRO A 1128 -3.99 -2.57 35.06
C PRO A 1128 -4.44 -1.48 36.01
N LYS A 1129 -4.88 -1.82 37.22
CA LYS A 1129 -5.19 -0.79 38.21
C LYS A 1129 -3.96 -0.03 38.66
N LYS A 1130 -2.78 -0.61 38.52
CA LYS A 1130 -1.52 -0.01 38.92
C LYS A 1130 -0.65 0.40 37.74
N TYR A 1131 -0.71 -0.33 36.63
CA TYR A 1131 0.19 -0.13 35.51
C TYR A 1131 -0.47 0.43 34.26
N GLY A 1132 -1.78 0.62 34.26
CA GLY A 1132 -2.44 1.05 33.05
C GLY A 1132 -2.57 -0.10 32.06
N GLY A 1133 -3.08 0.23 30.89
CA GLY A 1133 -3.24 -0.79 29.87
C GLY A 1133 -4.04 -0.29 28.69
N PHE A 1134 -4.40 -1.23 27.82
CA PHE A 1134 -5.12 -0.95 26.59
C PHE A 1134 -6.60 -0.71 26.86
N LEU A 1135 -7.27 -0.13 25.87
CA LEU A 1135 -8.70 0.03 25.87
C LEU A 1135 -9.23 -0.28 24.48
N TRP A 1136 -10.55 -0.19 24.32
CA TRP A 1136 -11.30 -0.55 23.14
C TRP A 1136 -10.95 -1.94 22.62
N PRO A 1137 -11.26 -3.01 23.36
CA PRO A 1137 -11.01 -4.35 22.81
C PRO A 1137 -11.93 -4.67 21.65
N THR A 1138 -11.42 -5.44 20.71
CA THR A 1138 -12.20 -5.88 19.57
C THR A 1138 -12.74 -7.27 19.85
N VAL A 1139 -14.03 -7.45 19.66
CA VAL A 1139 -14.68 -8.74 19.88
C VAL A 1139 -14.62 -9.55 18.59
N ALA A 1140 -14.39 -10.86 18.74
CA ALA A 1140 -14.42 -11.73 17.57
C ALA A 1140 -15.85 -12.05 17.18
N TYR A 1141 -16.64 -12.54 18.12
CA TYR A 1141 -18.04 -12.84 17.88
C TYR A 1141 -18.77 -12.81 19.21
N SER A 1142 -20.09 -12.65 19.14
CA SER A 1142 -20.93 -12.63 20.31
C SER A 1142 -21.51 -14.02 20.56
N VAL A 1143 -21.83 -14.30 21.82
CA VAL A 1143 -22.31 -15.60 22.24
C VAL A 1143 -23.56 -15.40 23.10
N LEU A 1144 -24.65 -16.07 22.72
CA LEU A 1144 -25.87 -16.03 23.51
C LEU A 1144 -25.78 -17.04 24.65
N VAL A 1145 -25.94 -16.57 25.87
CA VAL A 1145 -25.85 -17.43 27.04
C VAL A 1145 -27.19 -17.42 27.78
N VAL A 1146 -27.51 -18.55 28.39
CA VAL A 1146 -28.67 -18.69 29.26
C VAL A 1146 -28.18 -19.33 30.55
N ALA A 1147 -28.12 -18.54 31.63
CA ALA A 1147 -27.57 -19.02 32.89
C ALA A 1147 -28.11 -18.14 34.01
N LYS A 1148 -27.60 -18.37 35.22
CA LYS A 1148 -28.02 -17.64 36.41
C LYS A 1148 -26.90 -16.74 36.92
N VAL A 1149 -27.29 -15.57 37.44
CA VAL A 1149 -26.36 -14.59 37.95
C VAL A 1149 -26.76 -14.23 39.37
N GLU A 1150 -25.80 -14.29 40.29
CA GLU A 1150 -26.06 -14.01 41.70
C GLU A 1150 -26.23 -12.51 41.92
N LYS A 1151 -27.49 -12.05 41.87
CA LYS A 1151 -27.80 -10.64 42.01
C LYS A 1151 -28.43 -10.36 43.37
N GLY A 1152 -28.00 -9.27 43.99
CA GLY A 1152 -28.51 -8.89 45.30
C GLY A 1152 -27.54 -9.25 46.41
N LYS A 1153 -27.59 -8.46 47.49
CA LYS A 1153 -26.77 -8.76 48.67
C LYS A 1153 -27.21 -10.07 49.32
N SER A 1154 -28.51 -10.39 49.26
CA SER A 1154 -28.99 -11.74 49.56
C SER A 1154 -28.93 -12.52 48.25
N LYS A 1155 -27.94 -13.40 48.12
CA LYS A 1155 -27.64 -14.03 46.84
C LYS A 1155 -28.74 -15.00 46.44
N LYS A 1156 -29.23 -14.84 45.21
CA LYS A 1156 -30.28 -15.69 44.67
C LYS A 1156 -30.03 -15.85 43.18
N LEU A 1157 -30.16 -17.08 42.70
CA LEU A 1157 -29.83 -17.41 41.31
C LEU A 1157 -30.97 -16.98 40.41
N LYS A 1158 -30.89 -15.76 39.90
CA LYS A 1158 -31.87 -15.25 38.96
C LYS A 1158 -31.47 -15.67 37.56
N SER A 1159 -32.40 -16.30 36.84
CA SER A 1159 -32.12 -16.72 35.48
C SER A 1159 -32.07 -15.51 34.56
N VAL A 1160 -31.12 -15.51 33.63
CA VAL A 1160 -30.93 -14.39 32.72
C VAL A 1160 -30.46 -14.92 31.38
N LYS A 1161 -30.83 -14.21 30.32
CA LYS A 1161 -30.38 -14.49 28.96
C LYS A 1161 -29.80 -13.19 28.40
N GLU A 1162 -28.55 -13.24 27.95
CA GLU A 1162 -27.87 -12.03 27.50
C GLU A 1162 -26.76 -12.41 26.55
N LEU A 1163 -26.28 -11.41 25.82
CA LEU A 1163 -25.16 -11.56 24.90
C LEU A 1163 -23.85 -11.24 25.60
N LEU A 1164 -22.83 -12.02 25.31
CA LEU A 1164 -21.49 -11.79 25.85
C LEU A 1164 -20.51 -11.68 24.69
N GLY A 1165 -19.68 -10.64 24.72
CA GLY A 1165 -18.69 -10.44 23.68
C GLY A 1165 -17.41 -11.21 23.91
N ILE A 1166 -17.08 -12.12 23.00
CA ILE A 1166 -15.84 -12.88 23.07
C ILE A 1166 -14.77 -12.10 22.32
N THR A 1167 -13.82 -11.54 23.06
CA THR A 1167 -12.75 -10.77 22.45
C THR A 1167 -11.74 -11.70 21.79
N ILE A 1168 -10.83 -11.09 21.01
CA ILE A 1168 -9.89 -11.86 20.21
C ILE A 1168 -8.90 -12.59 21.10
N MET A 1169 -8.50 -11.98 22.22
CA MET A 1169 -7.62 -12.66 23.16
C MET A 1169 -8.30 -13.88 23.77
N GLU A 1170 -9.59 -13.77 24.06
CA GLU A 1170 -10.32 -14.84 24.72
C GLU A 1170 -10.91 -15.85 23.75
N ARG A 1171 -10.68 -15.68 22.45
CA ARG A 1171 -11.28 -16.59 21.46
C ARG A 1171 -10.74 -18.01 21.61
N SER A 1172 -9.42 -18.15 21.73
CA SER A 1172 -8.83 -19.47 21.89
C SER A 1172 -9.22 -20.10 23.21
N SER A 1173 -9.25 -19.31 24.28
CA SER A 1173 -9.63 -19.83 25.59
C SER A 1173 -11.10 -20.22 25.63
N PHE A 1174 -11.96 -19.50 24.90
CA PHE A 1174 -13.37 -19.83 24.87
C PHE A 1174 -13.63 -21.08 24.03
N GLU A 1175 -12.98 -21.19 22.88
CA GLU A 1175 -13.16 -22.39 22.06
C GLU A 1175 -12.46 -23.60 22.66
N LYS A 1176 -11.50 -23.41 23.57
CA LYS A 1176 -10.90 -24.54 24.26
C LYS A 1176 -11.91 -25.19 25.21
N ASN A 1177 -12.62 -24.39 26.00
CA ASN A 1177 -13.61 -24.90 26.92
C ASN A 1177 -14.64 -23.81 27.24
N PRO A 1178 -15.73 -23.73 26.48
CA PRO A 1178 -16.71 -22.65 26.69
C PRO A 1178 -17.37 -22.67 28.06
N ILE A 1179 -17.59 -23.84 28.64
CA ILE A 1179 -18.30 -23.93 29.92
C ILE A 1179 -17.47 -23.32 31.03
N ASP A 1180 -16.18 -23.67 31.10
CA ASP A 1180 -15.32 -23.14 32.16
C ASP A 1180 -15.06 -21.66 31.96
N PHE A 1181 -14.96 -21.21 30.71
CA PHE A 1181 -14.77 -19.79 30.45
C PHE A 1181 -16.00 -18.98 30.86
N LEU A 1182 -17.20 -19.50 30.57
CA LEU A 1182 -18.42 -18.83 31.01
C LEU A 1182 -18.60 -18.89 32.52
N GLU A 1183 -18.11 -19.98 33.15
CA GLU A 1183 -18.19 -20.07 34.60
C GLU A 1183 -17.28 -19.05 35.27
N ALA A 1184 -16.12 -18.77 34.68
CA ALA A 1184 -15.23 -17.76 35.23
C ALA A 1184 -15.78 -16.35 35.07
N LYS A 1185 -16.75 -16.15 34.19
CA LYS A 1185 -17.38 -14.85 34.00
C LYS A 1185 -18.48 -14.58 35.02
N GLY A 1186 -18.76 -15.52 35.91
CA GLY A 1186 -19.80 -15.38 36.91
C GLY A 1186 -21.06 -16.18 36.64
N TYR A 1187 -21.20 -16.76 35.46
CA TYR A 1187 -22.36 -17.56 35.14
C TYR A 1187 -22.21 -18.98 35.70
N LYS A 1188 -23.35 -19.63 35.90
CA LYS A 1188 -23.38 -21.05 36.23
C LYS A 1188 -24.74 -21.61 35.83
N GLU A 1189 -24.83 -22.94 35.80
CA GLU A 1189 -25.91 -23.67 35.14
C GLU A 1189 -26.11 -23.17 33.71
N VAL A 1190 -25.01 -23.09 32.97
CA VAL A 1190 -25.05 -22.64 31.59
C VAL A 1190 -25.60 -23.76 30.72
N LYS A 1191 -26.63 -23.44 29.94
CA LYS A 1191 -27.18 -24.40 28.98
C LYS A 1191 -26.22 -24.52 27.81
N LYS A 1192 -25.45 -25.62 27.79
CA LYS A 1192 -24.39 -25.78 26.80
C LYS A 1192 -24.93 -25.88 25.38
N ASP A 1193 -26.03 -26.62 25.19
CA ASP A 1193 -26.61 -26.78 23.87
C ASP A 1193 -27.32 -25.52 23.38
N LEU A 1194 -27.55 -24.55 24.26
CA LEU A 1194 -28.23 -23.31 23.89
C LEU A 1194 -27.27 -22.22 23.45
N ILE A 1195 -25.97 -22.48 23.47
CA ILE A 1195 -24.98 -21.48 23.07
C ILE A 1195 -25.02 -21.32 21.55
N ILE A 1196 -25.26 -20.09 21.10
CA ILE A 1196 -25.32 -19.77 19.67
C ILE A 1196 -24.21 -18.78 19.38
N LYS A 1197 -23.31 -19.15 18.48
CA LYS A 1197 -22.24 -18.25 18.06
C LYS A 1197 -22.83 -17.21 17.12
N LEU A 1198 -22.68 -15.95 17.48
CA LEU A 1198 -23.22 -14.83 16.70
C LEU A 1198 -22.10 -13.94 16.22
N PRO A 1199 -21.63 -14.10 14.99
CA PRO A 1199 -20.58 -13.22 14.48
C PRO A 1199 -21.10 -11.83 14.19
N LYS A 1200 -20.21 -10.94 13.75
CA LYS A 1200 -20.61 -9.59 13.36
C LYS A 1200 -21.53 -9.65 12.16
N TYR A 1201 -22.44 -8.69 12.07
CA TYR A 1201 -23.48 -8.58 11.03
C TYR A 1201 -24.44 -9.76 11.07
N SER A 1202 -24.64 -10.36 12.24
CA SER A 1202 -25.70 -11.35 12.40
C SER A 1202 -27.06 -10.65 12.33
N LEU A 1203 -27.99 -11.25 11.60
CA LEU A 1203 -29.26 -10.61 11.28
C LEU A 1203 -30.33 -11.04 12.28
N PHE A 1204 -31.09 -10.08 12.79
CA PHE A 1204 -32.23 -10.34 13.64
C PHE A 1204 -33.44 -9.63 13.04
N GLU A 1205 -34.62 -10.21 13.25
CA GLU A 1205 -35.86 -9.63 12.76
C GLU A 1205 -36.81 -9.39 13.92
N LEU A 1206 -37.44 -8.23 13.94
CA LEU A 1206 -38.36 -7.81 14.98
C LEU A 1206 -39.71 -7.44 14.33
N GLU A 1207 -40.58 -6.83 15.11
CA GLU A 1207 -41.92 -6.53 14.66
C GLU A 1207 -41.93 -5.51 13.52
N ASN A 1208 -43.00 -5.56 12.72
CA ASN A 1208 -43.21 -4.69 11.56
C ASN A 1208 -42.09 -4.80 10.52
N GLY A 1209 -41.45 -5.97 10.45
CA GLY A 1209 -40.38 -6.15 9.50
C GLY A 1209 -39.11 -5.39 9.81
N ARG A 1210 -38.89 -5.03 11.08
CA ARG A 1210 -37.70 -4.29 11.44
C ARG A 1210 -36.54 -5.24 11.68
N LYS A 1211 -35.41 -4.98 11.02
CA LYS A 1211 -34.24 -5.85 11.07
C LYS A 1211 -33.05 -5.08 11.61
N ARG A 1212 -32.31 -5.71 12.52
CA ARG A 1212 -31.12 -5.11 13.10
C ARG A 1212 -29.94 -6.05 12.93
N MET A 1213 -28.84 -5.54 12.40
CA MET A 1213 -27.62 -6.30 12.23
C MET A 1213 -26.74 -6.12 13.46
N LEU A 1214 -26.25 -7.23 14.00
CA LEU A 1214 -25.48 -7.21 15.23
C LEU A 1214 -24.08 -6.69 14.93
N ALA A 1215 -23.84 -5.42 15.22
CA ALA A 1215 -22.51 -4.85 15.02
C ALA A 1215 -21.51 -5.40 16.03
N SER A 1216 -21.94 -5.55 17.28
CA SER A 1216 -21.12 -6.14 18.33
C SER A 1216 -22.07 -6.64 19.41
N ALA A 1217 -21.50 -7.05 20.55
CA ALA A 1217 -22.34 -7.51 21.66
C ALA A 1217 -23.04 -6.36 22.37
N LYS A 1218 -22.65 -5.12 22.12
CA LYS A 1218 -23.24 -3.96 22.78
C LYS A 1218 -23.68 -2.90 21.78
N GLN A 1219 -23.85 -3.26 20.51
CA GLN A 1219 -24.19 -2.29 19.48
C GLN A 1219 -24.88 -3.01 18.32
N LEU A 1220 -25.92 -2.38 17.79
CA LEU A 1220 -26.64 -2.89 16.63
C LEU A 1220 -26.42 -1.97 15.44
N GLN A 1221 -26.94 -2.39 14.29
CA GLN A 1221 -26.85 -1.62 13.06
C GLN A 1221 -28.18 -1.68 12.33
N LYS A 1222 -28.41 -0.70 11.47
CA LYS A 1222 -29.59 -0.70 10.64
C LYS A 1222 -29.52 -1.84 9.63
N GLY A 1223 -30.60 -2.60 9.51
CA GLY A 1223 -30.58 -3.80 8.69
C GLY A 1223 -31.70 -3.91 7.69
N ASN A 1224 -32.40 -2.82 7.42
CA ASN A 1224 -33.47 -2.81 6.43
C ASN A 1224 -33.11 -1.91 5.27
N GLU A 1225 -33.67 -2.24 4.11
CA GLU A 1225 -33.38 -1.54 2.86
C GLU A 1225 -34.63 -0.83 2.38
N LEU A 1226 -34.50 0.45 2.07
CA LEU A 1226 -35.64 1.22 1.58
C LEU A 1226 -35.82 0.98 0.09
N ALA A 1227 -36.98 0.47 -0.29
CA ALA A 1227 -37.28 0.18 -1.70
C ALA A 1227 -38.05 1.36 -2.28
N LEU A 1228 -37.33 2.39 -2.67
CA LEU A 1228 -37.95 3.55 -3.29
C LEU A 1228 -38.37 3.20 -4.72
N PRO A 1229 -39.56 3.62 -5.14
CA PRO A 1229 -40.01 3.34 -6.51
C PRO A 1229 -39.11 4.01 -7.56
N SER A 1230 -39.10 3.41 -8.75
CA SER A 1230 -38.17 3.80 -9.80
C SER A 1230 -38.42 5.21 -10.32
N LYS A 1231 -39.66 5.67 -10.29
CA LYS A 1231 -39.97 7.03 -10.74
C LYS A 1231 -39.30 8.07 -9.86
N TYR A 1232 -39.31 7.85 -8.54
CA TYR A 1232 -38.64 8.76 -7.63
C TYR A 1232 -37.14 8.76 -7.81
N VAL A 1233 -36.55 7.58 -8.07
CA VAL A 1233 -35.11 7.49 -8.29
C VAL A 1233 -34.73 8.21 -9.58
N ASN A 1234 -35.51 8.04 -10.64
CA ASN A 1234 -35.25 8.75 -11.89
C ASN A 1234 -35.40 10.26 -11.70
N PHE A 1235 -36.41 10.67 -10.92
CA PHE A 1235 -36.59 12.09 -10.64
C PHE A 1235 -35.42 12.67 -9.85
N LEU A 1236 -34.88 11.91 -8.90
CA LEU A 1236 -33.73 12.39 -8.16
C LEU A 1236 -32.48 12.45 -9.01
N TYR A 1237 -32.29 11.48 -9.91
CA TYR A 1237 -31.10 11.52 -10.75
C TYR A 1237 -31.19 12.64 -11.77
N LEU A 1238 -32.39 12.93 -12.27
CA LEU A 1238 -32.53 14.03 -13.23
C LEU A 1238 -32.51 15.39 -12.54
N ALA A 1239 -33.04 15.49 -11.32
CA ALA A 1239 -33.03 16.75 -10.60
C ALA A 1239 -31.63 17.14 -10.18
N SER A 1240 -30.86 16.20 -9.66
CA SER A 1240 -29.43 16.40 -9.50
C SER A 1240 -28.77 16.35 -10.87
N HIS A 1241 -27.51 16.80 -10.91
CA HIS A 1241 -26.75 16.99 -12.16
C HIS A 1241 -27.57 17.81 -13.16
N TYR A 1242 -28.00 18.99 -12.71
CA TYR A 1242 -29.03 19.74 -13.40
C TYR A 1242 -28.55 20.27 -14.74
N GLU A 1243 -27.30 20.74 -14.82
CA GLU A 1243 -26.76 21.31 -16.04
C GLU A 1243 -25.42 20.69 -16.40
N LYS A 1244 -25.28 19.38 -16.17
CA LYS A 1244 -24.06 18.67 -16.55
C LYS A 1244 -24.41 17.32 -17.18
N LEU A 1245 -25.49 17.28 -17.95
CA LEU A 1245 -25.84 16.06 -18.67
C LEU A 1245 -24.93 15.84 -19.86
N LYS A 1246 -24.50 16.93 -20.52
CA LYS A 1246 -23.62 16.90 -21.69
C LYS A 1246 -24.21 16.07 -22.83
N GLY A 1247 -25.52 16.19 -23.04
CA GLY A 1247 -26.19 15.48 -24.11
C GLY A 1247 -26.54 16.39 -25.28
N SER A 1248 -27.83 16.68 -25.44
CA SER A 1248 -28.31 17.58 -26.47
C SER A 1248 -29.22 18.62 -25.84
N PRO A 1249 -29.29 19.83 -26.41
CA PRO A 1249 -30.16 20.88 -25.83
C PRO A 1249 -31.64 20.51 -25.78
N GLU A 1250 -32.13 19.75 -26.76
CA GLU A 1250 -33.52 19.30 -26.71
C GLU A 1250 -33.75 18.31 -25.58
N ASP A 1251 -32.80 17.40 -25.35
CA ASP A 1251 -32.90 16.49 -24.22
C ASP A 1251 -32.78 17.23 -22.90
N ASN A 1252 -31.88 18.23 -22.83
CA ASN A 1252 -31.74 19.02 -21.61
C ASN A 1252 -33.02 19.80 -21.30
N GLU A 1253 -33.67 20.34 -22.34
CA GLU A 1253 -34.96 21.00 -22.13
C GLU A 1253 -36.04 20.00 -21.72
N GLN A 1254 -35.99 18.79 -22.27
CA GLN A 1254 -36.95 17.75 -21.89
C GLN A 1254 -36.83 17.42 -20.41
N LYS A 1255 -35.60 17.24 -19.92
CA LYS A 1255 -35.41 17.00 -18.49
C LYS A 1255 -35.73 18.24 -17.67
N GLN A 1256 -35.49 19.43 -18.22
CA GLN A 1256 -35.87 20.69 -17.57
C GLN A 1256 -37.36 20.71 -17.23
N LEU A 1257 -38.21 20.64 -18.25
CA LEU A 1257 -39.65 20.63 -17.98
C LEU A 1257 -40.10 19.37 -17.26
N PHE A 1258 -39.38 18.25 -17.41
CA PHE A 1258 -39.75 17.02 -16.71
C PHE A 1258 -39.62 17.22 -15.20
N VAL A 1259 -38.47 17.76 -14.75
CA VAL A 1259 -38.31 17.98 -13.32
C VAL A 1259 -39.17 19.17 -12.87
N GLU A 1260 -39.51 20.08 -13.78
CA GLU A 1260 -40.33 21.22 -13.38
C GLU A 1260 -41.79 20.82 -13.12
N GLN A 1261 -42.36 19.93 -13.93
CA GLN A 1261 -43.78 19.63 -13.74
C GLN A 1261 -44.05 18.74 -12.54
N HIS A 1262 -43.05 18.04 -12.00
CA HIS A 1262 -43.25 17.09 -10.93
C HIS A 1262 -42.48 17.49 -9.68
N LYS A 1263 -42.52 18.77 -9.32
CA LYS A 1263 -41.85 19.23 -8.11
C LYS A 1263 -42.54 18.73 -6.84
N HIS A 1264 -43.76 18.20 -6.96
CA HIS A 1264 -44.42 17.57 -5.82
C HIS A 1264 -43.77 16.25 -5.42
N TYR A 1265 -42.92 15.69 -6.29
CA TYR A 1265 -42.24 14.43 -5.98
C TYR A 1265 -41.34 14.55 -4.77
N LEU A 1266 -40.80 15.75 -4.51
CA LEU A 1266 -39.99 15.97 -3.32
C LEU A 1266 -40.79 15.73 -2.05
N ASP A 1267 -42.03 16.24 -2.01
CA ASP A 1267 -42.89 16.00 -0.86
C ASP A 1267 -43.24 14.53 -0.72
N GLU A 1268 -43.47 13.84 -1.84
CA GLU A 1268 -43.75 12.41 -1.79
C GLU A 1268 -42.54 11.62 -1.28
N ILE A 1269 -41.34 12.03 -1.68
CA ILE A 1269 -40.13 11.35 -1.23
C ILE A 1269 -39.90 11.60 0.26
N ILE A 1270 -40.17 12.83 0.72
CA ILE A 1270 -40.07 13.12 2.15
C ILE A 1270 -41.08 12.30 2.94
N GLU A 1271 -42.29 12.14 2.38
CA GLU A 1271 -43.31 11.30 3.03
C GLU A 1271 -42.87 9.84 3.09
N GLN A 1272 -42.26 9.34 2.01
CA GLN A 1272 -41.79 7.96 1.99
C GLN A 1272 -40.68 7.74 2.99
N ILE A 1273 -39.73 8.68 3.07
CA ILE A 1273 -38.63 8.57 4.02
C ILE A 1273 -39.15 8.65 5.45
N SER A 1274 -40.12 9.53 5.69
CA SER A 1274 -40.69 9.65 7.04
C SER A 1274 -41.43 8.38 7.44
N GLU A 1275 -42.19 7.80 6.52
CA GLU A 1275 -42.90 6.56 6.82
C GLU A 1275 -41.94 5.41 7.08
N PHE A 1276 -40.89 5.30 6.24
CA PHE A 1276 -39.90 4.25 6.42
C PHE A 1276 -39.14 4.43 7.72
N SER A 1277 -38.79 5.68 8.06
CA SER A 1277 -38.06 5.94 9.30
C SER A 1277 -38.91 5.66 10.52
N LYS A 1278 -40.19 6.06 10.48
CA LYS A 1278 -41.08 5.78 11.59
C LYS A 1278 -41.34 4.29 11.74
N ARG A 1279 -41.32 3.55 10.63
CA ARG A 1279 -41.53 2.10 10.71
C ARG A 1279 -40.30 1.38 11.24
N VAL A 1280 -39.10 1.74 10.79
CA VAL A 1280 -37.97 0.85 11.01
C VAL A 1280 -36.77 1.53 11.69
N ILE A 1281 -36.62 2.84 11.54
CA ILE A 1281 -35.41 3.49 12.03
C ILE A 1281 -35.54 3.85 13.50
N LEU A 1282 -36.73 4.29 13.90
CA LEU A 1282 -37.06 4.66 15.28
C LEU A 1282 -36.17 5.78 15.81
N ALA A 1283 -35.87 6.74 14.93
CA ALA A 1283 -35.16 7.96 15.32
C ALA A 1283 -36.17 9.11 15.17
N ASP A 1284 -36.96 9.32 16.23
CA ASP A 1284 -38.04 10.29 16.17
C ASP A 1284 -37.53 11.73 16.22
N ALA A 1285 -36.55 12.01 17.08
CA ALA A 1285 -36.04 13.37 17.22
C ALA A 1285 -35.35 13.82 15.93
N ASN A 1286 -34.56 12.95 15.33
CA ASN A 1286 -33.94 13.27 14.06
C ASN A 1286 -34.97 13.41 12.95
N LEU A 1287 -36.06 12.64 13.02
CA LEU A 1287 -37.14 12.79 12.06
C LEU A 1287 -37.82 14.15 12.17
N ASP A 1288 -38.05 14.61 13.40
CA ASP A 1288 -38.60 15.95 13.59
C ASP A 1288 -37.63 17.01 13.09
N LYS A 1289 -36.33 16.80 13.33
CA LYS A 1289 -35.31 17.74 12.86
C LYS A 1289 -35.31 17.85 11.35
N VAL A 1290 -35.34 16.71 10.65
CA VAL A 1290 -35.26 16.75 9.20
C VAL A 1290 -36.56 17.30 8.60
N LEU A 1291 -37.70 16.98 9.23
CA LEU A 1291 -38.97 17.53 8.74
C LEU A 1291 -39.02 19.04 8.91
N SER A 1292 -38.55 19.56 10.06
CA SER A 1292 -38.49 21.00 10.27
C SER A 1292 -37.54 21.66 9.30
N ALA A 1293 -36.37 21.05 9.06
CA ALA A 1293 -35.40 21.62 8.13
C ALA A 1293 -35.93 21.62 6.71
N TYR A 1294 -36.66 20.57 6.32
CA TYR A 1294 -37.25 20.53 4.99
C TYR A 1294 -38.36 21.56 4.83
N ASN A 1295 -39.19 21.74 5.88
CA ASN A 1295 -40.25 22.73 5.81
C ASN A 1295 -39.69 24.15 5.76
N LYS A 1296 -38.61 24.41 6.49
CA LYS A 1296 -38.06 25.76 6.55
C LYS A 1296 -37.31 26.15 5.27
N HIS A 1297 -36.94 25.19 4.44
CA HIS A 1297 -36.16 25.46 3.23
C HIS A 1297 -36.84 24.87 2.00
N ARG A 1298 -38.16 24.92 1.95
CA ARG A 1298 -38.88 24.34 0.84
C ARG A 1298 -38.97 25.27 -0.37
N ASP A 1299 -38.48 26.51 -0.26
CA ASP A 1299 -38.48 27.45 -1.36
C ASP A 1299 -37.15 27.51 -2.10
N LYS A 1300 -36.21 26.64 -1.75
CA LYS A 1300 -34.89 26.63 -2.36
C LYS A 1300 -34.98 26.09 -3.80
N PRO A 1301 -33.95 26.34 -4.62
CA PRO A 1301 -33.93 25.75 -5.97
C PRO A 1301 -33.86 24.23 -5.93
N ILE A 1302 -34.29 23.63 -7.04
CA ILE A 1302 -34.45 22.18 -7.12
C ILE A 1302 -33.10 21.46 -7.05
N ARG A 1303 -32.04 22.07 -7.58
CA ARG A 1303 -30.70 21.47 -7.54
C ARG A 1303 -30.25 21.21 -6.10
N GLU A 1304 -30.27 22.26 -5.27
CA GLU A 1304 -29.77 22.14 -3.91
C GLU A 1304 -30.70 21.28 -3.05
N GLN A 1305 -32.01 21.43 -3.25
CA GLN A 1305 -32.98 20.61 -2.55
C GLN A 1305 -32.78 19.14 -2.84
N ALA A 1306 -32.71 18.77 -4.12
CA ALA A 1306 -32.55 17.38 -4.50
C ALA A 1306 -31.20 16.82 -4.09
N GLU A 1307 -30.15 17.66 -4.12
CA GLU A 1307 -28.85 17.23 -3.62
C GLU A 1307 -28.92 16.91 -2.13
N ASN A 1308 -29.70 17.68 -1.37
CA ASN A 1308 -29.84 17.40 0.04
C ASN A 1308 -30.74 16.21 0.33
N ILE A 1309 -31.75 15.94 -0.51
CA ILE A 1309 -32.49 14.70 -0.35
C ILE A 1309 -31.63 13.49 -0.71
N ILE A 1310 -30.68 13.67 -1.65
CA ILE A 1310 -29.71 12.62 -1.92
C ILE A 1310 -28.87 12.35 -0.68
N HIS A 1311 -28.44 13.42 0.00
CA HIS A 1311 -27.76 13.29 1.28
C HIS A 1311 -28.66 12.74 2.37
N LEU A 1312 -29.98 12.81 2.19
CA LEU A 1312 -30.91 12.51 3.27
C LEU A 1312 -31.05 11.01 3.53
N PHE A 1313 -30.70 10.17 2.56
CA PHE A 1313 -30.90 8.73 2.71
C PHE A 1313 -29.90 8.09 3.65
N THR A 1314 -28.91 8.85 4.13
CA THR A 1314 -27.95 8.32 5.10
C THR A 1314 -28.64 7.92 6.41
N LEU A 1315 -29.75 8.58 6.73
CA LEU A 1315 -30.56 8.16 7.88
C LEU A 1315 -31.14 6.76 7.66
N THR A 1316 -31.61 6.48 6.46
CA THR A 1316 -32.27 5.21 6.15
C THR A 1316 -31.35 4.18 5.49
N ARG A 1317 -30.08 4.52 5.28
CA ARG A 1317 -29.16 3.61 4.61
C ARG A 1317 -28.78 2.46 5.54
N LEU A 1318 -28.73 1.25 4.98
CA LEU A 1318 -28.35 0.06 5.74
C LEU A 1318 -26.89 0.18 6.19
N GLY A 1319 -26.63 -0.28 7.42
CA GLY A 1319 -25.30 -0.28 7.99
C GLY A 1319 -25.24 0.54 9.27
N ALA A 1320 -24.05 1.05 9.55
CA ALA A 1320 -23.86 1.87 10.73
C ALA A 1320 -24.51 3.24 10.54
N PRO A 1321 -25.06 3.83 11.59
CA PRO A 1321 -25.59 5.20 11.47
C PRO A 1321 -24.46 6.22 11.36
N ARG A 1322 -24.61 7.15 10.43
CA ARG A 1322 -23.58 8.15 10.16
C ARG A 1322 -24.19 9.55 10.17
N ALA A 1323 -23.35 10.54 10.46
CA ALA A 1323 -23.77 11.93 10.57
C ALA A 1323 -23.81 12.56 9.19
N PHE A 1324 -25.02 12.78 8.68
CA PHE A 1324 -25.21 13.50 7.44
C PHE A 1324 -25.53 14.97 7.75
N LYS A 1325 -25.83 15.74 6.71
CA LYS A 1325 -26.16 17.14 6.90
C LYS A 1325 -27.13 17.59 5.82
N TYR A 1326 -28.04 18.47 6.20
CA TYR A 1326 -28.98 19.12 5.29
C TYR A 1326 -28.33 20.39 4.75
N PHE A 1327 -29.14 21.30 4.21
CA PHE A 1327 -28.71 22.63 3.75
C PHE A 1327 -27.71 23.30 4.68
N ASP A 1328 -28.10 23.52 5.92
CA ASP A 1328 -27.22 24.14 6.91
C ASP A 1328 -27.10 23.32 8.18
N THR A 1329 -28.18 22.69 8.63
CA THR A 1329 -28.15 21.93 9.87
C THR A 1329 -27.43 20.60 9.67
N THR A 1330 -26.80 20.14 10.74
CA THR A 1330 -26.11 18.86 10.78
C THR A 1330 -26.83 17.94 11.74
N ILE A 1331 -27.23 16.76 11.27
CA ILE A 1331 -28.01 15.81 12.04
C ILE A 1331 -27.07 14.77 12.63
N ASP A 1332 -27.01 14.73 13.96
CA ASP A 1332 -26.18 13.74 14.63
C ASP A 1332 -26.82 12.36 14.52
N PRO A 1333 -26.01 11.30 14.43
CA PRO A 1333 -26.58 9.96 14.30
C PRO A 1333 -27.25 9.50 15.59
N LYS A 1334 -28.27 8.67 15.43
CA LYS A 1334 -28.93 8.01 16.55
C LYS A 1334 -28.32 6.63 16.68
N GLN A 1335 -27.53 6.41 17.73
CA GLN A 1335 -26.83 5.16 17.91
C GLN A 1335 -27.72 4.15 18.61
N TYR A 1336 -27.65 2.90 18.15
CA TYR A 1336 -28.43 1.82 18.73
C TYR A 1336 -27.57 1.06 19.74
N ARG A 1337 -27.30 1.74 20.85
CA ARG A 1337 -26.41 1.21 21.89
C ARG A 1337 -27.21 0.39 22.91
N SER A 1338 -27.89 -0.63 22.38
CA SER A 1338 -28.70 -1.52 23.21
C SER A 1338 -28.99 -2.78 22.40
N THR A 1339 -28.60 -3.93 22.93
CA THR A 1339 -28.91 -5.21 22.31
C THR A 1339 -29.89 -6.03 23.16
N LYS A 1340 -30.73 -5.33 23.93
CA LYS A 1340 -31.71 -6.05 24.74
C LYS A 1340 -32.87 -6.56 23.88
N GLU A 1341 -33.22 -5.83 22.82
CA GLU A 1341 -34.40 -6.20 22.03
C GLU A 1341 -34.15 -7.41 21.14
N VAL A 1342 -32.89 -7.69 20.77
CA VAL A 1342 -32.62 -8.84 19.92
C VAL A 1342 -32.59 -10.15 20.68
N LEU A 1343 -32.64 -10.10 22.01
CA LEU A 1343 -32.69 -11.34 22.79
C LEU A 1343 -34.03 -12.05 22.65
N ASP A 1344 -35.07 -11.35 22.20
CA ASP A 1344 -36.38 -11.95 21.99
C ASP A 1344 -36.85 -11.79 20.55
N ALA A 1345 -35.93 -11.55 19.62
CA ALA A 1345 -36.24 -11.37 18.23
C ALA A 1345 -36.07 -12.69 17.47
N THR A 1346 -36.17 -12.63 16.15
CA THR A 1346 -36.04 -13.79 15.29
C THR A 1346 -34.69 -13.74 14.58
N LEU A 1347 -33.80 -14.65 14.95
CA LEU A 1347 -32.48 -14.72 14.32
C LEU A 1347 -32.58 -15.39 12.96
N ILE A 1348 -31.92 -14.79 11.97
CA ILE A 1348 -31.95 -15.29 10.61
C ILE A 1348 -30.56 -15.79 10.25
N HIS A 1349 -30.49 -17.00 9.69
CA HIS A 1349 -29.24 -17.57 9.20
C HIS A 1349 -29.32 -17.60 7.68
N GLN A 1350 -28.87 -16.51 7.05
CA GLN A 1350 -28.94 -16.38 5.60
C GLN A 1350 -27.75 -17.04 4.95
N SER A 1351 -28.00 -17.76 3.87
CA SER A 1351 -26.95 -18.43 3.13
C SER A 1351 -26.15 -17.40 2.32
N ILE A 1352 -25.25 -17.88 1.47
CA ILE A 1352 -24.36 -16.99 0.73
C ILE A 1352 -25.13 -16.14 -0.28
N THR A 1353 -26.25 -16.65 -0.79
CA THR A 1353 -27.15 -15.83 -1.60
C THR A 1353 -28.40 -15.41 -0.84
N GLY A 1354 -28.64 -15.98 0.35
CA GLY A 1354 -29.76 -15.62 1.18
C GLY A 1354 -31.07 -16.30 0.83
N LEU A 1355 -31.09 -17.18 -0.17
CA LEU A 1355 -32.32 -17.87 -0.50
C LEU A 1355 -32.64 -18.95 0.52
N TYR A 1356 -31.64 -19.68 0.98
CA TYR A 1356 -31.82 -20.68 2.02
C TYR A 1356 -31.65 -20.01 3.38
N GLU A 1357 -32.66 -20.15 4.23
CA GLU A 1357 -32.67 -19.50 5.53
C GLU A 1357 -33.03 -20.50 6.61
N THR A 1358 -32.58 -20.20 7.84
CA THR A 1358 -32.90 -21.00 9.02
C THR A 1358 -33.26 -20.02 10.12
N ARG A 1359 -34.55 -19.72 10.24
CA ARG A 1359 -35.02 -18.74 11.20
C ARG A 1359 -35.14 -19.37 12.58
N ILE A 1360 -34.52 -18.73 13.57
CA ILE A 1360 -34.57 -19.18 14.96
C ILE A 1360 -35.23 -18.08 15.78
N ASP A 1361 -36.29 -18.43 16.50
CA ASP A 1361 -36.96 -17.49 17.39
C ASP A 1361 -36.36 -17.65 18.78
N LEU A 1362 -35.64 -16.63 19.24
CA LEU A 1362 -34.92 -16.72 20.50
C LEU A 1362 -35.82 -16.60 21.71
N SER A 1363 -37.05 -16.12 21.55
CA SER A 1363 -37.96 -15.97 22.68
C SER A 1363 -38.42 -17.32 23.23
N GLN A 1364 -38.27 -18.39 22.47
CA GLN A 1364 -38.61 -19.73 22.91
C GLN A 1364 -37.48 -20.40 23.67
N LEU A 1365 -36.36 -19.71 23.87
CA LEU A 1365 -35.19 -20.26 24.53
C LEU A 1365 -35.03 -19.63 25.90
N GLY A 1366 -34.92 -20.45 26.94
CA GLY A 1366 -34.71 -19.96 28.29
C GLY A 1366 -35.90 -19.28 28.91
MG MG E . -21.50 -3.45 -7.38
MG MG F . -9.66 -11.73 8.76
MG MG G . 5.78 11.47 5.21
#